data_4IXA
# 
_entry.id   4IXA 
# 
_audit_conform.dict_name       mmcif_pdbx.dic 
_audit_conform.dict_version    5.388 
_audit_conform.dict_location   http://mmcif.pdb.org/dictionaries/ascii/mmcif_pdbx.dic 
# 
loop_
_database_2.database_id 
_database_2.database_code 
_database_2.pdbx_database_accession 
_database_2.pdbx_DOI 
PDB   4IXA         pdb_00004ixa 10.2210/pdb4ixa/pdb 
RCSB  RCSB077325   ?            ?                   
WWPDB D_1000077325 ?            ?                   
# 
loop_
_pdbx_audit_revision_history.ordinal 
_pdbx_audit_revision_history.data_content_type 
_pdbx_audit_revision_history.major_revision 
_pdbx_audit_revision_history.minor_revision 
_pdbx_audit_revision_history.revision_date 
1 'Structure model' 1 0 2014-01-29 
2 'Structure model' 1 1 2024-03-20 
# 
_pdbx_audit_revision_details.ordinal             1 
_pdbx_audit_revision_details.revision_ordinal    1 
_pdbx_audit_revision_details.data_content_type   'Structure model' 
_pdbx_audit_revision_details.provider            repository 
_pdbx_audit_revision_details.type                'Initial release' 
_pdbx_audit_revision_details.description         ? 
_pdbx_audit_revision_details.details             ? 
# 
loop_
_pdbx_audit_revision_group.ordinal 
_pdbx_audit_revision_group.revision_ordinal 
_pdbx_audit_revision_group.data_content_type 
_pdbx_audit_revision_group.group 
1 2 'Structure model' 'Data collection'     
2 2 'Structure model' 'Database references' 
# 
loop_
_pdbx_audit_revision_category.ordinal 
_pdbx_audit_revision_category.revision_ordinal 
_pdbx_audit_revision_category.data_content_type 
_pdbx_audit_revision_category.category 
1 2 'Structure model' chem_comp_atom     
2 2 'Structure model' chem_comp_bond     
3 2 'Structure model' database_2         
4 2 'Structure model' struct_ref_seq_dif 
# 
loop_
_pdbx_audit_revision_item.ordinal 
_pdbx_audit_revision_item.revision_ordinal 
_pdbx_audit_revision_item.data_content_type 
_pdbx_audit_revision_item.item 
1 2 'Structure model' '_database_2.pdbx_DOI'                
2 2 'Structure model' '_database_2.pdbx_database_accession' 
3 2 'Structure model' '_struct_ref_seq_dif.details'         
# 
_pdbx_database_status.status_code                     REL 
_pdbx_database_status.entry_id                        4IXA 
_pdbx_database_status.recvd_initial_deposition_date   2013-01-24 
_pdbx_database_status.deposit_site                    RCSB 
_pdbx_database_status.process_site                    PDBJ 
_pdbx_database_status.methods_development_category    ? 
_pdbx_database_status.status_code_sf                  REL 
_pdbx_database_status.status_code_mr                  ? 
_pdbx_database_status.SG_entry                        ? 
_pdbx_database_status.status_code_cs                  ? 
_pdbx_database_status.pdb_format_compatible           Y 
_pdbx_database_status.status_code_nmr_data            ? 
# 
loop_
_audit_author.name 
_audit_author.pdbx_ordinal 
'Chen, Y.R.' 1 
'Chen, S.C.' 2 
'Yang, C.S.' 3 
'Kuan, S.M.' 4 
'Liu, Y.H.'  5 
'Chen, Y.'   6 
# 
_citation.id                        primary 
_citation.title                     
'Structure of DNA-binding domain of the response regulator SaeR from Staphylococcus epidermidis' 
_citation.journal_abbrev            'To be Published' 
_citation.journal_volume            ? 
_citation.page_first                ? 
_citation.page_last                 ? 
_citation.year                      ? 
_citation.journal_id_ASTM           ? 
_citation.country                   ? 
_citation.journal_id_ISSN           ? 
_citation.journal_id_CSD            0353 
_citation.book_publisher            ? 
_citation.pdbx_database_id_PubMed   ? 
_citation.pdbx_database_id_DOI      ? 
# 
loop_
_citation_author.citation_id 
_citation_author.name 
_citation_author.ordinal 
_citation_author.identifier_ORCID 
primary 'Chen, Y.R.' 1 ? 
primary 'Chen, S.C.' 2 ? 
primary 'Yang, C.S.' 3 ? 
primary 'Kuan, S.M.' 4 ? 
primary 'Liu, Y.H.'  5 ? 
primary 'Chen, Y.'   6 ? 
# 
loop_
_entity.id 
_entity.type 
_entity.src_method 
_entity.pdbx_description 
_entity.formula_weight 
_entity.pdbx_number_of_molecules 
_entity.pdbx_ec 
_entity.pdbx_mutation 
_entity.pdbx_fragment 
_entity.details 
1 polymer man 'Response regulator SaeR' 13341.197 2  ? I128M 'UNP residues 129-229' ? 
2 water   nat water                     18.015    97 ? ?     ?                      ? 
# 
_entity_poly.entity_id                      1 
_entity_poly.type                           'polypeptide(L)' 
_entity_poly.nstd_linkage                   no 
_entity_poly.nstd_monomer                   no 
_entity_poly.pdbx_seq_one_letter_code       
;MEQLEFDGLVLKNLSKTLTINNIEIPMRIKEFELLWYLASREGEVISKSELLEKVWGYDYYEDANTVNVHIHRIREKLEK
HDFLPYTITTVWGLGYKFERSRLEHHHHHH
;
_entity_poly.pdbx_seq_one_letter_code_can   
;MEQLEFDGLVLKNLSKTLTINNIEIPMRIKEFELLWYLASREGEVISKSELLEKVWGYDYYEDANTVNVHIHRIREKLEK
HDFLPYTITTVWGLGYKFERSRLEHHHHHH
;
_entity_poly.pdbx_strand_id                 A,B 
_entity_poly.pdbx_target_identifier         ? 
# 
_pdbx_entity_nonpoly.entity_id   2 
_pdbx_entity_nonpoly.name        water 
_pdbx_entity_nonpoly.comp_id     HOH 
# 
loop_
_entity_poly_seq.entity_id 
_entity_poly_seq.num 
_entity_poly_seq.mon_id 
_entity_poly_seq.hetero 
1 1   MET n 
1 2   GLU n 
1 3   GLN n 
1 4   LEU n 
1 5   GLU n 
1 6   PHE n 
1 7   ASP n 
1 8   GLY n 
1 9   LEU n 
1 10  VAL n 
1 11  LEU n 
1 12  LYS n 
1 13  ASN n 
1 14  LEU n 
1 15  SER n 
1 16  LYS n 
1 17  THR n 
1 18  LEU n 
1 19  THR n 
1 20  ILE n 
1 21  ASN n 
1 22  ASN n 
1 23  ILE n 
1 24  GLU n 
1 25  ILE n 
1 26  PRO n 
1 27  MET n 
1 28  ARG n 
1 29  ILE n 
1 30  LYS n 
1 31  GLU n 
1 32  PHE n 
1 33  GLU n 
1 34  LEU n 
1 35  LEU n 
1 36  TRP n 
1 37  TYR n 
1 38  LEU n 
1 39  ALA n 
1 40  SER n 
1 41  ARG n 
1 42  GLU n 
1 43  GLY n 
1 44  GLU n 
1 45  VAL n 
1 46  ILE n 
1 47  SER n 
1 48  LYS n 
1 49  SER n 
1 50  GLU n 
1 51  LEU n 
1 52  LEU n 
1 53  GLU n 
1 54  LYS n 
1 55  VAL n 
1 56  TRP n 
1 57  GLY n 
1 58  TYR n 
1 59  ASP n 
1 60  TYR n 
1 61  TYR n 
1 62  GLU n 
1 63  ASP n 
1 64  ALA n 
1 65  ASN n 
1 66  THR n 
1 67  VAL n 
1 68  ASN n 
1 69  VAL n 
1 70  HIS n 
1 71  ILE n 
1 72  HIS n 
1 73  ARG n 
1 74  ILE n 
1 75  ARG n 
1 76  GLU n 
1 77  LYS n 
1 78  LEU n 
1 79  GLU n 
1 80  LYS n 
1 81  HIS n 
1 82  ASP n 
1 83  PHE n 
1 84  LEU n 
1 85  PRO n 
1 86  TYR n 
1 87  THR n 
1 88  ILE n 
1 89  THR n 
1 90  THR n 
1 91  VAL n 
1 92  TRP n 
1 93  GLY n 
1 94  LEU n 
1 95  GLY n 
1 96  TYR n 
1 97  LYS n 
1 98  PHE n 
1 99  GLU n 
1 100 ARG n 
1 101 SER n 
1 102 ARG n 
1 103 LEU n 
1 104 GLU n 
1 105 HIS n 
1 106 HIS n 
1 107 HIS n 
1 108 HIS n 
1 109 HIS n 
1 110 HIS n 
# 
_entity_src_gen.entity_id                          1 
_entity_src_gen.pdbx_src_id                        1 
_entity_src_gen.pdbx_alt_source_flag               sample 
_entity_src_gen.pdbx_seq_type                      ? 
_entity_src_gen.pdbx_beg_seq_num                   ? 
_entity_src_gen.pdbx_end_seq_num                   ? 
_entity_src_gen.gene_src_common_name               ? 
_entity_src_gen.gene_src_genus                     ? 
_entity_src_gen.pdbx_gene_src_gene                 'saeR, SE_0479' 
_entity_src_gen.gene_src_species                   ? 
_entity_src_gen.gene_src_strain                    'ATCC 12228' 
_entity_src_gen.gene_src_tissue                    ? 
_entity_src_gen.gene_src_tissue_fraction           ? 
_entity_src_gen.gene_src_details                   ? 
_entity_src_gen.pdbx_gene_src_fragment             ? 
_entity_src_gen.pdbx_gene_src_scientific_name      'Staphylococcus epidermidis' 
_entity_src_gen.pdbx_gene_src_ncbi_taxonomy_id     176280 
_entity_src_gen.pdbx_gene_src_variant              ? 
_entity_src_gen.pdbx_gene_src_cell_line            ? 
_entity_src_gen.pdbx_gene_src_atcc                 ? 
_entity_src_gen.pdbx_gene_src_organ                ? 
_entity_src_gen.pdbx_gene_src_organelle            ? 
_entity_src_gen.pdbx_gene_src_cell                 ? 
_entity_src_gen.pdbx_gene_src_cellular_location    ? 
_entity_src_gen.host_org_common_name               ? 
_entity_src_gen.pdbx_host_org_scientific_name      'Escherichia coli' 
_entity_src_gen.pdbx_host_org_ncbi_taxonomy_id     562 
_entity_src_gen.host_org_genus                     ? 
_entity_src_gen.pdbx_host_org_gene                 ? 
_entity_src_gen.pdbx_host_org_organ                ? 
_entity_src_gen.host_org_species                   ? 
_entity_src_gen.pdbx_host_org_tissue               ? 
_entity_src_gen.pdbx_host_org_tissue_fraction      ? 
_entity_src_gen.pdbx_host_org_strain               'BL21(DE3)' 
_entity_src_gen.pdbx_host_org_variant              ? 
_entity_src_gen.pdbx_host_org_cell_line            ? 
_entity_src_gen.pdbx_host_org_atcc                 ? 
_entity_src_gen.pdbx_host_org_culture_collection   ? 
_entity_src_gen.pdbx_host_org_cell                 ? 
_entity_src_gen.pdbx_host_org_organelle            ? 
_entity_src_gen.pdbx_host_org_cellular_location    ? 
_entity_src_gen.pdbx_host_org_vector_type          pET21b 
_entity_src_gen.pdbx_host_org_vector               ? 
_entity_src_gen.host_org_details                   ? 
_entity_src_gen.expression_system_id               ? 
_entity_src_gen.plasmid_name                       ? 
_entity_src_gen.plasmid_details                    ? 
_entity_src_gen.pdbx_description                   ? 
# 
loop_
_chem_comp.id 
_chem_comp.type 
_chem_comp.mon_nstd_flag 
_chem_comp.name 
_chem_comp.pdbx_synonyms 
_chem_comp.formula 
_chem_comp.formula_weight 
ALA 'L-peptide linking' y ALANINE         ? 'C3 H7 N O2'     89.093  
ARG 'L-peptide linking' y ARGININE        ? 'C6 H15 N4 O2 1' 175.209 
ASN 'L-peptide linking' y ASPARAGINE      ? 'C4 H8 N2 O3'    132.118 
ASP 'L-peptide linking' y 'ASPARTIC ACID' ? 'C4 H7 N O4'     133.103 
GLN 'L-peptide linking' y GLUTAMINE       ? 'C5 H10 N2 O3'   146.144 
GLU 'L-peptide linking' y 'GLUTAMIC ACID' ? 'C5 H9 N O4'     147.129 
GLY 'peptide linking'   y GLYCINE         ? 'C2 H5 N O2'     75.067  
HIS 'L-peptide linking' y HISTIDINE       ? 'C6 H10 N3 O2 1' 156.162 
HOH non-polymer         . WATER           ? 'H2 O'           18.015  
ILE 'L-peptide linking' y ISOLEUCINE      ? 'C6 H13 N O2'    131.173 
LEU 'L-peptide linking' y LEUCINE         ? 'C6 H13 N O2'    131.173 
LYS 'L-peptide linking' y LYSINE          ? 'C6 H15 N2 O2 1' 147.195 
MET 'L-peptide linking' y METHIONINE      ? 'C5 H11 N O2 S'  149.211 
PHE 'L-peptide linking' y PHENYLALANINE   ? 'C9 H11 N O2'    165.189 
PRO 'L-peptide linking' y PROLINE         ? 'C5 H9 N O2'     115.130 
SER 'L-peptide linking' y SERINE          ? 'C3 H7 N O3'     105.093 
THR 'L-peptide linking' y THREONINE       ? 'C4 H9 N O3'     119.119 
TRP 'L-peptide linking' y TRYPTOPHAN      ? 'C11 H12 N2 O2'  204.225 
TYR 'L-peptide linking' y TYROSINE        ? 'C9 H11 N O3'    181.189 
VAL 'L-peptide linking' y VALINE          ? 'C5 H11 N O2'    117.146 
# 
loop_
_pdbx_poly_seq_scheme.asym_id 
_pdbx_poly_seq_scheme.entity_id 
_pdbx_poly_seq_scheme.seq_id 
_pdbx_poly_seq_scheme.mon_id 
_pdbx_poly_seq_scheme.ndb_seq_num 
_pdbx_poly_seq_scheme.pdb_seq_num 
_pdbx_poly_seq_scheme.auth_seq_num 
_pdbx_poly_seq_scheme.pdb_mon_id 
_pdbx_poly_seq_scheme.auth_mon_id 
_pdbx_poly_seq_scheme.pdb_strand_id 
_pdbx_poly_seq_scheme.pdb_ins_code 
_pdbx_poly_seq_scheme.hetero 
A 1 1   MET 1   128 128 MET MET A . n 
A 1 2   GLU 2   129 129 GLU GLU A . n 
A 1 3   GLN 3   130 130 GLN GLN A . n 
A 1 4   LEU 4   131 131 LEU LEU A . n 
A 1 5   GLU 5   132 132 GLU GLU A . n 
A 1 6   PHE 6   133 133 PHE PHE A . n 
A 1 7   ASP 7   134 134 ASP ASP A . n 
A 1 8   GLY 8   135 135 GLY GLY A . n 
A 1 9   LEU 9   136 136 LEU LEU A . n 
A 1 10  VAL 10  137 137 VAL VAL A . n 
A 1 11  LEU 11  138 138 LEU LEU A . n 
A 1 12  LYS 12  139 139 LYS LYS A . n 
A 1 13  ASN 13  140 140 ASN ASN A . n 
A 1 14  LEU 14  141 141 LEU LEU A . n 
A 1 15  SER 15  142 142 SER SER A . n 
A 1 16  LYS 16  143 143 LYS LYS A . n 
A 1 17  THR 17  144 144 THR THR A . n 
A 1 18  LEU 18  145 145 LEU LEU A . n 
A 1 19  THR 19  146 146 THR THR A . n 
A 1 20  ILE 20  147 147 ILE ILE A . n 
A 1 21  ASN 21  148 148 ASN ASN A . n 
A 1 22  ASN 22  149 149 ASN ASN A . n 
A 1 23  ILE 23  150 150 ILE ILE A . n 
A 1 24  GLU 24  151 151 GLU GLU A . n 
A 1 25  ILE 25  152 152 ILE ILE A . n 
A 1 26  PRO 26  153 153 PRO PRO A . n 
A 1 27  MET 27  154 154 MET MET A . n 
A 1 28  ARG 28  155 155 ARG ARG A . n 
A 1 29  ILE 29  156 156 ILE ILE A . n 
A 1 30  LYS 30  157 157 LYS LYS A . n 
A 1 31  GLU 31  158 158 GLU GLU A . n 
A 1 32  PHE 32  159 159 PHE PHE A . n 
A 1 33  GLU 33  160 160 GLU GLU A . n 
A 1 34  LEU 34  161 161 LEU LEU A . n 
A 1 35  LEU 35  162 162 LEU LEU A . n 
A 1 36  TRP 36  163 163 TRP TRP A . n 
A 1 37  TYR 37  164 164 TYR TYR A . n 
A 1 38  LEU 38  165 165 LEU LEU A . n 
A 1 39  ALA 39  166 166 ALA ALA A . n 
A 1 40  SER 40  167 167 SER SER A . n 
A 1 41  ARG 41  168 168 ARG ARG A . n 
A 1 42  GLU 42  169 169 GLU GLU A . n 
A 1 43  GLY 43  170 170 GLY GLY A . n 
A 1 44  GLU 44  171 171 GLU GLU A . n 
A 1 45  VAL 45  172 172 VAL VAL A . n 
A 1 46  ILE 46  173 173 ILE ILE A . n 
A 1 47  SER 47  174 174 SER SER A . n 
A 1 48  LYS 48  175 175 LYS LYS A . n 
A 1 49  SER 49  176 176 SER SER A . n 
A 1 50  GLU 50  177 177 GLU GLU A . n 
A 1 51  LEU 51  178 178 LEU LEU A . n 
A 1 52  LEU 52  179 179 LEU LEU A . n 
A 1 53  GLU 53  180 180 GLU GLU A . n 
A 1 54  LYS 54  181 181 LYS LYS A . n 
A 1 55  VAL 55  182 182 VAL VAL A . n 
A 1 56  TRP 56  183 183 TRP TRP A . n 
A 1 57  GLY 57  184 184 GLY GLY A . n 
A 1 58  TYR 58  185 185 TYR TYR A . n 
A 1 59  ASP 59  186 186 ASP ASP A . n 
A 1 60  TYR 60  187 187 TYR TYR A . n 
A 1 61  TYR 61  188 188 TYR TYR A . n 
A 1 62  GLU 62  189 189 GLU GLU A . n 
A 1 63  ASP 63  190 190 ASP ASP A . n 
A 1 64  ALA 64  191 191 ALA ALA A . n 
A 1 65  ASN 65  192 192 ASN ASN A . n 
A 1 66  THR 66  193 193 THR THR A . n 
A 1 67  VAL 67  194 194 VAL VAL A . n 
A 1 68  ASN 68  195 195 ASN ASN A . n 
A 1 69  VAL 69  196 196 VAL VAL A . n 
A 1 70  HIS 70  197 197 HIS HIS A . n 
A 1 71  ILE 71  198 198 ILE ILE A . n 
A 1 72  HIS 72  199 199 HIS HIS A . n 
A 1 73  ARG 73  200 200 ARG ARG A . n 
A 1 74  ILE 74  201 201 ILE ILE A . n 
A 1 75  ARG 75  202 202 ARG ARG A . n 
A 1 76  GLU 76  203 203 GLU GLU A . n 
A 1 77  LYS 77  204 204 LYS LYS A . n 
A 1 78  LEU 78  205 205 LEU LEU A . n 
A 1 79  GLU 79  206 206 GLU GLU A . n 
A 1 80  LYS 80  207 207 LYS LYS A . n 
A 1 81  HIS 81  208 208 HIS HIS A . n 
A 1 82  ASP 82  209 209 ASP ASP A . n 
A 1 83  PHE 83  210 210 PHE PHE A . n 
A 1 84  LEU 84  211 211 LEU LEU A . n 
A 1 85  PRO 85  212 212 PRO PRO A . n 
A 1 86  TYR 86  213 213 TYR TYR A . n 
A 1 87  THR 87  214 214 THR THR A . n 
A 1 88  ILE 88  215 215 ILE ILE A . n 
A 1 89  THR 89  216 216 THR THR A . n 
A 1 90  THR 90  217 217 THR THR A . n 
A 1 91  VAL 91  218 218 VAL VAL A . n 
A 1 92  TRP 92  219 219 TRP TRP A . n 
A 1 93  GLY 93  220 220 GLY GLY A . n 
A 1 94  LEU 94  221 221 LEU LEU A . n 
A 1 95  GLY 95  222 222 GLY GLY A . n 
A 1 96  TYR 96  223 223 TYR TYR A . n 
A 1 97  LYS 97  224 224 LYS LYS A . n 
A 1 98  PHE 98  225 225 PHE PHE A . n 
A 1 99  GLU 99  226 226 GLU GLU A . n 
A 1 100 ARG 100 227 227 ARG ARG A . n 
A 1 101 SER 101 228 228 SER SER A . n 
A 1 102 ARG 102 229 229 ARG ARG A . n 
A 1 103 LEU 103 230 ?   ?   ?   A . n 
A 1 104 GLU 104 231 ?   ?   ?   A . n 
A 1 105 HIS 105 232 ?   ?   ?   A . n 
A 1 106 HIS 106 233 ?   ?   ?   A . n 
A 1 107 HIS 107 234 ?   ?   ?   A . n 
A 1 108 HIS 108 235 ?   ?   ?   A . n 
A 1 109 HIS 109 236 ?   ?   ?   A . n 
A 1 110 HIS 110 237 ?   ?   ?   A . n 
B 1 1   MET 1   128 ?   ?   ?   B . n 
B 1 2   GLU 2   129 129 GLU GLU B . n 
B 1 3   GLN 3   130 130 GLN GLN B . n 
B 1 4   LEU 4   131 131 LEU LEU B . n 
B 1 5   GLU 5   132 132 GLU GLU B . n 
B 1 6   PHE 6   133 133 PHE PHE B . n 
B 1 7   ASP 7   134 134 ASP ASP B . n 
B 1 8   GLY 8   135 135 GLY GLY B . n 
B 1 9   LEU 9   136 136 LEU LEU B . n 
B 1 10  VAL 10  137 137 VAL VAL B . n 
B 1 11  LEU 11  138 138 LEU LEU B . n 
B 1 12  LYS 12  139 139 LYS LYS B . n 
B 1 13  ASN 13  140 140 ASN ASN B . n 
B 1 14  LEU 14  141 141 LEU LEU B . n 
B 1 15  SER 15  142 142 SER SER B . n 
B 1 16  LYS 16  143 143 LYS LYS B . n 
B 1 17  THR 17  144 144 THR THR B . n 
B 1 18  LEU 18  145 145 LEU LEU B . n 
B 1 19  THR 19  146 146 THR THR B . n 
B 1 20  ILE 20  147 147 ILE ILE B . n 
B 1 21  ASN 21  148 148 ASN ASN B . n 
B 1 22  ASN 22  149 149 ASN ASN B . n 
B 1 23  ILE 23  150 150 ILE ILE B . n 
B 1 24  GLU 24  151 151 GLU GLU B . n 
B 1 25  ILE 25  152 152 ILE ILE B . n 
B 1 26  PRO 26  153 153 PRO PRO B . n 
B 1 27  MET 27  154 154 MET MET B . n 
B 1 28  ARG 28  155 155 ARG ARG B . n 
B 1 29  ILE 29  156 156 ILE ILE B . n 
B 1 30  LYS 30  157 157 LYS LYS B . n 
B 1 31  GLU 31  158 158 GLU GLU B . n 
B 1 32  PHE 32  159 159 PHE PHE B . n 
B 1 33  GLU 33  160 160 GLU GLU B . n 
B 1 34  LEU 34  161 161 LEU LEU B . n 
B 1 35  LEU 35  162 162 LEU LEU B . n 
B 1 36  TRP 36  163 163 TRP TRP B . n 
B 1 37  TYR 37  164 164 TYR TYR B . n 
B 1 38  LEU 38  165 165 LEU LEU B . n 
B 1 39  ALA 39  166 166 ALA ALA B . n 
B 1 40  SER 40  167 167 SER SER B . n 
B 1 41  ARG 41  168 168 ARG ARG B . n 
B 1 42  GLU 42  169 169 GLU GLU B . n 
B 1 43  GLY 43  170 170 GLY GLY B . n 
B 1 44  GLU 44  171 171 GLU GLU B . n 
B 1 45  VAL 45  172 172 VAL VAL B . n 
B 1 46  ILE 46  173 173 ILE ILE B . n 
B 1 47  SER 47  174 174 SER SER B . n 
B 1 48  LYS 48  175 175 LYS LYS B . n 
B 1 49  SER 49  176 176 SER SER B . n 
B 1 50  GLU 50  177 177 GLU GLU B . n 
B 1 51  LEU 51  178 178 LEU LEU B . n 
B 1 52  LEU 52  179 179 LEU LEU B . n 
B 1 53  GLU 53  180 180 GLU GLU B . n 
B 1 54  LYS 54  181 181 LYS LYS B . n 
B 1 55  VAL 55  182 182 VAL VAL B . n 
B 1 56  TRP 56  183 183 TRP TRP B . n 
B 1 57  GLY 57  184 184 GLY GLY B . n 
B 1 58  TYR 58  185 ?   ?   ?   B . n 
B 1 59  ASP 59  186 ?   ?   ?   B . n 
B 1 60  TYR 60  187 ?   ?   ?   B . n 
B 1 61  TYR 61  188 ?   ?   ?   B . n 
B 1 62  GLU 62  189 ?   ?   ?   B . n 
B 1 63  ASP 63  190 ?   ?   ?   B . n 
B 1 64  ALA 64  191 191 ALA ALA B . n 
B 1 65  ASN 65  192 192 ASN ASN B . n 
B 1 66  THR 66  193 193 THR THR B . n 
B 1 67  VAL 67  194 194 VAL VAL B . n 
B 1 68  ASN 68  195 195 ASN ASN B . n 
B 1 69  VAL 69  196 196 VAL VAL B . n 
B 1 70  HIS 70  197 197 HIS HIS B . n 
B 1 71  ILE 71  198 198 ILE ILE B . n 
B 1 72  HIS 72  199 199 HIS HIS B . n 
B 1 73  ARG 73  200 200 ARG ARG B . n 
B 1 74  ILE 74  201 201 ILE ILE B . n 
B 1 75  ARG 75  202 202 ARG ARG B . n 
B 1 76  GLU 76  203 203 GLU GLU B . n 
B 1 77  LYS 77  204 204 LYS LYS B . n 
B 1 78  LEU 78  205 205 LEU LEU B . n 
B 1 79  GLU 79  206 206 GLU GLU B . n 
B 1 80  LYS 80  207 207 LYS LYS B . n 
B 1 81  HIS 81  208 208 HIS HIS B . n 
B 1 82  ASP 82  209 209 ASP ASP B . n 
B 1 83  PHE 83  210 210 PHE PHE B . n 
B 1 84  LEU 84  211 211 LEU LEU B . n 
B 1 85  PRO 85  212 212 PRO PRO B . n 
B 1 86  TYR 86  213 213 TYR TYR B . n 
B 1 87  THR 87  214 214 THR THR B . n 
B 1 88  ILE 88  215 215 ILE ILE B . n 
B 1 89  THR 89  216 216 THR THR B . n 
B 1 90  THR 90  217 217 THR THR B . n 
B 1 91  VAL 91  218 218 VAL VAL B . n 
B 1 92  TRP 92  219 219 TRP TRP B . n 
B 1 93  GLY 93  220 220 GLY GLY B . n 
B 1 94  LEU 94  221 221 LEU LEU B . n 
B 1 95  GLY 95  222 222 GLY GLY B . n 
B 1 96  TYR 96  223 223 TYR TYR B . n 
B 1 97  LYS 97  224 224 LYS LYS B . n 
B 1 98  PHE 98  225 225 PHE PHE B . n 
B 1 99  GLU 99  226 226 GLU GLU B . n 
B 1 100 ARG 100 227 227 ARG ARG B . n 
B 1 101 SER 101 228 228 SER SER B . n 
B 1 102 ARG 102 229 ?   ?   ?   B . n 
B 1 103 LEU 103 230 ?   ?   ?   B . n 
B 1 104 GLU 104 231 ?   ?   ?   B . n 
B 1 105 HIS 105 232 ?   ?   ?   B . n 
B 1 106 HIS 106 233 ?   ?   ?   B . n 
B 1 107 HIS 107 234 ?   ?   ?   B . n 
B 1 108 HIS 108 235 ?   ?   ?   B . n 
B 1 109 HIS 109 236 ?   ?   ?   B . n 
B 1 110 HIS 110 237 ?   ?   ?   B . n 
# 
loop_
_pdbx_nonpoly_scheme.asym_id 
_pdbx_nonpoly_scheme.entity_id 
_pdbx_nonpoly_scheme.mon_id 
_pdbx_nonpoly_scheme.ndb_seq_num 
_pdbx_nonpoly_scheme.pdb_seq_num 
_pdbx_nonpoly_scheme.auth_seq_num 
_pdbx_nonpoly_scheme.pdb_mon_id 
_pdbx_nonpoly_scheme.auth_mon_id 
_pdbx_nonpoly_scheme.pdb_strand_id 
_pdbx_nonpoly_scheme.pdb_ins_code 
C 2 HOH 1  301 1  HOH HOH A . 
C 2 HOH 2  302 2  HOH HOH A . 
C 2 HOH 3  303 3  HOH HOH A . 
C 2 HOH 4  304 4  HOH HOH A . 
C 2 HOH 5  305 5  HOH HOH A . 
C 2 HOH 6  306 9  HOH HOH A . 
C 2 HOH 7  307 11 HOH HOH A . 
C 2 HOH 8  308 13 HOH HOH A . 
C 2 HOH 9  309 14 HOH HOH A . 
C 2 HOH 10 310 15 HOH HOH A . 
C 2 HOH 11 311 16 HOH HOH A . 
C 2 HOH 12 312 18 HOH HOH A . 
C 2 HOH 13 313 19 HOH HOH A . 
C 2 HOH 14 314 20 HOH HOH A . 
C 2 HOH 15 315 21 HOH HOH A . 
C 2 HOH 16 316 22 HOH HOH A . 
C 2 HOH 17 317 23 HOH HOH A . 
C 2 HOH 18 318 24 HOH HOH A . 
C 2 HOH 19 319 26 HOH HOH A . 
C 2 HOH 20 320 28 HOH HOH A . 
C 2 HOH 21 321 29 HOH HOH A . 
C 2 HOH 22 322 31 HOH HOH A . 
C 2 HOH 23 323 32 HOH HOH A . 
C 2 HOH 24 324 33 HOH HOH A . 
C 2 HOH 25 325 34 HOH HOH A . 
C 2 HOH 26 326 35 HOH HOH A . 
C 2 HOH 27 327 36 HOH HOH A . 
C 2 HOH 28 328 38 HOH HOH A . 
C 2 HOH 29 329 39 HOH HOH A . 
C 2 HOH 30 330 40 HOH HOH A . 
C 2 HOH 31 331 41 HOH HOH A . 
C 2 HOH 32 332 43 HOH HOH A . 
C 2 HOH 33 333 45 HOH HOH A . 
C 2 HOH 34 334 46 HOH HOH A . 
C 2 HOH 35 335 47 HOH HOH A . 
C 2 HOH 36 336 48 HOH HOH A . 
C 2 HOH 37 337 51 HOH HOH A . 
C 2 HOH 38 338 52 HOH HOH A . 
C 2 HOH 39 339 53 HOH HOH A . 
C 2 HOH 40 340 54 HOH HOH A . 
C 2 HOH 41 341 55 HOH HOH A . 
C 2 HOH 42 342 56 HOH HOH A . 
C 2 HOH 43 343 57 HOH HOH A . 
C 2 HOH 44 344 58 HOH HOH A . 
C 2 HOH 45 345 59 HOH HOH A . 
C 2 HOH 46 346 60 HOH HOH A . 
C 2 HOH 47 347 61 HOH HOH A . 
C 2 HOH 48 348 63 HOH HOH A . 
C 2 HOH 49 349 64 HOH HOH A . 
C 2 HOH 50 350 65 HOH HOH A . 
C 2 HOH 51 351 66 HOH HOH A . 
C 2 HOH 52 352 67 HOH HOH A . 
C 2 HOH 53 353 68 HOH HOH A . 
C 2 HOH 54 354 70 HOH HOH A . 
C 2 HOH 55 355 71 HOH HOH A . 
C 2 HOH 56 356 72 HOH HOH A . 
C 2 HOH 57 357 73 HOH HOH A . 
C 2 HOH 58 358 76 HOH HOH A . 
C 2 HOH 59 359 77 HOH HOH A . 
C 2 HOH 60 360 78 HOH HOH A . 
C 2 HOH 61 361 79 HOH HOH A . 
C 2 HOH 62 362 80 HOH HOH A . 
C 2 HOH 63 363 81 HOH HOH A . 
C 2 HOH 64 364 83 HOH HOH A . 
C 2 HOH 65 365 84 HOH HOH A . 
C 2 HOH 66 366 85 HOH HOH A . 
C 2 HOH 67 367 87 HOH HOH A . 
C 2 HOH 68 368 88 HOH HOH A . 
C 2 HOH 69 369 89 HOH HOH A . 
C 2 HOH 70 370 92 HOH HOH A . 
C 2 HOH 71 371 93 HOH HOH A . 
C 2 HOH 72 372 94 HOH HOH A . 
C 2 HOH 73 373 97 HOH HOH A . 
D 2 HOH 1  301 6  HOH HOH B . 
D 2 HOH 2  302 7  HOH HOH B . 
D 2 HOH 3  303 8  HOH HOH B . 
D 2 HOH 4  304 10 HOH HOH B . 
D 2 HOH 5  305 12 HOH HOH B . 
D 2 HOH 6  306 17 HOH HOH B . 
D 2 HOH 7  307 25 HOH HOH B . 
D 2 HOH 8  308 27 HOH HOH B . 
D 2 HOH 9  309 30 HOH HOH B . 
D 2 HOH 10 310 37 HOH HOH B . 
D 2 HOH 11 311 42 HOH HOH B . 
D 2 HOH 12 312 44 HOH HOH B . 
D 2 HOH 13 313 49 HOH HOH B . 
D 2 HOH 14 314 50 HOH HOH B . 
D 2 HOH 15 315 62 HOH HOH B . 
D 2 HOH 16 316 69 HOH HOH B . 
D 2 HOH 17 317 74 HOH HOH B . 
D 2 HOH 18 318 75 HOH HOH B . 
D 2 HOH 19 319 82 HOH HOH B . 
D 2 HOH 20 320 86 HOH HOH B . 
D 2 HOH 21 321 90 HOH HOH B . 
D 2 HOH 22 322 91 HOH HOH B . 
D 2 HOH 23 323 95 HOH HOH B . 
D 2 HOH 24 324 96 HOH HOH B . 
# 
loop_
_software.name 
_software.classification 
_software.version 
_software.citation_id 
_software.pdbx_ordinal 
HKL-2000 'data collection' .                           ? 1 
PHASER   phasing           .                           ? 2 
PHENIX   refinement        '(phenix.refine: 1.8_1069)' ? 3 
HKL-2000 'data reduction'  .                           ? 4 
HKL-2000 'data scaling'    .                           ? 5 
# 
_cell.entry_id           4IXA 
_cell.length_a           34.201 
_cell.length_b           53.784 
_cell.length_c           111.658 
_cell.angle_alpha        90.00 
_cell.angle_beta         90.00 
_cell.angle_gamma        90.00 
_cell.Z_PDB              8 
_cell.pdbx_unique_axis   ? 
_cell.length_a_esd       ? 
_cell.length_b_esd       ? 
_cell.length_c_esd       ? 
_cell.angle_alpha_esd    ? 
_cell.angle_beta_esd     ? 
_cell.angle_gamma_esd    ? 
# 
_symmetry.entry_id                         4IXA 
_symmetry.space_group_name_H-M             'P 21 21 21' 
_symmetry.pdbx_full_space_group_name_H-M   ? 
_symmetry.cell_setting                     ? 
_symmetry.Int_Tables_number                19 
_symmetry.space_group_name_Hall            ? 
# 
_exptl.entry_id          4IXA 
_exptl.method            'X-RAY DIFFRACTION' 
_exptl.crystals_number   1 
# 
_exptl_crystal.id                    1 
_exptl_crystal.density_meas          ? 
_exptl_crystal.density_Matthews      1.92 
_exptl_crystal.density_percent_sol   36.08 
_exptl_crystal.description           ? 
_exptl_crystal.F_000                 ? 
_exptl_crystal.preparation           ? 
# 
_exptl_crystal_grow.crystal_id      1 
_exptl_crystal_grow.method          'VAPOR DIFFUSION, SITTING DROP' 
_exptl_crystal_grow.temp            277 
_exptl_crystal_grow.temp_details    ? 
_exptl_crystal_grow.pH              5.3 
_exptl_crystal_grow.pdbx_details    
'0.1M Bis-Tris, 23%(w/v) PEG3350, 0.2M MgCl2, pH 5.3, VAPOR DIFFUSION, SITTING DROP, temperature 277K' 
_exptl_crystal_grow.pdbx_pH_range   . 
# 
_diffrn.id                     1 
_diffrn.ambient_temp           173 
_diffrn.ambient_temp_details   ? 
_diffrn.crystal_id             1 
# 
_diffrn_detector.diffrn_id              1 
_diffrn_detector.detector               CCD 
_diffrn_detector.type                   'ADSC QUANTUM 315r' 
_diffrn_detector.pdbx_collection_date   2012-10-05 
_diffrn_detector.details                ? 
# 
_diffrn_radiation.diffrn_id                        1 
_diffrn_radiation.wavelength_id                    1 
_diffrn_radiation.pdbx_monochromatic_or_laue_m_l   M 
_diffrn_radiation.monochromator                    'Si 111 CHANNEL' 
_diffrn_radiation.pdbx_diffrn_protocol             'SINGLE WAVELENGTH' 
_diffrn_radiation.pdbx_scattering_type             x-ray 
# 
_diffrn_radiation_wavelength.id           1 
_diffrn_radiation_wavelength.wavelength   1.0 
_diffrn_radiation_wavelength.wt           1.0 
# 
_diffrn_source.diffrn_id                   1 
_diffrn_source.source                      SYNCHROTRON 
_diffrn_source.type                        'NSRRC BEAMLINE BL13B1' 
_diffrn_source.pdbx_synchrotron_site       NSRRC 
_diffrn_source.pdbx_synchrotron_beamline   BL13B1 
_diffrn_source.pdbx_wavelength             ? 
_diffrn_source.pdbx_wavelength_list        1.0 
# 
_reflns.entry_id                     4IXA 
_reflns.observed_criterion_sigma_I   0 
_reflns.observed_criterion_sigma_F   0 
_reflns.d_resolution_low             30 
_reflns.d_resolution_high            2.15 
_reflns.number_obs                   11686 
_reflns.number_all                   11792 
_reflns.percent_possible_obs         99.1 
_reflns.pdbx_Rmerge_I_obs            0.031 
_reflns.pdbx_Rsym_value              ? 
_reflns.pdbx_netI_over_sigmaI        ? 
_reflns.B_iso_Wilson_estimate        ? 
_reflns.pdbx_redundancy              6.8 
_reflns.R_free_details               ? 
_reflns.limit_h_max                  ? 
_reflns.limit_h_min                  ? 
_reflns.limit_k_max                  ? 
_reflns.limit_k_min                  ? 
_reflns.limit_l_max                  ? 
_reflns.limit_l_min                  ? 
_reflns.observed_criterion_F_max     ? 
_reflns.observed_criterion_F_min     ? 
_reflns.pdbx_chi_squared             ? 
_reflns.pdbx_scaling_rejects         ? 
_reflns.pdbx_ordinal                 1 
_reflns.pdbx_diffrn_id               1 
# 
_reflns_shell.d_res_high                  2.15 
_reflns_shell.d_res_low                   2.23 
_reflns_shell.percent_possible_all        99.8 
_reflns_shell.Rmerge_I_obs                0.152 
_reflns_shell.pdbx_Rsym_value             ? 
_reflns_shell.meanI_over_sigI_obs         ? 
_reflns_shell.pdbx_redundancy             6.7 
_reflns_shell.percent_possible_obs        ? 
_reflns_shell.number_unique_all           ? 
_reflns_shell.number_measured_all         ? 
_reflns_shell.number_measured_obs         ? 
_reflns_shell.number_unique_obs           ? 
_reflns_shell.pdbx_chi_squared            ? 
_reflns_shell.pdbx_rejects                ? 
_reflns_shell.pdbx_netI_over_sigmaI_obs   ? 
_reflns_shell.number_possible             ? 
_reflns_shell.Rmerge_F_all                ? 
_reflns_shell.Rmerge_F_obs                ? 
_reflns_shell.Rmerge_I_all                ? 
_reflns_shell.meanI_over_sigI_all         ? 
_reflns_shell.pdbx_Rrim_I_all             ? 
_reflns_shell.pdbx_Rpim_I_all             ? 
_reflns_shell.pdbx_ordinal                1 
_reflns_shell.pdbx_diffrn_id              1 
# 
_refine.entry_id                                 4IXA 
_refine.ls_number_reflns_obs                     11653 
_refine.ls_number_reflns_all                     ? 
_refine.pdbx_ls_sigma_I                          ? 
_refine.pdbx_ls_sigma_F                          1.34 
_refine.pdbx_data_cutoff_high_absF               ? 
_refine.pdbx_data_cutoff_low_absF                ? 
_refine.pdbx_data_cutoff_high_rms_absF           ? 
_refine.ls_d_res_low                             29.164 
_refine.ls_d_res_high                            2.15 
_refine.ls_percent_reflns_obs                    99.17 
_refine.ls_R_factor_obs                          0.2061 
_refine.ls_R_factor_all                          ? 
_refine.ls_R_factor_R_work                       0.2035 
_refine.ls_R_factor_R_free                       0.2619 
_refine.ls_R_factor_R_free_error                 ? 
_refine.ls_R_factor_R_free_error_details         ? 
_refine.ls_percent_reflns_R_free                 4.77 
_refine.ls_number_reflns_R_free                  556 
_refine.ls_number_parameters                     ? 
_refine.ls_number_restraints                     ? 
_refine.occupancy_min                            ? 
_refine.occupancy_max                            ? 
_refine.correlation_coeff_Fo_to_Fc               ? 
_refine.correlation_coeff_Fo_to_Fc_free          ? 
_refine.B_iso_mean                               ? 
_refine.aniso_B[1][1]                            ? 
_refine.aniso_B[2][2]                            ? 
_refine.aniso_B[3][3]                            ? 
_refine.aniso_B[1][2]                            ? 
_refine.aniso_B[1][3]                            ? 
_refine.aniso_B[2][3]                            ? 
_refine.solvent_model_details                    'FLAT BULK SOLVENT MODEL' 
_refine.solvent_model_param_ksol                 ? 
_refine.solvent_model_param_bsol                 ? 
_refine.pdbx_solvent_vdw_probe_radii             1.11 
_refine.pdbx_solvent_ion_probe_radii             ? 
_refine.pdbx_solvent_shrinkage_radii             0.90 
_refine.pdbx_ls_cross_valid_method               ? 
_refine.details                                  ? 
_refine.pdbx_starting_model                      ? 
_refine.pdbx_method_to_determine_struct          'MOLECULAR REPLACEMENT' 
_refine.pdbx_isotropic_thermal_model             ? 
_refine.pdbx_stereochemistry_target_values       ML 
_refine.pdbx_stereochem_target_val_spec_case     ? 
_refine.pdbx_R_Free_selection_details            RANDOM 
_refine.pdbx_overall_ESU_R                       ? 
_refine.pdbx_overall_ESU_R_Free                  ? 
_refine.overall_SU_ML                            0.18 
_refine.pdbx_overall_phase_error                 24.51 
_refine.overall_SU_B                             ? 
_refine.overall_SU_R_Cruickshank_DPI             ? 
_refine.ls_redundancy_reflns_obs                 ? 
_refine.B_iso_min                                ? 
_refine.B_iso_max                                ? 
_refine.overall_SU_R_free                        ? 
_refine.ls_wR_factor_R_free                      ? 
_refine.ls_wR_factor_R_work                      ? 
_refine.overall_FOM_free_R_set                   ? 
_refine.overall_FOM_work_R_set                   ? 
_refine.pdbx_diffrn_id                           1 
_refine.pdbx_refine_id                           'X-RAY DIFFRACTION' 
_refine.pdbx_TLS_residual_ADP_flag               ? 
_refine.pdbx_overall_SU_R_free_Cruickshank_DPI   ? 
_refine.pdbx_overall_SU_R_Blow_DPI               ? 
_refine.pdbx_overall_SU_R_free_Blow_DPI          ? 
# 
_refine_hist.pdbx_refine_id                   'X-RAY DIFFRACTION' 
_refine_hist.cycle_id                         LAST 
_refine_hist.pdbx_number_atoms_protein        1652 
_refine_hist.pdbx_number_atoms_nucleic_acid   0 
_refine_hist.pdbx_number_atoms_ligand         0 
_refine_hist.number_atoms_solvent             97 
_refine_hist.number_atoms_total               1749 
_refine_hist.d_res_high                       2.15 
_refine_hist.d_res_low                        29.164 
# 
loop_
_refine_ls_restr.type 
_refine_ls_restr.dev_ideal 
_refine_ls_restr.dev_ideal_target 
_refine_ls_restr.weight 
_refine_ls_restr.number 
_refine_ls_restr.pdbx_restraint_function 
_refine_ls_restr.pdbx_refine_id 
f_bond_d           0.008  ? ? 1688 ? 'X-RAY DIFFRACTION' 
f_angle_d          1.202  ? ? 2277 ? 'X-RAY DIFFRACTION' 
f_dihedral_angle_d 13.779 ? ? 631  ? 'X-RAY DIFFRACTION' 
f_chiral_restr     0.082  ? ? 252  ? 'X-RAY DIFFRACTION' 
f_plane_restr      0.005  ? ? 280  ? 'X-RAY DIFFRACTION' 
# 
loop_
_refine_ls_shell.pdbx_refine_id 
_refine_ls_shell.pdbx_total_number_of_bins_used 
_refine_ls_shell.d_res_high 
_refine_ls_shell.d_res_low 
_refine_ls_shell.number_reflns_R_work 
_refine_ls_shell.R_factor_R_work 
_refine_ls_shell.percent_reflns_obs 
_refine_ls_shell.R_factor_R_free 
_refine_ls_shell.R_factor_R_free_error 
_refine_ls_shell.percent_reflns_R_free 
_refine_ls_shell.number_reflns_R_free 
_refine_ls_shell.number_reflns_all 
_refine_ls_shell.R_factor_all 
_refine_ls_shell.number_reflns_obs 
_refine_ls_shell.redundancy_reflns_obs 
'X-RAY DIFFRACTION' 4 2.15   2.3678  2679 0.1890 99.00  0.2589 . . 144 . . . . 
'X-RAY DIFFRACTION' 4 2.3678 2.7102  2714 0.2059 99.00  0.2602 . . 142 . . . . 
'X-RAY DIFFRACTION' 4 2.7102 3.4137  2788 0.2155 100.00 0.2944 . . 142 . . . . 
'X-RAY DIFFRACTION' 4 3.4137 29.1664 2916 0.2001 99.00  0.2453 . . 128 . . . . 
# 
_struct.entry_id                  4IXA 
_struct.title                     'Structure of DNA-binding domain of the response regulator SaeR from Staphylococcus epidermidis' 
_struct.pdbx_model_details        ? 
_struct.pdbx_CASP_flag            ? 
_struct.pdbx_model_type_details   ? 
# 
_struct_keywords.entry_id        4IXA 
_struct_keywords.pdbx_keywords   TRANSCRIPTION 
_struct_keywords.text            'transcriptional factor, TRANSCRIPTION' 
# 
loop_
_struct_asym.id 
_struct_asym.pdbx_blank_PDB_chainid_flag 
_struct_asym.pdbx_modified 
_struct_asym.entity_id 
_struct_asym.details 
A N N 1 ? 
B N N 1 ? 
C N N 2 ? 
D N N 2 ? 
# 
_struct_ref.id                         1 
_struct_ref.db_name                    UNP 
_struct_ref.db_code                    SAER_STAES 
_struct_ref.pdbx_db_accession          Q8CQ17 
_struct_ref.entity_id                  1 
_struct_ref.pdbx_seq_one_letter_code   
;IEQLEFDGLVLKNLSKTLTINNIEIPMRIKEFELLWYLASREGEVISKSELLEKVWGYDYYEDANTVNVHIHRIREKLEK
HDFLPYTITTVWGLGYKFERSR
;
_struct_ref.pdbx_align_begin           128 
_struct_ref.pdbx_db_isoform            ? 
# 
loop_
_struct_ref_seq.align_id 
_struct_ref_seq.ref_id 
_struct_ref_seq.pdbx_PDB_id_code 
_struct_ref_seq.pdbx_strand_id 
_struct_ref_seq.seq_align_beg 
_struct_ref_seq.pdbx_seq_align_beg_ins_code 
_struct_ref_seq.seq_align_end 
_struct_ref_seq.pdbx_seq_align_end_ins_code 
_struct_ref_seq.pdbx_db_accession 
_struct_ref_seq.db_align_beg 
_struct_ref_seq.pdbx_db_align_beg_ins_code 
_struct_ref_seq.db_align_end 
_struct_ref_seq.pdbx_db_align_end_ins_code 
_struct_ref_seq.pdbx_auth_seq_align_beg 
_struct_ref_seq.pdbx_auth_seq_align_end 
1 1 4IXA A 1 ? 102 ? Q8CQ17 128 ? 229 ? 128 229 
2 1 4IXA B 1 ? 102 ? Q8CQ17 128 ? 229 ? 128 229 
# 
loop_
_struct_ref_seq_dif.align_id 
_struct_ref_seq_dif.pdbx_pdb_id_code 
_struct_ref_seq_dif.mon_id 
_struct_ref_seq_dif.pdbx_pdb_strand_id 
_struct_ref_seq_dif.seq_num 
_struct_ref_seq_dif.pdbx_pdb_ins_code 
_struct_ref_seq_dif.pdbx_seq_db_name 
_struct_ref_seq_dif.pdbx_seq_db_accession_code 
_struct_ref_seq_dif.db_mon_id 
_struct_ref_seq_dif.pdbx_seq_db_seq_num 
_struct_ref_seq_dif.details 
_struct_ref_seq_dif.pdbx_auth_seq_num 
_struct_ref_seq_dif.pdbx_ordinal 
1 4IXA MET A 1   ? UNP Q8CQ17 ILE 128 'engineered mutation' 128 1  
1 4IXA LEU A 103 ? UNP Q8CQ17 ?   ?   'expression tag'      230 2  
1 4IXA GLU A 104 ? UNP Q8CQ17 ?   ?   'expression tag'      231 3  
1 4IXA HIS A 105 ? UNP Q8CQ17 ?   ?   'expression tag'      232 4  
1 4IXA HIS A 106 ? UNP Q8CQ17 ?   ?   'expression tag'      233 5  
1 4IXA HIS A 107 ? UNP Q8CQ17 ?   ?   'expression tag'      234 6  
1 4IXA HIS A 108 ? UNP Q8CQ17 ?   ?   'expression tag'      235 7  
1 4IXA HIS A 109 ? UNP Q8CQ17 ?   ?   'expression tag'      236 8  
1 4IXA HIS A 110 ? UNP Q8CQ17 ?   ?   'expression tag'      237 9  
2 4IXA MET B 1   ? UNP Q8CQ17 ILE 128 'engineered mutation' 128 10 
2 4IXA LEU B 103 ? UNP Q8CQ17 ?   ?   'expression tag'      230 11 
2 4IXA GLU B 104 ? UNP Q8CQ17 ?   ?   'expression tag'      231 12 
2 4IXA HIS B 105 ? UNP Q8CQ17 ?   ?   'expression tag'      232 13 
2 4IXA HIS B 106 ? UNP Q8CQ17 ?   ?   'expression tag'      233 14 
2 4IXA HIS B 107 ? UNP Q8CQ17 ?   ?   'expression tag'      234 15 
2 4IXA HIS B 108 ? UNP Q8CQ17 ?   ?   'expression tag'      235 16 
2 4IXA HIS B 109 ? UNP Q8CQ17 ?   ?   'expression tag'      236 17 
2 4IXA HIS B 110 ? UNP Q8CQ17 ?   ?   'expression tag'      237 18 
# 
loop_
_pdbx_struct_assembly.id 
_pdbx_struct_assembly.details 
_pdbx_struct_assembly.method_details 
_pdbx_struct_assembly.oligomeric_details 
_pdbx_struct_assembly.oligomeric_count 
1 author_and_software_defined_assembly PISA monomeric 1 
2 author_and_software_defined_assembly PISA monomeric 1 
# 
loop_
_pdbx_struct_assembly_gen.assembly_id 
_pdbx_struct_assembly_gen.oper_expression 
_pdbx_struct_assembly_gen.asym_id_list 
1 1 A,C 
2 1 B,D 
# 
_pdbx_struct_oper_list.id                   1 
_pdbx_struct_oper_list.type                 'identity operation' 
_pdbx_struct_oper_list.name                 1_555 
_pdbx_struct_oper_list.symmetry_operation   x,y,z 
_pdbx_struct_oper_list.matrix[1][1]         1.0000000000 
_pdbx_struct_oper_list.matrix[1][2]         0.0000000000 
_pdbx_struct_oper_list.matrix[1][3]         0.0000000000 
_pdbx_struct_oper_list.vector[1]            0.0000000000 
_pdbx_struct_oper_list.matrix[2][1]         0.0000000000 
_pdbx_struct_oper_list.matrix[2][2]         1.0000000000 
_pdbx_struct_oper_list.matrix[2][3]         0.0000000000 
_pdbx_struct_oper_list.vector[2]            0.0000000000 
_pdbx_struct_oper_list.matrix[3][1]         0.0000000000 
_pdbx_struct_oper_list.matrix[3][2]         0.0000000000 
_pdbx_struct_oper_list.matrix[3][3]         1.0000000000 
_pdbx_struct_oper_list.vector[3]            0.0000000000 
# 
_struct_biol.id        1 
_struct_biol.details   ? 
# 
loop_
_struct_conf.conf_type_id 
_struct_conf.id 
_struct_conf.pdbx_PDB_helix_id 
_struct_conf.beg_label_comp_id 
_struct_conf.beg_label_asym_id 
_struct_conf.beg_label_seq_id 
_struct_conf.pdbx_beg_PDB_ins_code 
_struct_conf.end_label_comp_id 
_struct_conf.end_label_asym_id 
_struct_conf.end_label_seq_id 
_struct_conf.pdbx_end_PDB_ins_code 
_struct_conf.beg_auth_comp_id 
_struct_conf.beg_auth_asym_id 
_struct_conf.beg_auth_seq_id 
_struct_conf.end_auth_comp_id 
_struct_conf.end_auth_asym_id 
_struct_conf.end_auth_seq_id 
_struct_conf.pdbx_PDB_helix_class 
_struct_conf.details 
_struct_conf.pdbx_PDB_helix_length 
HELX_P HELX_P1 1 ARG A 28 ? SER A 40 ? ARG A 155 SER A 167 1 ? 13 
HELX_P HELX_P2 2 SER A 47 ? TRP A 56 ? SER A 174 TRP A 183 1 ? 10 
HELX_P HELX_P3 3 ASN A 65 ? HIS A 81 ? ASN A 192 HIS A 208 1 ? 17 
HELX_P HELX_P4 4 ARG B 28 ? SER B 40 ? ARG B 155 SER B 167 1 ? 13 
HELX_P HELX_P5 5 SER B 47 ? TRP B 56 ? SER B 174 TRP B 183 1 ? 10 
HELX_P HELX_P6 6 ASN B 65 ? HIS B 81 ? ASN B 192 HIS B 208 1 ? 17 
# 
_struct_conf_type.id          HELX_P 
_struct_conf_type.criteria    ? 
_struct_conf_type.reference   ? 
# 
loop_
_struct_sheet.id 
_struct_sheet.type 
_struct_sheet.number_strands 
_struct_sheet.details 
A ? 4 ? 
B ? 2 ? 
C ? 4 ? 
D ? 2 ? 
# 
loop_
_struct_sheet_order.sheet_id 
_struct_sheet_order.range_id_1 
_struct_sheet_order.range_id_2 
_struct_sheet_order.offset 
_struct_sheet_order.sense 
A 1 2 ? anti-parallel 
A 2 3 ? anti-parallel 
A 3 4 ? anti-parallel 
B 1 2 ? anti-parallel 
C 1 2 ? anti-parallel 
C 2 3 ? anti-parallel 
C 3 4 ? anti-parallel 
D 1 2 ? anti-parallel 
# 
loop_
_struct_sheet_range.sheet_id 
_struct_sheet_range.id 
_struct_sheet_range.beg_label_comp_id 
_struct_sheet_range.beg_label_asym_id 
_struct_sheet_range.beg_label_seq_id 
_struct_sheet_range.pdbx_beg_PDB_ins_code 
_struct_sheet_range.end_label_comp_id 
_struct_sheet_range.end_label_asym_id 
_struct_sheet_range.end_label_seq_id 
_struct_sheet_range.pdbx_end_PDB_ins_code 
_struct_sheet_range.beg_auth_comp_id 
_struct_sheet_range.beg_auth_asym_id 
_struct_sheet_range.beg_auth_seq_id 
_struct_sheet_range.end_auth_comp_id 
_struct_sheet_range.end_auth_asym_id 
_struct_sheet_range.end_auth_seq_id 
A 1 GLN A 3  ? PHE A 6   ? GLN A 130 PHE A 133 
A 2 LEU A 9  ? LYS A 12  ? LEU A 136 LYS A 139 
A 3 THR A 17 ? ILE A 20  ? THR A 144 ILE A 147 
A 4 ILE A 23 ? ILE A 25  ? ILE A 150 ILE A 152 
B 1 TYR A 86 ? VAL A 91  ? TYR A 213 VAL A 218 
B 2 GLY A 95 ? ARG A 100 ? GLY A 222 ARG A 227 
C 1 GLN B 3  ? PHE B 6   ? GLN B 130 PHE B 133 
C 2 LEU B 9  ? LYS B 12  ? LEU B 136 LYS B 139 
C 3 THR B 17 ? ILE B 20  ? THR B 144 ILE B 147 
C 4 ILE B 23 ? ILE B 25  ? ILE B 150 ILE B 152 
D 1 TYR B 86 ? VAL B 91  ? TYR B 213 VAL B 218 
D 2 GLY B 95 ? ARG B 100 ? GLY B 222 ARG B 227 
# 
loop_
_pdbx_struct_sheet_hbond.sheet_id 
_pdbx_struct_sheet_hbond.range_id_1 
_pdbx_struct_sheet_hbond.range_id_2 
_pdbx_struct_sheet_hbond.range_1_label_atom_id 
_pdbx_struct_sheet_hbond.range_1_label_comp_id 
_pdbx_struct_sheet_hbond.range_1_label_asym_id 
_pdbx_struct_sheet_hbond.range_1_label_seq_id 
_pdbx_struct_sheet_hbond.range_1_PDB_ins_code 
_pdbx_struct_sheet_hbond.range_1_auth_atom_id 
_pdbx_struct_sheet_hbond.range_1_auth_comp_id 
_pdbx_struct_sheet_hbond.range_1_auth_asym_id 
_pdbx_struct_sheet_hbond.range_1_auth_seq_id 
_pdbx_struct_sheet_hbond.range_2_label_atom_id 
_pdbx_struct_sheet_hbond.range_2_label_comp_id 
_pdbx_struct_sheet_hbond.range_2_label_asym_id 
_pdbx_struct_sheet_hbond.range_2_label_seq_id 
_pdbx_struct_sheet_hbond.range_2_PDB_ins_code 
_pdbx_struct_sheet_hbond.range_2_auth_atom_id 
_pdbx_struct_sheet_hbond.range_2_auth_comp_id 
_pdbx_struct_sheet_hbond.range_2_auth_asym_id 
_pdbx_struct_sheet_hbond.range_2_auth_seq_id 
A 1 2 N PHE A 6  ? N PHE A 133 O LEU A 9  ? O LEU A 136 
A 2 3 N LYS A 12 ? N LYS A 139 O THR A 17 ? O THR A 144 
A 3 4 N LEU A 18 ? N LEU A 145 O ILE A 25 ? O ILE A 152 
B 1 2 N THR A 89 ? N THR A 216 O LYS A 97 ? O LYS A 224 
C 1 2 N PHE B 6  ? N PHE B 133 O LEU B 9  ? O LEU B 136 
C 2 3 N VAL B 10 ? N VAL B 137 O THR B 19 ? O THR B 146 
C 3 4 N LEU B 18 ? N LEU B 145 O ILE B 25 ? O ILE B 152 
D 1 2 N THR B 89 ? N THR B 216 O LYS B 97 ? O LYS B 224 
# 
loop_
_pdbx_validate_close_contact.id 
_pdbx_validate_close_contact.PDB_model_num 
_pdbx_validate_close_contact.auth_atom_id_1 
_pdbx_validate_close_contact.auth_asym_id_1 
_pdbx_validate_close_contact.auth_comp_id_1 
_pdbx_validate_close_contact.auth_seq_id_1 
_pdbx_validate_close_contact.PDB_ins_code_1 
_pdbx_validate_close_contact.label_alt_id_1 
_pdbx_validate_close_contact.auth_atom_id_2 
_pdbx_validate_close_contact.auth_asym_id_2 
_pdbx_validate_close_contact.auth_comp_id_2 
_pdbx_validate_close_contact.auth_seq_id_2 
_pdbx_validate_close_contact.PDB_ins_code_2 
_pdbx_validate_close_contact.label_alt_id_2 
_pdbx_validate_close_contact.dist 
1 1 OE2 A GLU 158 ? ? O A HOH 309 ? ? 1.98 
2 1 O   A HOH 361 ? ? O A HOH 368 ? ? 2.02 
3 1 O   B HOH 319 ? ? O B HOH 320 ? ? 2.05 
4 1 OE1 B GLU 151 ? ? O B HOH 323 ? ? 2.08 
5 1 O   A HOH 348 ? ? O A HOH 353 ? ? 2.08 
6 1 O   A HOH 352 ? ? O A HOH 358 ? ? 2.16 
# 
_pdbx_validate_rmsd_angle.id                         1 
_pdbx_validate_rmsd_angle.PDB_model_num              1 
_pdbx_validate_rmsd_angle.auth_atom_id_1             CA 
_pdbx_validate_rmsd_angle.auth_asym_id_1             A 
_pdbx_validate_rmsd_angle.auth_comp_id_1             LEU 
_pdbx_validate_rmsd_angle.auth_seq_id_1              145 
_pdbx_validate_rmsd_angle.PDB_ins_code_1             ? 
_pdbx_validate_rmsd_angle.label_alt_id_1             ? 
_pdbx_validate_rmsd_angle.auth_atom_id_2             CB 
_pdbx_validate_rmsd_angle.auth_asym_id_2             A 
_pdbx_validate_rmsd_angle.auth_comp_id_2             LEU 
_pdbx_validate_rmsd_angle.auth_seq_id_2              145 
_pdbx_validate_rmsd_angle.PDB_ins_code_2             ? 
_pdbx_validate_rmsd_angle.label_alt_id_2             ? 
_pdbx_validate_rmsd_angle.auth_atom_id_3             CG 
_pdbx_validate_rmsd_angle.auth_asym_id_3             A 
_pdbx_validate_rmsd_angle.auth_comp_id_3             LEU 
_pdbx_validate_rmsd_angle.auth_seq_id_3              145 
_pdbx_validate_rmsd_angle.PDB_ins_code_3             ? 
_pdbx_validate_rmsd_angle.label_alt_id_3             ? 
_pdbx_validate_rmsd_angle.angle_value                134.09 
_pdbx_validate_rmsd_angle.angle_target_value         115.30 
_pdbx_validate_rmsd_angle.angle_deviation            18.79 
_pdbx_validate_rmsd_angle.angle_standard_deviation   2.30 
_pdbx_validate_rmsd_angle.linker_flag                N 
# 
_pdbx_validate_torsion.id              1 
_pdbx_validate_torsion.PDB_model_num   1 
_pdbx_validate_torsion.auth_comp_id    TRP 
_pdbx_validate_torsion.auth_asym_id    B 
_pdbx_validate_torsion.auth_seq_id     183 
_pdbx_validate_torsion.PDB_ins_code    ? 
_pdbx_validate_torsion.label_alt_id    ? 
_pdbx_validate_torsion.phi             -99.73 
_pdbx_validate_torsion.psi             -89.34 
# 
loop_
_pdbx_unobs_or_zero_occ_residues.id 
_pdbx_unobs_or_zero_occ_residues.PDB_model_num 
_pdbx_unobs_or_zero_occ_residues.polymer_flag 
_pdbx_unobs_or_zero_occ_residues.occupancy_flag 
_pdbx_unobs_or_zero_occ_residues.auth_asym_id 
_pdbx_unobs_or_zero_occ_residues.auth_comp_id 
_pdbx_unobs_or_zero_occ_residues.auth_seq_id 
_pdbx_unobs_or_zero_occ_residues.PDB_ins_code 
_pdbx_unobs_or_zero_occ_residues.label_asym_id 
_pdbx_unobs_or_zero_occ_residues.label_comp_id 
_pdbx_unobs_or_zero_occ_residues.label_seq_id 
1  1 Y 1 A LEU 230 ? A LEU 103 
2  1 Y 1 A GLU 231 ? A GLU 104 
3  1 Y 1 A HIS 232 ? A HIS 105 
4  1 Y 1 A HIS 233 ? A HIS 106 
5  1 Y 1 A HIS 234 ? A HIS 107 
6  1 Y 1 A HIS 235 ? A HIS 108 
7  1 Y 1 A HIS 236 ? A HIS 109 
8  1 Y 1 A HIS 237 ? A HIS 110 
9  1 Y 1 B MET 128 ? B MET 1   
10 1 Y 1 B TYR 185 ? B TYR 58  
11 1 Y 1 B ASP 186 ? B ASP 59  
12 1 Y 1 B TYR 187 ? B TYR 60  
13 1 Y 1 B TYR 188 ? B TYR 61  
14 1 Y 1 B GLU 189 ? B GLU 62  
15 1 Y 1 B ASP 190 ? B ASP 63  
16 1 Y 1 B ARG 229 ? B ARG 102 
17 1 Y 1 B LEU 230 ? B LEU 103 
18 1 Y 1 B GLU 231 ? B GLU 104 
19 1 Y 1 B HIS 232 ? B HIS 105 
20 1 Y 1 B HIS 233 ? B HIS 106 
21 1 Y 1 B HIS 234 ? B HIS 107 
22 1 Y 1 B HIS 235 ? B HIS 108 
23 1 Y 1 B HIS 236 ? B HIS 109 
24 1 Y 1 B HIS 237 ? B HIS 110 
# 
loop_
_chem_comp_atom.comp_id 
_chem_comp_atom.atom_id 
_chem_comp_atom.type_symbol 
_chem_comp_atom.pdbx_aromatic_flag 
_chem_comp_atom.pdbx_stereo_config 
_chem_comp_atom.pdbx_ordinal 
ALA N    N N N 1   
ALA CA   C N S 2   
ALA C    C N N 3   
ALA O    O N N 4   
ALA CB   C N N 5   
ALA OXT  O N N 6   
ALA H    H N N 7   
ALA H2   H N N 8   
ALA HA   H N N 9   
ALA HB1  H N N 10  
ALA HB2  H N N 11  
ALA HB3  H N N 12  
ALA HXT  H N N 13  
ARG N    N N N 14  
ARG CA   C N S 15  
ARG C    C N N 16  
ARG O    O N N 17  
ARG CB   C N N 18  
ARG CG   C N N 19  
ARG CD   C N N 20  
ARG NE   N N N 21  
ARG CZ   C N N 22  
ARG NH1  N N N 23  
ARG NH2  N N N 24  
ARG OXT  O N N 25  
ARG H    H N N 26  
ARG H2   H N N 27  
ARG HA   H N N 28  
ARG HB2  H N N 29  
ARG HB3  H N N 30  
ARG HG2  H N N 31  
ARG HG3  H N N 32  
ARG HD2  H N N 33  
ARG HD3  H N N 34  
ARG HE   H N N 35  
ARG HH11 H N N 36  
ARG HH12 H N N 37  
ARG HH21 H N N 38  
ARG HH22 H N N 39  
ARG HXT  H N N 40  
ASN N    N N N 41  
ASN CA   C N S 42  
ASN C    C N N 43  
ASN O    O N N 44  
ASN CB   C N N 45  
ASN CG   C N N 46  
ASN OD1  O N N 47  
ASN ND2  N N N 48  
ASN OXT  O N N 49  
ASN H    H N N 50  
ASN H2   H N N 51  
ASN HA   H N N 52  
ASN HB2  H N N 53  
ASN HB3  H N N 54  
ASN HD21 H N N 55  
ASN HD22 H N N 56  
ASN HXT  H N N 57  
ASP N    N N N 58  
ASP CA   C N S 59  
ASP C    C N N 60  
ASP O    O N N 61  
ASP CB   C N N 62  
ASP CG   C N N 63  
ASP OD1  O N N 64  
ASP OD2  O N N 65  
ASP OXT  O N N 66  
ASP H    H N N 67  
ASP H2   H N N 68  
ASP HA   H N N 69  
ASP HB2  H N N 70  
ASP HB3  H N N 71  
ASP HD2  H N N 72  
ASP HXT  H N N 73  
GLN N    N N N 74  
GLN CA   C N S 75  
GLN C    C N N 76  
GLN O    O N N 77  
GLN CB   C N N 78  
GLN CG   C N N 79  
GLN CD   C N N 80  
GLN OE1  O N N 81  
GLN NE2  N N N 82  
GLN OXT  O N N 83  
GLN H    H N N 84  
GLN H2   H N N 85  
GLN HA   H N N 86  
GLN HB2  H N N 87  
GLN HB3  H N N 88  
GLN HG2  H N N 89  
GLN HG3  H N N 90  
GLN HE21 H N N 91  
GLN HE22 H N N 92  
GLN HXT  H N N 93  
GLU N    N N N 94  
GLU CA   C N S 95  
GLU C    C N N 96  
GLU O    O N N 97  
GLU CB   C N N 98  
GLU CG   C N N 99  
GLU CD   C N N 100 
GLU OE1  O N N 101 
GLU OE2  O N N 102 
GLU OXT  O N N 103 
GLU H    H N N 104 
GLU H2   H N N 105 
GLU HA   H N N 106 
GLU HB2  H N N 107 
GLU HB3  H N N 108 
GLU HG2  H N N 109 
GLU HG3  H N N 110 
GLU HE2  H N N 111 
GLU HXT  H N N 112 
GLY N    N N N 113 
GLY CA   C N N 114 
GLY C    C N N 115 
GLY O    O N N 116 
GLY OXT  O N N 117 
GLY H    H N N 118 
GLY H2   H N N 119 
GLY HA2  H N N 120 
GLY HA3  H N N 121 
GLY HXT  H N N 122 
HIS N    N N N 123 
HIS CA   C N S 124 
HIS C    C N N 125 
HIS O    O N N 126 
HIS CB   C N N 127 
HIS CG   C Y N 128 
HIS ND1  N Y N 129 
HIS CD2  C Y N 130 
HIS CE1  C Y N 131 
HIS NE2  N Y N 132 
HIS OXT  O N N 133 
HIS H    H N N 134 
HIS H2   H N N 135 
HIS HA   H N N 136 
HIS HB2  H N N 137 
HIS HB3  H N N 138 
HIS HD1  H N N 139 
HIS HD2  H N N 140 
HIS HE1  H N N 141 
HIS HE2  H N N 142 
HIS HXT  H N N 143 
HOH O    O N N 144 
HOH H1   H N N 145 
HOH H2   H N N 146 
ILE N    N N N 147 
ILE CA   C N S 148 
ILE C    C N N 149 
ILE O    O N N 150 
ILE CB   C N S 151 
ILE CG1  C N N 152 
ILE CG2  C N N 153 
ILE CD1  C N N 154 
ILE OXT  O N N 155 
ILE H    H N N 156 
ILE H2   H N N 157 
ILE HA   H N N 158 
ILE HB   H N N 159 
ILE HG12 H N N 160 
ILE HG13 H N N 161 
ILE HG21 H N N 162 
ILE HG22 H N N 163 
ILE HG23 H N N 164 
ILE HD11 H N N 165 
ILE HD12 H N N 166 
ILE HD13 H N N 167 
ILE HXT  H N N 168 
LEU N    N N N 169 
LEU CA   C N S 170 
LEU C    C N N 171 
LEU O    O N N 172 
LEU CB   C N N 173 
LEU CG   C N N 174 
LEU CD1  C N N 175 
LEU CD2  C N N 176 
LEU OXT  O N N 177 
LEU H    H N N 178 
LEU H2   H N N 179 
LEU HA   H N N 180 
LEU HB2  H N N 181 
LEU HB3  H N N 182 
LEU HG   H N N 183 
LEU HD11 H N N 184 
LEU HD12 H N N 185 
LEU HD13 H N N 186 
LEU HD21 H N N 187 
LEU HD22 H N N 188 
LEU HD23 H N N 189 
LEU HXT  H N N 190 
LYS N    N N N 191 
LYS CA   C N S 192 
LYS C    C N N 193 
LYS O    O N N 194 
LYS CB   C N N 195 
LYS CG   C N N 196 
LYS CD   C N N 197 
LYS CE   C N N 198 
LYS NZ   N N N 199 
LYS OXT  O N N 200 
LYS H    H N N 201 
LYS H2   H N N 202 
LYS HA   H N N 203 
LYS HB2  H N N 204 
LYS HB3  H N N 205 
LYS HG2  H N N 206 
LYS HG3  H N N 207 
LYS HD2  H N N 208 
LYS HD3  H N N 209 
LYS HE2  H N N 210 
LYS HE3  H N N 211 
LYS HZ1  H N N 212 
LYS HZ2  H N N 213 
LYS HZ3  H N N 214 
LYS HXT  H N N 215 
MET N    N N N 216 
MET CA   C N S 217 
MET C    C N N 218 
MET O    O N N 219 
MET CB   C N N 220 
MET CG   C N N 221 
MET SD   S N N 222 
MET CE   C N N 223 
MET OXT  O N N 224 
MET H    H N N 225 
MET H2   H N N 226 
MET HA   H N N 227 
MET HB2  H N N 228 
MET HB3  H N N 229 
MET HG2  H N N 230 
MET HG3  H N N 231 
MET HE1  H N N 232 
MET HE2  H N N 233 
MET HE3  H N N 234 
MET HXT  H N N 235 
PHE N    N N N 236 
PHE CA   C N S 237 
PHE C    C N N 238 
PHE O    O N N 239 
PHE CB   C N N 240 
PHE CG   C Y N 241 
PHE CD1  C Y N 242 
PHE CD2  C Y N 243 
PHE CE1  C Y N 244 
PHE CE2  C Y N 245 
PHE CZ   C Y N 246 
PHE OXT  O N N 247 
PHE H    H N N 248 
PHE H2   H N N 249 
PHE HA   H N N 250 
PHE HB2  H N N 251 
PHE HB3  H N N 252 
PHE HD1  H N N 253 
PHE HD2  H N N 254 
PHE HE1  H N N 255 
PHE HE2  H N N 256 
PHE HZ   H N N 257 
PHE HXT  H N N 258 
PRO N    N N N 259 
PRO CA   C N S 260 
PRO C    C N N 261 
PRO O    O N N 262 
PRO CB   C N N 263 
PRO CG   C N N 264 
PRO CD   C N N 265 
PRO OXT  O N N 266 
PRO H    H N N 267 
PRO HA   H N N 268 
PRO HB2  H N N 269 
PRO HB3  H N N 270 
PRO HG2  H N N 271 
PRO HG3  H N N 272 
PRO HD2  H N N 273 
PRO HD3  H N N 274 
PRO HXT  H N N 275 
SER N    N N N 276 
SER CA   C N S 277 
SER C    C N N 278 
SER O    O N N 279 
SER CB   C N N 280 
SER OG   O N N 281 
SER OXT  O N N 282 
SER H    H N N 283 
SER H2   H N N 284 
SER HA   H N N 285 
SER HB2  H N N 286 
SER HB3  H N N 287 
SER HG   H N N 288 
SER HXT  H N N 289 
THR N    N N N 290 
THR CA   C N S 291 
THR C    C N N 292 
THR O    O N N 293 
THR CB   C N R 294 
THR OG1  O N N 295 
THR CG2  C N N 296 
THR OXT  O N N 297 
THR H    H N N 298 
THR H2   H N N 299 
THR HA   H N N 300 
THR HB   H N N 301 
THR HG1  H N N 302 
THR HG21 H N N 303 
THR HG22 H N N 304 
THR HG23 H N N 305 
THR HXT  H N N 306 
TRP N    N N N 307 
TRP CA   C N S 308 
TRP C    C N N 309 
TRP O    O N N 310 
TRP CB   C N N 311 
TRP CG   C Y N 312 
TRP CD1  C Y N 313 
TRP CD2  C Y N 314 
TRP NE1  N Y N 315 
TRP CE2  C Y N 316 
TRP CE3  C Y N 317 
TRP CZ2  C Y N 318 
TRP CZ3  C Y N 319 
TRP CH2  C Y N 320 
TRP OXT  O N N 321 
TRP H    H N N 322 
TRP H2   H N N 323 
TRP HA   H N N 324 
TRP HB2  H N N 325 
TRP HB3  H N N 326 
TRP HD1  H N N 327 
TRP HE1  H N N 328 
TRP HE3  H N N 329 
TRP HZ2  H N N 330 
TRP HZ3  H N N 331 
TRP HH2  H N N 332 
TRP HXT  H N N 333 
TYR N    N N N 334 
TYR CA   C N S 335 
TYR C    C N N 336 
TYR O    O N N 337 
TYR CB   C N N 338 
TYR CG   C Y N 339 
TYR CD1  C Y N 340 
TYR CD2  C Y N 341 
TYR CE1  C Y N 342 
TYR CE2  C Y N 343 
TYR CZ   C Y N 344 
TYR OH   O N N 345 
TYR OXT  O N N 346 
TYR H    H N N 347 
TYR H2   H N N 348 
TYR HA   H N N 349 
TYR HB2  H N N 350 
TYR HB3  H N N 351 
TYR HD1  H N N 352 
TYR HD2  H N N 353 
TYR HE1  H N N 354 
TYR HE2  H N N 355 
TYR HH   H N N 356 
TYR HXT  H N N 357 
VAL N    N N N 358 
VAL CA   C N S 359 
VAL C    C N N 360 
VAL O    O N N 361 
VAL CB   C N N 362 
VAL CG1  C N N 363 
VAL CG2  C N N 364 
VAL OXT  O N N 365 
VAL H    H N N 366 
VAL H2   H N N 367 
VAL HA   H N N 368 
VAL HB   H N N 369 
VAL HG11 H N N 370 
VAL HG12 H N N 371 
VAL HG13 H N N 372 
VAL HG21 H N N 373 
VAL HG22 H N N 374 
VAL HG23 H N N 375 
VAL HXT  H N N 376 
# 
loop_
_chem_comp_bond.comp_id 
_chem_comp_bond.atom_id_1 
_chem_comp_bond.atom_id_2 
_chem_comp_bond.value_order 
_chem_comp_bond.pdbx_aromatic_flag 
_chem_comp_bond.pdbx_stereo_config 
_chem_comp_bond.pdbx_ordinal 
ALA N   CA   sing N N 1   
ALA N   H    sing N N 2   
ALA N   H2   sing N N 3   
ALA CA  C    sing N N 4   
ALA CA  CB   sing N N 5   
ALA CA  HA   sing N N 6   
ALA C   O    doub N N 7   
ALA C   OXT  sing N N 8   
ALA CB  HB1  sing N N 9   
ALA CB  HB2  sing N N 10  
ALA CB  HB3  sing N N 11  
ALA OXT HXT  sing N N 12  
ARG N   CA   sing N N 13  
ARG N   H    sing N N 14  
ARG N   H2   sing N N 15  
ARG CA  C    sing N N 16  
ARG CA  CB   sing N N 17  
ARG CA  HA   sing N N 18  
ARG C   O    doub N N 19  
ARG C   OXT  sing N N 20  
ARG CB  CG   sing N N 21  
ARG CB  HB2  sing N N 22  
ARG CB  HB3  sing N N 23  
ARG CG  CD   sing N N 24  
ARG CG  HG2  sing N N 25  
ARG CG  HG3  sing N N 26  
ARG CD  NE   sing N N 27  
ARG CD  HD2  sing N N 28  
ARG CD  HD3  sing N N 29  
ARG NE  CZ   sing N N 30  
ARG NE  HE   sing N N 31  
ARG CZ  NH1  sing N N 32  
ARG CZ  NH2  doub N N 33  
ARG NH1 HH11 sing N N 34  
ARG NH1 HH12 sing N N 35  
ARG NH2 HH21 sing N N 36  
ARG NH2 HH22 sing N N 37  
ARG OXT HXT  sing N N 38  
ASN N   CA   sing N N 39  
ASN N   H    sing N N 40  
ASN N   H2   sing N N 41  
ASN CA  C    sing N N 42  
ASN CA  CB   sing N N 43  
ASN CA  HA   sing N N 44  
ASN C   O    doub N N 45  
ASN C   OXT  sing N N 46  
ASN CB  CG   sing N N 47  
ASN CB  HB2  sing N N 48  
ASN CB  HB3  sing N N 49  
ASN CG  OD1  doub N N 50  
ASN CG  ND2  sing N N 51  
ASN ND2 HD21 sing N N 52  
ASN ND2 HD22 sing N N 53  
ASN OXT HXT  sing N N 54  
ASP N   CA   sing N N 55  
ASP N   H    sing N N 56  
ASP N   H2   sing N N 57  
ASP CA  C    sing N N 58  
ASP CA  CB   sing N N 59  
ASP CA  HA   sing N N 60  
ASP C   O    doub N N 61  
ASP C   OXT  sing N N 62  
ASP CB  CG   sing N N 63  
ASP CB  HB2  sing N N 64  
ASP CB  HB3  sing N N 65  
ASP CG  OD1  doub N N 66  
ASP CG  OD2  sing N N 67  
ASP OD2 HD2  sing N N 68  
ASP OXT HXT  sing N N 69  
GLN N   CA   sing N N 70  
GLN N   H    sing N N 71  
GLN N   H2   sing N N 72  
GLN CA  C    sing N N 73  
GLN CA  CB   sing N N 74  
GLN CA  HA   sing N N 75  
GLN C   O    doub N N 76  
GLN C   OXT  sing N N 77  
GLN CB  CG   sing N N 78  
GLN CB  HB2  sing N N 79  
GLN CB  HB3  sing N N 80  
GLN CG  CD   sing N N 81  
GLN CG  HG2  sing N N 82  
GLN CG  HG3  sing N N 83  
GLN CD  OE1  doub N N 84  
GLN CD  NE2  sing N N 85  
GLN NE2 HE21 sing N N 86  
GLN NE2 HE22 sing N N 87  
GLN OXT HXT  sing N N 88  
GLU N   CA   sing N N 89  
GLU N   H    sing N N 90  
GLU N   H2   sing N N 91  
GLU CA  C    sing N N 92  
GLU CA  CB   sing N N 93  
GLU CA  HA   sing N N 94  
GLU C   O    doub N N 95  
GLU C   OXT  sing N N 96  
GLU CB  CG   sing N N 97  
GLU CB  HB2  sing N N 98  
GLU CB  HB3  sing N N 99  
GLU CG  CD   sing N N 100 
GLU CG  HG2  sing N N 101 
GLU CG  HG3  sing N N 102 
GLU CD  OE1  doub N N 103 
GLU CD  OE2  sing N N 104 
GLU OE2 HE2  sing N N 105 
GLU OXT HXT  sing N N 106 
GLY N   CA   sing N N 107 
GLY N   H    sing N N 108 
GLY N   H2   sing N N 109 
GLY CA  C    sing N N 110 
GLY CA  HA2  sing N N 111 
GLY CA  HA3  sing N N 112 
GLY C   O    doub N N 113 
GLY C   OXT  sing N N 114 
GLY OXT HXT  sing N N 115 
HIS N   CA   sing N N 116 
HIS N   H    sing N N 117 
HIS N   H2   sing N N 118 
HIS CA  C    sing N N 119 
HIS CA  CB   sing N N 120 
HIS CA  HA   sing N N 121 
HIS C   O    doub N N 122 
HIS C   OXT  sing N N 123 
HIS CB  CG   sing N N 124 
HIS CB  HB2  sing N N 125 
HIS CB  HB3  sing N N 126 
HIS CG  ND1  sing Y N 127 
HIS CG  CD2  doub Y N 128 
HIS ND1 CE1  doub Y N 129 
HIS ND1 HD1  sing N N 130 
HIS CD2 NE2  sing Y N 131 
HIS CD2 HD2  sing N N 132 
HIS CE1 NE2  sing Y N 133 
HIS CE1 HE1  sing N N 134 
HIS NE2 HE2  sing N N 135 
HIS OXT HXT  sing N N 136 
HOH O   H1   sing N N 137 
HOH O   H2   sing N N 138 
ILE N   CA   sing N N 139 
ILE N   H    sing N N 140 
ILE N   H2   sing N N 141 
ILE CA  C    sing N N 142 
ILE CA  CB   sing N N 143 
ILE CA  HA   sing N N 144 
ILE C   O    doub N N 145 
ILE C   OXT  sing N N 146 
ILE CB  CG1  sing N N 147 
ILE CB  CG2  sing N N 148 
ILE CB  HB   sing N N 149 
ILE CG1 CD1  sing N N 150 
ILE CG1 HG12 sing N N 151 
ILE CG1 HG13 sing N N 152 
ILE CG2 HG21 sing N N 153 
ILE CG2 HG22 sing N N 154 
ILE CG2 HG23 sing N N 155 
ILE CD1 HD11 sing N N 156 
ILE CD1 HD12 sing N N 157 
ILE CD1 HD13 sing N N 158 
ILE OXT HXT  sing N N 159 
LEU N   CA   sing N N 160 
LEU N   H    sing N N 161 
LEU N   H2   sing N N 162 
LEU CA  C    sing N N 163 
LEU CA  CB   sing N N 164 
LEU CA  HA   sing N N 165 
LEU C   O    doub N N 166 
LEU C   OXT  sing N N 167 
LEU CB  CG   sing N N 168 
LEU CB  HB2  sing N N 169 
LEU CB  HB3  sing N N 170 
LEU CG  CD1  sing N N 171 
LEU CG  CD2  sing N N 172 
LEU CG  HG   sing N N 173 
LEU CD1 HD11 sing N N 174 
LEU CD1 HD12 sing N N 175 
LEU CD1 HD13 sing N N 176 
LEU CD2 HD21 sing N N 177 
LEU CD2 HD22 sing N N 178 
LEU CD2 HD23 sing N N 179 
LEU OXT HXT  sing N N 180 
LYS N   CA   sing N N 181 
LYS N   H    sing N N 182 
LYS N   H2   sing N N 183 
LYS CA  C    sing N N 184 
LYS CA  CB   sing N N 185 
LYS CA  HA   sing N N 186 
LYS C   O    doub N N 187 
LYS C   OXT  sing N N 188 
LYS CB  CG   sing N N 189 
LYS CB  HB2  sing N N 190 
LYS CB  HB3  sing N N 191 
LYS CG  CD   sing N N 192 
LYS CG  HG2  sing N N 193 
LYS CG  HG3  sing N N 194 
LYS CD  CE   sing N N 195 
LYS CD  HD2  sing N N 196 
LYS CD  HD3  sing N N 197 
LYS CE  NZ   sing N N 198 
LYS CE  HE2  sing N N 199 
LYS CE  HE3  sing N N 200 
LYS NZ  HZ1  sing N N 201 
LYS NZ  HZ2  sing N N 202 
LYS NZ  HZ3  sing N N 203 
LYS OXT HXT  sing N N 204 
MET N   CA   sing N N 205 
MET N   H    sing N N 206 
MET N   H2   sing N N 207 
MET CA  C    sing N N 208 
MET CA  CB   sing N N 209 
MET CA  HA   sing N N 210 
MET C   O    doub N N 211 
MET C   OXT  sing N N 212 
MET CB  CG   sing N N 213 
MET CB  HB2  sing N N 214 
MET CB  HB3  sing N N 215 
MET CG  SD   sing N N 216 
MET CG  HG2  sing N N 217 
MET CG  HG3  sing N N 218 
MET SD  CE   sing N N 219 
MET CE  HE1  sing N N 220 
MET CE  HE2  sing N N 221 
MET CE  HE3  sing N N 222 
MET OXT HXT  sing N N 223 
PHE N   CA   sing N N 224 
PHE N   H    sing N N 225 
PHE N   H2   sing N N 226 
PHE CA  C    sing N N 227 
PHE CA  CB   sing N N 228 
PHE CA  HA   sing N N 229 
PHE C   O    doub N N 230 
PHE C   OXT  sing N N 231 
PHE CB  CG   sing N N 232 
PHE CB  HB2  sing N N 233 
PHE CB  HB3  sing N N 234 
PHE CG  CD1  doub Y N 235 
PHE CG  CD2  sing Y N 236 
PHE CD1 CE1  sing Y N 237 
PHE CD1 HD1  sing N N 238 
PHE CD2 CE2  doub Y N 239 
PHE CD2 HD2  sing N N 240 
PHE CE1 CZ   doub Y N 241 
PHE CE1 HE1  sing N N 242 
PHE CE2 CZ   sing Y N 243 
PHE CE2 HE2  sing N N 244 
PHE CZ  HZ   sing N N 245 
PHE OXT HXT  sing N N 246 
PRO N   CA   sing N N 247 
PRO N   CD   sing N N 248 
PRO N   H    sing N N 249 
PRO CA  C    sing N N 250 
PRO CA  CB   sing N N 251 
PRO CA  HA   sing N N 252 
PRO C   O    doub N N 253 
PRO C   OXT  sing N N 254 
PRO CB  CG   sing N N 255 
PRO CB  HB2  sing N N 256 
PRO CB  HB3  sing N N 257 
PRO CG  CD   sing N N 258 
PRO CG  HG2  sing N N 259 
PRO CG  HG3  sing N N 260 
PRO CD  HD2  sing N N 261 
PRO CD  HD3  sing N N 262 
PRO OXT HXT  sing N N 263 
SER N   CA   sing N N 264 
SER N   H    sing N N 265 
SER N   H2   sing N N 266 
SER CA  C    sing N N 267 
SER CA  CB   sing N N 268 
SER CA  HA   sing N N 269 
SER C   O    doub N N 270 
SER C   OXT  sing N N 271 
SER CB  OG   sing N N 272 
SER CB  HB2  sing N N 273 
SER CB  HB3  sing N N 274 
SER OG  HG   sing N N 275 
SER OXT HXT  sing N N 276 
THR N   CA   sing N N 277 
THR N   H    sing N N 278 
THR N   H2   sing N N 279 
THR CA  C    sing N N 280 
THR CA  CB   sing N N 281 
THR CA  HA   sing N N 282 
THR C   O    doub N N 283 
THR C   OXT  sing N N 284 
THR CB  OG1  sing N N 285 
THR CB  CG2  sing N N 286 
THR CB  HB   sing N N 287 
THR OG1 HG1  sing N N 288 
THR CG2 HG21 sing N N 289 
THR CG2 HG22 sing N N 290 
THR CG2 HG23 sing N N 291 
THR OXT HXT  sing N N 292 
TRP N   CA   sing N N 293 
TRP N   H    sing N N 294 
TRP N   H2   sing N N 295 
TRP CA  C    sing N N 296 
TRP CA  CB   sing N N 297 
TRP CA  HA   sing N N 298 
TRP C   O    doub N N 299 
TRP C   OXT  sing N N 300 
TRP CB  CG   sing N N 301 
TRP CB  HB2  sing N N 302 
TRP CB  HB3  sing N N 303 
TRP CG  CD1  doub Y N 304 
TRP CG  CD2  sing Y N 305 
TRP CD1 NE1  sing Y N 306 
TRP CD1 HD1  sing N N 307 
TRP CD2 CE2  doub Y N 308 
TRP CD2 CE3  sing Y N 309 
TRP NE1 CE2  sing Y N 310 
TRP NE1 HE1  sing N N 311 
TRP CE2 CZ2  sing Y N 312 
TRP CE3 CZ3  doub Y N 313 
TRP CE3 HE3  sing N N 314 
TRP CZ2 CH2  doub Y N 315 
TRP CZ2 HZ2  sing N N 316 
TRP CZ3 CH2  sing Y N 317 
TRP CZ3 HZ3  sing N N 318 
TRP CH2 HH2  sing N N 319 
TRP OXT HXT  sing N N 320 
TYR N   CA   sing N N 321 
TYR N   H    sing N N 322 
TYR N   H2   sing N N 323 
TYR CA  C    sing N N 324 
TYR CA  CB   sing N N 325 
TYR CA  HA   sing N N 326 
TYR C   O    doub N N 327 
TYR C   OXT  sing N N 328 
TYR CB  CG   sing N N 329 
TYR CB  HB2  sing N N 330 
TYR CB  HB3  sing N N 331 
TYR CG  CD1  doub Y N 332 
TYR CG  CD2  sing Y N 333 
TYR CD1 CE1  sing Y N 334 
TYR CD1 HD1  sing N N 335 
TYR CD2 CE2  doub Y N 336 
TYR CD2 HD2  sing N N 337 
TYR CE1 CZ   doub Y N 338 
TYR CE1 HE1  sing N N 339 
TYR CE2 CZ   sing Y N 340 
TYR CE2 HE2  sing N N 341 
TYR CZ  OH   sing N N 342 
TYR OH  HH   sing N N 343 
TYR OXT HXT  sing N N 344 
VAL N   CA   sing N N 345 
VAL N   H    sing N N 346 
VAL N   H2   sing N N 347 
VAL CA  C    sing N N 348 
VAL CA  CB   sing N N 349 
VAL CA  HA   sing N N 350 
VAL C   O    doub N N 351 
VAL C   OXT  sing N N 352 
VAL CB  CG1  sing N N 353 
VAL CB  CG2  sing N N 354 
VAL CB  HB   sing N N 355 
VAL CG1 HG11 sing N N 356 
VAL CG1 HG12 sing N N 357 
VAL CG1 HG13 sing N N 358 
VAL CG2 HG21 sing N N 359 
VAL CG2 HG22 sing N N 360 
VAL CG2 HG23 sing N N 361 
VAL OXT HXT  sing N N 362 
# 
_atom_sites.entry_id                    4IXA 
_atom_sites.fract_transf_matrix[1][1]   0.01482870 
_atom_sites.fract_transf_matrix[1][2]   0.01862016 
_atom_sites.fract_transf_matrix[1][3]   0.01697994 
_atom_sites.fract_transf_matrix[2][1]   0.01397364 
_atom_sites.fract_transf_matrix[2][2]   0.00005641 
_atom_sites.fract_transf_matrix[2][3]   -0.01226514 
_atom_sites.fract_transf_matrix[3][1]   -0.00377812 
_atom_sites.fract_transf_matrix[3][2]   0.00690509 
_atom_sites.fract_transf_matrix[3][3]   -0.00427264 
_atom_sites.fract_transf_vector[1]      0.465650 
_atom_sites.fract_transf_vector[2]      0.939990 
_atom_sites.fract_transf_vector[3]      0.124865 
# 
loop_
_atom_type.symbol 
C 
N 
O 
S 
# 
loop_
_atom_site.group_PDB 
_atom_site.id 
_atom_site.type_symbol 
_atom_site.label_atom_id 
_atom_site.label_alt_id 
_atom_site.label_comp_id 
_atom_site.label_asym_id 
_atom_site.label_entity_id 
_atom_site.label_seq_id 
_atom_site.pdbx_PDB_ins_code 
_atom_site.Cartn_x 
_atom_site.Cartn_y 
_atom_site.Cartn_z 
_atom_site.occupancy 
_atom_site.B_iso_or_equiv 
_atom_site.pdbx_formal_charge 
_atom_site.auth_seq_id 
_atom_site.auth_comp_id 
_atom_site.auth_asym_id 
_atom_site.auth_atom_id 
_atom_site.pdbx_PDB_model_num 
ATOM   1    N N   . MET A 1 1   ? -20.393 19.680  1.356   1.00 45.38 ? 128 MET A N   1 
ATOM   2    C CA  . MET A 1 1   ? -20.125 19.186  0.011   1.00 43.09 ? 128 MET A CA  1 
ATOM   3    C C   . MET A 1 1   ? -20.265 17.670  -0.049  1.00 36.38 ? 128 MET A C   1 
ATOM   4    O O   . MET A 1 1   ? -19.737 16.968  0.810   1.00 39.10 ? 128 MET A O   1 
ATOM   5    C CB  . MET A 1 1   ? -18.714 19.582  -0.410  1.00 44.18 ? 128 MET A CB  1 
ATOM   6    C CG  . MET A 1 1   ? -18.565 19.813  -1.891  1.00 44.41 ? 128 MET A CG  1 
ATOM   7    S SD  . MET A 1 1   ? -19.685 21.108  -2.407  1.00 55.89 ? 128 MET A SD  1 
ATOM   8    C CE  . MET A 1 1   ? -19.216 21.332  -4.129  1.00 47.06 ? 128 MET A CE  1 
ATOM   9    N N   . GLU A 1 2   ? -20.968 17.168  -1.063  1.00 30.40 ? 129 GLU A N   1 
ATOM   10   C CA  . GLU A 1 2   ? -21.104 15.726  -1.267  1.00 34.65 ? 129 GLU A CA  1 
ATOM   11   C C   . GLU A 1 2   ? -20.255 15.214  -2.434  1.00 33.41 ? 129 GLU A C   1 
ATOM   12   O O   . GLU A 1 2   ? -19.935 14.029  -2.513  1.00 29.78 ? 129 GLU A O   1 
ATOM   13   C CB  . GLU A 1 2   ? -22.565 15.349  -1.526  1.00 41.10 ? 129 GLU A CB  1 
ATOM   14   C CG  . GLU A 1 2   ? -23.420 15.237  -0.279  1.00 43.00 ? 129 GLU A CG  1 
ATOM   15   C CD  . GLU A 1 2   ? -24.807 14.662  -0.575  1.00 45.35 ? 129 GLU A CD  1 
ATOM   16   O OE1 . GLU A 1 2   ? -25.176 14.540  -1.770  1.00 48.72 ? 129 GLU A OE1 1 
ATOM   17   O OE2 . GLU A 1 2   ? -25.528 14.322  0.391   1.00 46.78 ? 129 GLU A OE2 1 
ATOM   18   N N   . GLN A 1 3   ? -19.902 16.106  -3.348  1.00 33.08 ? 130 GLN A N   1 
ATOM   19   C CA  . GLN A 1 3   ? -19.162 15.697  -4.523  1.00 33.94 ? 130 GLN A CA  1 
ATOM   20   C C   . GLN A 1 3   ? -18.115 16.735  -4.916  1.00 30.79 ? 130 GLN A C   1 
ATOM   21   O O   . GLN A 1 3   ? -18.385 17.932  -4.922  1.00 30.10 ? 130 GLN A O   1 
ATOM   22   C CB  . GLN A 1 3   ? -20.138 15.447  -5.678  1.00 38.92 ? 130 GLN A CB  1 
ATOM   23   C CG  . GLN A 1 3   ? -19.506 14.887  -6.931  1.00 39.15 ? 130 GLN A CG  1 
ATOM   24   C CD  . GLN A 1 3   ? -20.541 14.306  -7.883  1.00 40.76 ? 130 GLN A CD  1 
ATOM   25   O OE1 . GLN A 1 3   ? -21.235 13.343  -7.552  1.00 44.63 ? 130 GLN A OE1 1 
ATOM   26   N NE2 . GLN A 1 3   ? -20.647 14.888  -9.073  1.00 41.30 ? 130 GLN A NE2 1 
ATOM   27   N N   . LEU A 1 4   ? -16.909 16.271  -5.232  1.00 25.24 ? 131 LEU A N   1 
ATOM   28   C CA  . LEU A 1 4   ? -15.871 17.155  -5.748  1.00 27.69 ? 131 LEU A CA  1 
ATOM   29   C C   . LEU A 1 4   ? -15.441 16.669  -7.119  1.00 26.11 ? 131 LEU A C   1 
ATOM   30   O O   . LEU A 1 4   ? -15.402 15.469  -7.374  1.00 26.33 ? 131 LEU A O   1 
ATOM   31   C CB  . LEU A 1 4   ? -14.672 17.205  -4.798  1.00 24.01 ? 131 LEU A CB  1 
ATOM   32   C CG  . LEU A 1 4   ? -14.989 17.681  -3.387  1.00 28.52 ? 131 LEU A CG  1 
ATOM   33   C CD1 . LEU A 1 4   ? -13.776 17.538  -2.495  1.00 27.40 ? 131 LEU A CD1 1 
ATOM   34   C CD2 . LEU A 1 4   ? -15.447 19.127  -3.425  1.00 34.40 ? 131 LEU A CD2 1 
ATOM   35   N N   . GLU A 1 5   ? -15.123 17.609  -7.998  1.00 26.04 ? 132 GLU A N   1 
ATOM   36   C CA  . GLU A 1 5   ? -14.732 17.298  -9.358  1.00 28.11 ? 132 GLU A CA  1 
ATOM   37   C C   . GLU A 1 5   ? -13.417 18.007  -9.673  1.00 25.19 ? 132 GLU A C   1 
ATOM   38   O O   . GLU A 1 5   ? -13.275 19.203  -9.430  1.00 24.19 ? 132 GLU A O   1 
ATOM   39   C CB  . GLU A 1 5   ? -15.829 17.745  -10.330 1.00 29.23 ? 132 GLU A CB  1 
ATOM   40   C CG  . GLU A 1 5   ? -17.190 17.136  -10.025 1.00 37.28 ? 132 GLU A CG  1 
ATOM   41   C CD  . GLU A 1 5   ? -18.340 18.126  -10.160 1.00 51.06 ? 132 GLU A CD  1 
ATOM   42   O OE1 . GLU A 1 5   ? -18.112 19.263  -10.635 1.00 54.40 ? 132 GLU A OE1 1 
ATOM   43   O OE2 . GLU A 1 5   ? -19.482 17.766  -9.786  1.00 58.89 ? 132 GLU A OE2 1 
ATOM   44   N N   . PHE A 1 6   ? -12.462 17.264  -10.213 1.00 23.19 ? 133 PHE A N   1 
ATOM   45   C CA  . PHE A 1 6   ? -11.170 17.835  -10.596 1.00 24.88 ? 133 PHE A CA  1 
ATOM   46   C C   . PHE A 1 6   ? -10.777 17.291  -11.957 1.00 23.93 ? 133 PHE A C   1 
ATOM   47   O O   . PHE A 1 6   ? -10.120 16.255  -12.031 1.00 22.75 ? 133 PHE A O   1 
ATOM   48   C CB  . PHE A 1 6   ? -10.084 17.505  -9.547  1.00 23.62 ? 133 PHE A CB  1 
ATOM   49   C CG  . PHE A 1 6   ? -10.371 18.073  -8.183  1.00 21.33 ? 133 PHE A CG  1 
ATOM   50   C CD1 . PHE A 1 6   ? -10.059 19.390  -7.885  1.00 22.02 ? 133 PHE A CD1 1 
ATOM   51   C CD2 . PHE A 1 6   ? -10.970 17.298  -7.215  1.00 20.92 ? 133 PHE A CD2 1 
ATOM   52   C CE1 . PHE A 1 6   ? -10.333 19.920  -6.631  1.00 28.62 ? 133 PHE A CE1 1 
ATOM   53   C CE2 . PHE A 1 6   ? -11.254 17.814  -5.957  1.00 25.36 ? 133 PHE A CE2 1 
ATOM   54   C CZ  . PHE A 1 6   ? -10.930 19.125  -5.658  1.00 23.83 ? 133 PHE A CZ  1 
ATOM   55   N N   . ASP A 1 7   ? -11.209 17.974  -13.021 1.00 27.23 ? 134 ASP A N   1 
ATOM   56   C CA  . ASP A 1 7   ? -10.890 17.596  -14.408 1.00 25.94 ? 134 ASP A CA  1 
ATOM   57   C C   . ASP A 1 7   ? -10.968 16.116  -14.687 1.00 30.74 ? 134 ASP A C   1 
ATOM   58   O O   . ASP A 1 7   ? -10.005 15.557  -15.197 1.00 33.34 ? 134 ASP A O   1 
ATOM   59   C CB  . ASP A 1 7   ? -9.458  17.973  -14.780 1.00 28.56 ? 134 ASP A CB  1 
ATOM   60   C CG  . ASP A 1 7   ? -9.231  19.450  -14.820 1.00 34.07 ? 134 ASP A CG  1 
ATOM   61   O OD1 . ASP A 1 7   ? -10.223 20.203  -14.855 1.00 33.53 ? 134 ASP A OD1 1 
ATOM   62   O OD2 . ASP A 1 7   ? -8.049  19.851  -14.792 1.00 40.64 ? 134 ASP A OD2 1 
ATOM   63   N N   . GLY A 1 8   ? -12.059 15.452  -14.356 1.00 29.11 ? 135 GLY A N   1 
ATOM   64   C CA  . GLY A 1 8   ? -12.105 14.037  -14.686 1.00 29.00 ? 135 GLY A CA  1 
ATOM   65   C C   . GLY A 1 8   ? -12.049 13.130  -13.482 1.00 24.11 ? 135 GLY A C   1 
ATOM   66   O O   . GLY A 1 8   ? -12.473 11.979  -13.553 1.00 24.59 ? 135 GLY A O   1 
ATOM   67   N N   . LEU A 1 9   ? -11.500 13.643  -12.387 1.00 23.39 ? 136 LEU A N   1 
ATOM   68   C CA  . LEU A 1 9   ? -11.529 12.934  -11.119 1.00 23.35 ? 136 LEU A CA  1 
ATOM   69   C C   . LEU A 1 9   ? -12.729 13.436  -10.365 1.00 22.17 ? 136 LEU A C   1 
ATOM   70   O O   . LEU A 1 9   ? -12.844 14.633  -10.128 1.00 23.98 ? 136 LEU A O   1 
ATOM   71   C CB  . LEU A 1 9   ? -10.260 13.196  -10.306 1.00 21.64 ? 136 LEU A CB  1 
ATOM   72   C CG  . LEU A 1 9   ? -10.227 12.537  -8.921  1.00 23.99 ? 136 LEU A CG  1 
ATOM   73   C CD1 . LEU A 1 9   ? -10.245 11.015  -9.055  1.00 25.24 ? 136 LEU A CD1 1 
ATOM   74   C CD2 . LEU A 1 9   ? -9.009  13.009  -8.098  1.00 24.90 ? 136 LEU A CD2 1 
ATOM   75   N N   . VAL A 1 10  ? -13.618 12.515  -9.995  1.00 21.81 ? 137 VAL A N   1 
ATOM   76   C CA  . VAL A 1 10  ? -14.822 12.843  -9.246  1.00 22.05 ? 137 VAL A CA  1 
ATOM   77   C C   . VAL A 1 10  ? -14.840 12.042  -7.953  1.00 23.54 ? 137 VAL A C   1 
ATOM   78   O O   . VAL A 1 10  ? -14.736 10.819  -7.974  1.00 23.65 ? 137 VAL A O   1 
ATOM   79   C CB  . VAL A 1 10  ? -16.103 12.514  -10.039 1.00 25.53 ? 137 VAL A CB  1 
ATOM   80   C CG1 . VAL A 1 10  ? -17.337 12.828  -9.195  1.00 26.34 ? 137 VAL A CG1 1 
ATOM   81   C CG2 . VAL A 1 10  ? -16.142 13.287  -11.356 1.00 23.32 ? 137 VAL A CG2 1 
ATOM   82   N N   . LEU A 1 11  ? -14.967 12.745  -6.832  1.00 22.62 ? 138 LEU A N   1 
ATOM   83   C CA  . LEU A 1 11  ? -15.029 12.119  -5.520  1.00 22.51 ? 138 LEU A CA  1 
ATOM   84   C C   . LEU A 1 11  ? -16.465 12.182  -5.007  1.00 26.05 ? 138 LEU A C   1 
ATOM   85   O O   . LEU A 1 11  ? -17.064 13.247  -4.960  1.00 24.50 ? 138 LEU A O   1 
ATOM   86   C CB  . LEU A 1 11  ? -14.118 12.855  -4.544  1.00 22.86 ? 138 LEU A CB  1 
ATOM   87   C CG  . LEU A 1 11  ? -12.676 13.106  -4.996  1.00 26.95 ? 138 LEU A CG  1 
ATOM   88   C CD1 . LEU A 1 11  ? -11.933 13.876  -3.910  1.00 23.00 ? 138 LEU A CD1 1 
ATOM   89   C CD2 . LEU A 1 11  ? -11.980 11.784  -5.283  1.00 22.90 ? 138 LEU A CD2 1 
ATOM   90   N N   . LYS A 1 12  ? -17.001 11.038  -4.604  1.00 26.23 ? 139 LYS A N   1 
ATOM   91   C CA  . LYS A 1 12  ? -18.388 10.953  -4.180  1.00 29.67 ? 139 LYS A CA  1 
ATOM   92   C C   . LYS A 1 12  ? -18.423 10.527  -2.720  1.00 24.72 ? 139 LYS A C   1 
ATOM   93   O O   . LYS A 1 12  ? -18.243 9.359   -2.402  1.00 24.90 ? 139 LYS A O   1 
ATOM   94   C CB  . LYS A 1 12  ? -19.143 9.957   -5.065  1.00 26.99 ? 139 LYS A CB  1 
ATOM   95   C CG  . LYS A 1 12  ? -19.200 10.383  -6.527  1.00 30.90 ? 139 LYS A CG  1 
ATOM   96   C CD  . LYS A 1 12  ? -19.769 9.289   -7.417  1.00 35.80 ? 139 LYS A CD  1 
ATOM   97   C CE  . LYS A 1 12  ? -19.818 9.750   -8.878  1.00 43.71 ? 139 LYS A CE  1 
ATOM   98   N NZ  . LYS A 1 12  ? -20.380 8.690   -9.775  1.00 44.92 ? 139 LYS A NZ  1 
ATOM   99   N N   . ASN A 1 13  ? -18.634 11.500  -1.838  1.00 27.11 ? 140 ASN A N   1 
ATOM   100  C CA  . ASN A 1 13  ? -18.536 11.271  -0.403  1.00 27.03 ? 140 ASN A CA  1 
ATOM   101  C C   . ASN A 1 13  ? -19.681 10.426  0.164   1.00 30.37 ? 140 ASN A C   1 
ATOM   102  O O   . ASN A 1 13  ? -19.474 9.665   1.098   1.00 30.44 ? 140 ASN A O   1 
ATOM   103  C CB  . ASN A 1 13  ? -18.416 12.597  0.360   1.00 24.80 ? 140 ASN A CB  1 
ATOM   104  C CG  . ASN A 1 13  ? -17.821 12.415  1.755   1.00 28.15 ? 140 ASN A CG  1 
ATOM   105  O OD1 . ASN A 1 13  ? -16.912 11.600  1.954   1.00 29.09 ? 140 ASN A OD1 1 
ATOM   106  N ND2 . ASN A 1 13  ? -18.337 13.162  2.726   1.00 25.99 ? 140 ASN A ND2 1 
ATOM   107  N N   . LEU A 1 14  ? -20.882 10.549  -0.398  1.00 30.33 ? 141 LEU A N   1 
ATOM   108  C CA  . LEU A 1 14  ? -21.977 9.683   0.041   1.00 35.02 ? 141 LEU A CA  1 
ATOM   109  C C   . LEU A 1 14  ? -21.626 8.202   -0.103  1.00 31.83 ? 141 LEU A C   1 
ATOM   110  O O   . LEU A 1 14  ? -21.796 7.419   0.835   1.00 38.40 ? 141 LEU A O   1 
ATOM   111  C CB  . LEU A 1 14  ? -23.274 9.988   -0.713  1.00 35.14 ? 141 LEU A CB  1 
ATOM   112  C CG  . LEU A 1 14  ? -23.946 11.326  -0.422  1.00 34.41 ? 141 LEU A CG  1 
ATOM   113  C CD1 . LEU A 1 14  ? -25.351 11.307  -1.010  1.00 35.49 ? 141 LEU A CD1 1 
ATOM   114  C CD2 . LEU A 1 14  ? -23.983 11.630  1.070   1.00 33.39 ? 141 LEU A CD2 1 
ATOM   115  N N   . SER A 1 15  ? -21.120 7.813   -1.266  1.00 30.77 ? 142 SER A N   1 
ATOM   116  C CA  . SER A 1 15  ? -20.810 6.397   -1.499  1.00 31.96 ? 142 SER A CA  1 
ATOM   117  C C   . SER A 1 15  ? -19.350 6.061   -1.208  1.00 32.86 ? 142 SER A C   1 
ATOM   118  O O   . SER A 1 15  ? -18.948 4.896   -1.298  1.00 37.18 ? 142 SER A O   1 
ATOM   119  C CB  . SER A 1 15  ? -21.144 6.008   -2.935  1.00 33.98 ? 142 SER A CB  1 
ATOM   120  O OG  . SER A 1 15  ? -20.478 6.867   -3.848  1.00 30.69 ? 142 SER A OG  1 
ATOM   121  N N   . LYS A 1 16  ? -18.568 7.085   -0.857  1.00 27.50 ? 143 LYS A N   1 
ATOM   122  C CA  . LYS A 1 16  ? -17.129 6.935   -0.614  1.00 28.60 ? 143 LYS A CA  1 
ATOM   123  C C   . LYS A 1 16  ? -16.421 6.243   -1.788  1.00 28.80 ? 143 LYS A C   1 
ATOM   124  O O   . LYS A 1 16  ? -15.555 5.397   -1.594  1.00 27.21 ? 143 LYS A O   1 
ATOM   125  C CB  . LYS A 1 16  ? -16.867 6.184   0.696   1.00 31.56 ? 143 LYS A CB  1 
ATOM   126  C CG  . LYS A 1 16  ? -17.462 6.843   1.940   1.00 31.36 ? 143 LYS A CG  1 
ATOM   127  C CD  . LYS A 1 16  ? -16.467 7.752   2.651   1.00 32.60 ? 143 LYS A CD  1 
ATOM   128  C CE  . LYS A 1 16  ? -17.067 8.342   3.929   1.00 38.36 ? 143 LYS A CE  1 
ATOM   129  N NZ  . LYS A 1 16  ? -18.081 9.403   3.611   1.00 35.85 ? 143 LYS A NZ  1 
ATOM   130  N N   . THR A 1 17  ? -16.808 6.610   -3.004  1.00 26.29 ? 144 THR A N   1 
ATOM   131  C CA  . THR A 1 17  ? -16.176 6.078   -4.198  1.00 31.01 ? 144 THR A CA  1 
ATOM   132  C C   . THR A 1 17  ? -15.663 7.213   -5.080  1.00 27.15 ? 144 THR A C   1 
ATOM   133  O O   . THR A 1 17  ? -16.078 8.371   -4.957  1.00 25.08 ? 144 THR A O   1 
ATOM   134  C CB  . THR A 1 17  ? -17.155 5.206   -5.028  1.00 31.67 ? 144 THR A CB  1 
ATOM   135  O OG1 . THR A 1 17  ? -18.237 6.018   -5.489  1.00 32.11 ? 144 THR A OG1 1 
ATOM   136  C CG2 . THR A 1 17  ? -17.716 4.051   -4.189  1.00 32.04 ? 144 THR A CG2 1 
ATOM   137  N N   . LEU A 1 18  ? -14.782 6.859   -5.997  1.00 22.76 ? 145 LEU A N   1 
ATOM   138  C CA  . LEU A 1 18  ? -14.130 7.838   -6.852  1.00 25.81 ? 145 LEU A CA  1 
ATOM   139  C C   . LEU A 1 18  ? -14.167 7.319   -8.274  1.00 24.90 ? 145 LEU A C   1 
ATOM   140  O O   . LEU A 1 18  ? -14.042 6.118   -8.493  1.00 23.64 ? 145 LEU A O   1 
ATOM   141  C CB  . LEU A 1 18  ? -12.702 8.035   -6.340  1.00 25.76 ? 145 LEU A CB  1 
ATOM   142  C CG  . LEU A 1 18  ? -11.361 8.308   -7.015  1.00 31.09 ? 145 LEU A CG  1 
ATOM   143  C CD1 . LEU A 1 18  ? -10.297 8.361   -5.934  1.00 25.78 ? 145 LEU A CD1 1 
ATOM   144  C CD2 . LEU A 1 18  ? -10.952 7.258   -7.992  1.00 32.13 ? 145 LEU A CD2 1 
ATOM   145  N N   . THR A 1 19  ? -14.366 8.220   -9.235  1.00 23.41 ? 146 THR A N   1 
ATOM   146  C CA  . THR A 1 19  ? -14.288 7.856   -10.639 1.00 23.92 ? 146 THR A CA  1 
ATOM   147  C C   . THR A 1 19  ? -13.208 8.664   -11.333 1.00 20.42 ? 146 THR A C   1 
ATOM   148  O O   . THR A 1 19  ? -12.882 9.759   -10.916 1.00 22.93 ? 146 THR A O   1 
ATOM   149  C CB  . THR A 1 19  ? -15.655 8.022   -11.399 1.00 25.84 ? 146 THR A CB  1 
ATOM   150  O OG1 . THR A 1 19  ? -16.127 9.375   -11.296 1.00 26.17 ? 146 THR A OG1 1 
ATOM   151  C CG2 . THR A 1 19  ? -16.716 7.070   -10.846 1.00 24.23 ? 146 THR A CG2 1 
ATOM   152  N N   . ILE A 1 20  ? -12.645 8.093   -12.384 1.00 20.65 ? 147 ILE A N   1 
ATOM   153  C CA  . ILE A 1 20  ? -11.749 8.804   -13.276 1.00 24.72 ? 147 ILE A CA  1 
ATOM   154  C C   . ILE A 1 20  ? -12.313 8.572   -14.660 1.00 25.26 ? 147 ILE A C   1 
ATOM   155  O O   . ILE A 1 20  ? -12.471 7.424   -15.069 1.00 22.15 ? 147 ILE A O   1 
ATOM   156  C CB  . ILE A 1 20  ? -10.310 8.252   -13.207 1.00 23.30 ? 147 ILE A CB  1 
ATOM   157  C CG1 . ILE A 1 20  ? -9.689  8.598   -11.855 1.00 21.70 ? 147 ILE A CG1 1 
ATOM   158  C CG2 . ILE A 1 20  ? -9.471  8.812   -14.360 1.00 25.50 ? 147 ILE A CG2 1 
ATOM   159  C CD1 . ILE A 1 20  ? -8.412  7.851   -11.551 1.00 26.18 ? 147 ILE A CD1 1 
ATOM   160  N N   . ASN A 1 21  ? -12.651 9.658   -15.352 1.00 28.57 ? 148 ASN A N   1 
ATOM   161  C CA  . ASN A 1 21  ? -13.391 9.595   -16.611 1.00 26.05 ? 148 ASN A CA  1 
ATOM   162  C C   . ASN A 1 21  ? -14.627 8.691   -16.521 1.00 25.37 ? 148 ASN A C   1 
ATOM   163  O O   . ASN A 1 21  ? -14.887 7.873   -17.397 1.00 26.98 ? 148 ASN A O   1 
ATOM   164  C CB  . ASN A 1 21  ? -12.460 9.198   -17.761 1.00 28.02 ? 148 ASN A CB  1 
ATOM   165  C CG  . ASN A 1 21  ? -11.389 10.250  -18.019 1.00 30.43 ? 148 ASN A CG  1 
ATOM   166  O OD1 . ASN A 1 21  ? -11.301 11.248  -17.301 1.00 34.35 ? 148 ASN A OD1 1 
ATOM   167  N ND2 . ASN A 1 21  ? -10.566 10.028  -19.027 1.00 37.34 ? 148 ASN A ND2 1 
ATOM   168  N N   . ASN A 1 22  ? -15.372 8.863   -15.435 1.00 24.39 ? 149 ASN A N   1 
ATOM   169  C CA  . ASN A 1 22  ? -16.613 8.147   -15.187 1.00 25.05 ? 149 ASN A CA  1 
ATOM   170  C C   . ASN A 1 22  ? -16.437 6.646   -14.981 1.00 28.03 ? 149 ASN A C   1 
ATOM   171  O O   . ASN A 1 22  ? -17.401 5.888   -15.091 1.00 24.90 ? 149 ASN A O   1 
ATOM   172  C CB  . ASN A 1 22  ? -17.640 8.401   -16.303 1.00 29.44 ? 149 ASN A CB  1 
ATOM   173  C CG  . ASN A 1 22  ? -19.044 8.046   -15.882 1.00 29.91 ? 149 ASN A CG  1 
ATOM   174  O OD1 . ASN A 1 22  ? -19.498 8.436   -14.801 1.00 32.28 ? 149 ASN A OD1 1 
ATOM   175  N ND2 . ASN A 1 22  ? -19.724 7.259   -16.707 1.00 30.65 ? 149 ASN A ND2 1 
ATOM   176  N N   . ILE A 1 23  ? -15.218 6.208   -14.687 1.00 25.54 ? 150 ILE A N   1 
ATOM   177  C CA  . ILE A 1 23  ? -15.007 4.803   -14.354 1.00 24.88 ? 150 ILE A CA  1 
ATOM   178  C C   . ILE A 1 23  ? -14.616 4.683   -12.896 1.00 25.74 ? 150 ILE A C   1 
ATOM   179  O O   . ILE A 1 23  ? -13.670 5.332   -12.447 1.00 24.02 ? 150 ILE A O   1 
ATOM   180  C CB  . ILE A 1 23  ? -13.918 4.140   -15.219 1.00 28.24 ? 150 ILE A CB  1 
ATOM   181  C CG1 . ILE A 1 23  ? -14.239 4.299   -16.710 1.00 31.18 ? 150 ILE A CG1 1 
ATOM   182  C CG2 . ILE A 1 23  ? -13.788 2.669   -14.851 1.00 22.62 ? 150 ILE A CG2 1 
ATOM   183  C CD1 . ILE A 1 23  ? -13.149 3.746   -17.620 1.00 30.73 ? 150 ILE A CD1 1 
ATOM   184  N N   . GLU A 1 24  ? -15.352 3.860   -12.157 1.00 24.84 ? 151 GLU A N   1 
ATOM   185  C CA  . GLU A 1 24  ? -15.077 3.653   -10.745 1.00 24.61 ? 151 GLU A CA  1 
ATOM   186  C C   . GLU A 1 24  ? -13.737 2.945   -10.515 1.00 23.94 ? 151 GLU A C   1 
ATOM   187  O O   . GLU A 1 24  ? -13.401 1.990   -11.197 1.00 24.47 ? 151 GLU A O   1 
ATOM   188  C CB  . GLU A 1 24  ? -16.223 2.876   -10.103 1.00 28.76 ? 151 GLU A CB  1 
ATOM   189  C CG  . GLU A 1 24  ? -16.089 2.714   -8.617  1.00 31.27 ? 151 GLU A CG  1 
ATOM   190  C CD  . GLU A 1 24  ? -17.301 2.042   -8.007  1.00 43.28 ? 151 GLU A CD  1 
ATOM   191  O OE1 . GLU A 1 24  ? -18.394 2.133   -8.616  1.00 41.54 ? 151 GLU A OE1 1 
ATOM   192  O OE2 . GLU A 1 24  ? -17.150 1.426   -6.927  1.00 44.37 ? 151 GLU A OE2 1 
ATOM   193  N N   . ILE A 1 25  ? -12.969 3.450   -9.559  1.00 21.08 ? 152 ILE A N   1 
ATOM   194  C CA  . ILE A 1 25  ? -11.659 2.917   -9.256  1.00 21.51 ? 152 ILE A CA  1 
ATOM   195  C C   . ILE A 1 25  ? -11.743 2.354   -7.846  1.00 24.36 ? 152 ILE A C   1 
ATOM   196  O O   . ILE A 1 25  ? -12.097 3.074   -6.913  1.00 24.41 ? 152 ILE A O   1 
ATOM   197  C CB  . ILE A 1 25  ? -10.592 4.032   -9.273  1.00 24.42 ? 152 ILE A CB  1 
ATOM   198  C CG1 . ILE A 1 25  ? -10.712 4.916   -10.531 1.00 23.05 ? 152 ILE A CG1 1 
ATOM   199  C CG2 . ILE A 1 25  ? -9.182  3.454   -9.098  1.00 25.28 ? 152 ILE A CG2 1 
ATOM   200  C CD1 . ILE A 1 25  ? -10.443 4.209   -11.851 1.00 20.94 ? 152 ILE A CD1 1 
ATOM   201  N N   . PRO A 1 26  ? -11.454 1.059   -7.683  1.00 27.57 ? 153 PRO A N   1 
ATOM   202  C CA  . PRO A 1 26  ? -11.497 0.467   -6.336  1.00 26.19 ? 153 PRO A CA  1 
ATOM   203  C C   . PRO A 1 26  ? -10.549 1.195   -5.381  1.00 27.31 ? 153 PRO A C   1 
ATOM   204  O O   . PRO A 1 26  ? -9.396  1.488   -5.715  1.00 26.07 ? 153 PRO A O   1 
ATOM   205  C CB  . PRO A 1 26  ? -11.039 -0.982  -6.569  1.00 26.15 ? 153 PRO A CB  1 
ATOM   206  C CG  . PRO A 1 26  ? -11.362 -1.261  -8.003  1.00 29.42 ? 153 PRO A CG  1 
ATOM   207  C CD  . PRO A 1 26  ? -11.187 0.054   -8.730  1.00 26.28 ? 153 PRO A CD  1 
ATOM   208  N N   . MET A 1 27  ? -11.060 1.531   -4.207  1.00 26.99 ? 154 MET A N   1 
ATOM   209  C CA  . MET A 1 27  ? -10.263 2.222   -3.207  1.00 31.91 ? 154 MET A CA  1 
ATOM   210  C C   . MET A 1 27  ? -10.866 1.870   -1.850  1.00 33.41 ? 154 MET A C   1 
ATOM   211  O O   . MET A 1 27  ? -12.084 1.805   -1.709  1.00 30.88 ? 154 MET A O   1 
ATOM   212  C CB  . MET A 1 27  ? -10.255 3.743   -3.462  1.00 25.52 ? 154 MET A CB  1 
ATOM   213  C CG  . MET A 1 27  ? -9.515  4.572   -2.402  1.00 26.44 ? 154 MET A CG  1 
ATOM   214  S SD  . MET A 1 27  ? -9.095  6.293   -2.847  1.00 33.18 ? 154 MET A SD  1 
ATOM   215  C CE  . MET A 1 27  ? -8.002  5.988   -4.231  1.00 27.67 ? 154 MET A CE  1 
ATOM   216  N N   . ARG A 1 28  ? -10.017 1.589   -0.866  1.00 30.75 ? 155 ARG A N   1 
ATOM   217  C CA  . ARG A 1 28  ? -10.512 1.314   0.478   1.00 33.42 ? 155 ARG A CA  1 
ATOM   218  C C   . ARG A 1 28  ? -10.992 2.600   1.117   1.00 28.94 ? 155 ARG A C   1 
ATOM   219  O O   . ARG A 1 28  ? -10.545 3.681   0.743   1.00 23.91 ? 155 ARG A O   1 
ATOM   220  C CB  . ARG A 1 28  ? -9.422  0.704   1.342   1.00 33.90 ? 155 ARG A CB  1 
ATOM   221  C CG  . ARG A 1 28  ? -9.090  -0.746  1.034   1.00 39.46 ? 155 ARG A CG  1 
ATOM   222  C CD  . ARG A 1 28  ? -7.844  -1.175  1.823   1.00 43.50 ? 155 ARG A CD  1 
ATOM   223  N NE  . ARG A 1 28  ? -6.686  -0.343  1.468   1.00 50.51 ? 155 ARG A NE  1 
ATOM   224  C CZ  . ARG A 1 28  ? -6.291  0.743   2.142   1.00 47.55 ? 155 ARG A CZ  1 
ATOM   225  N NH1 . ARG A 1 28  ? -6.954  1.138   3.240   1.00 48.69 ? 155 ARG A NH1 1 
ATOM   226  N NH2 . ARG A 1 28  ? -5.242  1.439   1.720   1.00 31.11 ? 155 ARG A NH2 1 
ATOM   227  N N   . ILE A 1 29  ? -11.895 2.474   2.088   1.00 27.06 ? 156 ILE A N   1 
ATOM   228  C CA  . ILE A 1 29  ? -12.533 3.642   2.697   1.00 29.90 ? 156 ILE A CA  1 
ATOM   229  C C   . ILE A 1 29  ? -11.576 4.658   3.344   1.00 26.49 ? 156 ILE A C   1 
ATOM   230  O O   . ILE A 1 29  ? -11.767 5.852   3.178   1.00 25.77 ? 156 ILE A O   1 
ATOM   231  C CB  . ILE A 1 29  ? -13.682 3.240   3.672   1.00 32.15 ? 156 ILE A CB  1 
ATOM   232  C CG1 . ILE A 1 29  ? -14.470 4.473   4.118   1.00 30.55 ? 156 ILE A CG1 1 
ATOM   233  C CG2 . ILE A 1 29  ? -13.150 2.437   4.864   1.00 31.27 ? 156 ILE A CG2 1 
ATOM   234  C CD1 . ILE A 1 29  ? -15.736 4.133   4.901   1.00 32.60 ? 156 ILE A CD1 1 
ATOM   235  N N   . LYS A 1 30  ? -10.545 4.194   4.050   1.00 28.75 ? 157 LYS A N   1 
ATOM   236  C CA  . LYS A 1 30  ? -9.550  5.102   4.645   1.00 28.41 ? 157 LYS A CA  1 
ATOM   237  C C   . LYS A 1 30  ? -8.797  5.931   3.609   1.00 25.90 ? 157 LYS A C   1 
ATOM   238  O O   . LYS A 1 30  ? -8.543  7.111   3.828   1.00 25.67 ? 157 LYS A O   1 
ATOM   239  C CB  . LYS A 1 30  ? -8.526  4.330   5.487   1.00 26.69 ? 157 LYS A CB  1 
ATOM   240  C CG  . LYS A 1 30  ? -8.946  4.105   6.904   1.00 36.19 ? 157 LYS A CG  1 
ATOM   241  C CD  . LYS A 1 30  ? -9.112  5.425   7.641   1.00 39.48 ? 157 LYS A CD  1 
ATOM   242  C CE  . LYS A 1 30  ? -10.358 5.386   8.496   1.00 39.06 ? 157 LYS A CE  1 
ATOM   243  N NZ  . LYS A 1 30  ? -10.708 6.706   9.098   1.00 38.83 ? 157 LYS A NZ  1 
ATOM   244  N N   . GLU A 1 31  ? -8.409  5.293   2.501   1.00 27.04 ? 158 GLU A N   1 
ATOM   245  C CA  . GLU A 1 31  ? -7.757  5.985   1.402   1.00 24.41 ? 158 GLU A CA  1 
ATOM   246  C C   . GLU A 1 31  ? -8.676  7.032   0.823   1.00 21.02 ? 158 GLU A C   1 
ATOM   247  O O   . GLU A 1 31  ? -8.239  8.124   0.485   1.00 22.44 ? 158 GLU A O   1 
ATOM   248  C CB  . GLU A 1 31  ? -7.434  5.023   0.265   1.00 30.33 ? 158 GLU A CB  1 
ATOM   249  C CG  . GLU A 1 31  ? -6.070  4.414   0.246   1.00 32.42 ? 158 GLU A CG  1 
ATOM   250  C CD  . GLU A 1 31  ? -5.914  3.503   -0.950  1.00 35.30 ? 158 GLU A CD  1 
ATOM   251  O OE1 . GLU A 1 31  ? -5.765  4.025   -2.087  1.00 34.62 ? 158 GLU A OE1 1 
ATOM   252  O OE2 . GLU A 1 31  ? -5.950  2.266   -0.760  1.00 34.61 ? 158 GLU A OE2 1 
ATOM   253  N N   . PHE A 1 32  ? -9.948  6.688   0.648   1.00 21.90 ? 159 PHE A N   1 
ATOM   254  C CA  . PHE A 1 32  ? -10.876 7.682   0.109   1.00 22.53 ? 159 PHE A CA  1 
ATOM   255  C C   . PHE A 1 32  ? -11.016 8.856   1.069   1.00 20.12 ? 159 PHE A C   1 
ATOM   256  O O   . PHE A 1 32  ? -11.002 10.014  0.656   1.00 19.67 ? 159 PHE A O   1 
ATOM   257  C CB  . PHE A 1 32  ? -12.275 7.119   -0.163  1.00 21.40 ? 159 PHE A CB  1 
ATOM   258  C CG  . PHE A 1 32  ? -13.242 8.172   -0.656  1.00 21.21 ? 159 PHE A CG  1 
ATOM   259  C CD1 . PHE A 1 32  ? -13.981 8.939   0.236   1.00 21.57 ? 159 PHE A CD1 1 
ATOM   260  C CD2 . PHE A 1 32  ? -13.359 8.439   -2.018  1.00 23.31 ? 159 PHE A CD2 1 
ATOM   261  C CE1 . PHE A 1 32  ? -14.843 9.925   -0.219  1.00 22.06 ? 159 PHE A CE1 1 
ATOM   262  C CE2 . PHE A 1 32  ? -14.227 9.419   -2.486  1.00 21.92 ? 159 PHE A CE2 1 
ATOM   263  C CZ  . PHE A 1 32  ? -14.962 10.170  -1.588  1.00 21.84 ? 159 PHE A CZ  1 
ATOM   264  N N   . GLU A 1 33  ? -11.193 8.547   2.347   1.00 20.54 ? 160 GLU A N   1 
ATOM   265  C CA  . GLU A 1 33  ? -11.412 9.589   3.345   1.00 22.15 ? 160 GLU A CA  1 
ATOM   266  C C   . GLU A 1 33  ? -10.180 10.489  3.445   1.00 21.67 ? 160 GLU A C   1 
ATOM   267  O O   . GLU A 1 33  ? -10.301 11.701  3.620   1.00 21.61 ? 160 GLU A O   1 
ATOM   268  C CB  . GLU A 1 33  ? -11.754 8.970   4.698   1.00 26.77 ? 160 GLU A CB  1 
ATOM   269  C CG  . GLU A 1 33  ? -13.138 8.297   4.740   1.00 24.63 ? 160 GLU A CG  1 
ATOM   270  C CD  . GLU A 1 33  ? -13.310 7.429   5.985   1.00 30.29 ? 160 GLU A CD  1 
ATOM   271  O OE1 . GLU A 1 33  ? -12.283 7.006   6.551   1.00 31.21 ? 160 GLU A OE1 1 
ATOM   272  O OE2 . GLU A 1 33  ? -14.456 7.158   6.394   1.00 31.27 ? 160 GLU A OE2 1 
ATOM   273  N N   . LEU A 1 34  ? -8.996  9.910   3.280   1.00 20.26 ? 161 LEU A N   1 
ATOM   274  C CA  . LEU A 1 34  ? -7.784  10.723  3.286   1.00 19.79 ? 161 LEU A CA  1 
ATOM   275  C C   . LEU A 1 34  ? -7.801  11.638  2.077   1.00 20.76 ? 161 LEU A C   1 
ATOM   276  O O   . LEU A 1 34  ? -7.589  12.851  2.193   1.00 22.09 ? 161 LEU A O   1 
ATOM   277  C CB  . LEU A 1 34  ? -6.533  9.842   3.291   1.00 17.67 ? 161 LEU A CB  1 
ATOM   278  C CG  . LEU A 1 34  ? -5.183  10.545  3.111   1.00 19.88 ? 161 LEU A CG  1 
ATOM   279  C CD1 . LEU A 1 34  ? -4.888  11.463  4.287   1.00 24.04 ? 161 LEU A CD1 1 
ATOM   280  C CD2 . LEU A 1 34  ? -4.069  9.506   2.964   1.00 17.70 ? 161 LEU A CD2 1 
ATOM   281  N N   . LEU A 1 35  ? -8.094  11.075  0.911   1.00 18.82 ? 162 LEU A N   1 
ATOM   282  C CA  . LEU A 1 35  ? -8.116  11.887  -0.296  1.00 22.05 ? 162 LEU A CA  1 
ATOM   283  C C   . LEU A 1 35  ? -9.185  12.986  -0.188  1.00 20.60 ? 162 LEU A C   1 
ATOM   284  O O   . LEU A 1 35  ? -8.971  14.134  -0.582  1.00 19.81 ? 162 LEU A O   1 
ATOM   285  C CB  . LEU A 1 35  ? -8.362  11.006  -1.517  1.00 18.57 ? 162 LEU A CB  1 
ATOM   286  C CG  . LEU A 1 35  ? -8.532  11.744  -2.855  1.00 22.07 ? 162 LEU A CG  1 
ATOM   287  C CD1 . LEU A 1 35  ? -7.292  12.549  -3.231  1.00 17.72 ? 162 LEU A CD1 1 
ATOM   288  C CD2 . LEU A 1 35  ? -8.806  10.738  -3.918  1.00 21.66 ? 162 LEU A CD2 1 
ATOM   289  N N   . TRP A 1 36  ? -10.336 12.629  0.361   1.00 21.09 ? 163 TRP A N   1 
ATOM   290  C CA  . TRP A 1 36  ? -11.438 13.585  0.497   1.00 23.65 ? 163 TRP A CA  1 
ATOM   291  C C   . TRP A 1 36  ? -11.049 14.765  1.397   1.00 21.89 ? 163 TRP A C   1 
ATOM   292  O O   . TRP A 1 36  ? -11.327 15.924  1.087   1.00 22.89 ? 163 TRP A O   1 
ATOM   293  C CB  . TRP A 1 36  ? -12.693 12.878  1.039   1.00 21.66 ? 163 TRP A CB  1 
ATOM   294  C CG  . TRP A 1 36  ? -13.853 13.823  1.253   1.00 28.11 ? 163 TRP A CG  1 
ATOM   295  C CD1 . TRP A 1 36  ? -14.214 14.440  2.428   1.00 27.46 ? 163 TRP A CD1 1 
ATOM   296  C CD2 . TRP A 1 36  ? -14.795 14.265  0.266   1.00 22.07 ? 163 TRP A CD2 1 
ATOM   297  N NE1 . TRP A 1 36  ? -15.327 15.233  2.229   1.00 26.28 ? 163 TRP A NE1 1 
ATOM   298  C CE2 . TRP A 1 36  ? -15.703 15.141  0.912   1.00 28.80 ? 163 TRP A CE2 1 
ATOM   299  C CE3 . TRP A 1 36  ? -14.960 14.003  -1.100  1.00 22.59 ? 163 TRP A CE3 1 
ATOM   300  C CZ2 . TRP A 1 36  ? -16.766 15.757  0.231   1.00 27.29 ? 163 TRP A CZ2 1 
ATOM   301  C CZ3 . TRP A 1 36  ? -16.025 14.608  -1.775  1.00 27.38 ? 163 TRP A CZ3 1 
ATOM   302  C CH2 . TRP A 1 36  ? -16.905 15.482  -1.110  1.00 28.41 ? 163 TRP A CH2 1 
ATOM   303  N N   . TYR A 1 37  ? -10.367 14.459  2.493   1.00 23.23 ? 164 TYR A N   1 
ATOM   304  C CA  . TYR A 1 37  ? -9.957  15.478  3.444   1.00 22.13 ? 164 TYR A CA  1 
ATOM   305  C C   . TYR A 1 37  ? -8.990  16.459  2.797   1.00 22.26 ? 164 TYR A C   1 
ATOM   306  O O   . TYR A 1 37  ? -9.104  17.664  2.997   1.00 18.56 ? 164 TYR A O   1 
ATOM   307  C CB  . TYR A 1 37  ? -9.310  14.837  4.680   1.00 23.22 ? 164 TYR A CB  1 
ATOM   308  C CG  . TYR A 1 37  ? -9.158  15.800  5.843   1.00 26.14 ? 164 TYR A CG  1 
ATOM   309  C CD1 . TYR A 1 37  ? -8.056  16.647  5.940   1.00 22.11 ? 164 TYR A CD1 1 
ATOM   310  C CD2 . TYR A 1 37  ? -10.137 15.875  6.834   1.00 26.94 ? 164 TYR A CD2 1 
ATOM   311  C CE1 . TYR A 1 37  ? -7.922  17.533  7.012   1.00 26.42 ? 164 TYR A CE1 1 
ATOM   312  C CE2 . TYR A 1 37  ? -10.014 16.741  7.897   1.00 26.97 ? 164 TYR A CE2 1 
ATOM   313  C CZ  . TYR A 1 37  ? -8.912  17.574  7.984   1.00 30.83 ? 164 TYR A CZ  1 
ATOM   314  O OH  . TYR A 1 37  ? -8.809  18.439  9.054   1.00 29.03 ? 164 TYR A OH  1 
ATOM   315  N N   . LEU A 1 38  ? -8.048  15.946  2.009   1.00 19.24 ? 165 LEU A N   1 
ATOM   316  C CA  . LEU A 1 38  ? -7.093  16.812  1.313   1.00 18.90 ? 165 LEU A CA  1 
ATOM   317  C C   . LEU A 1 38  ? -7.709  17.612  0.165   1.00 19.85 ? 165 LEU A C   1 
ATOM   318  O O   . LEU A 1 38  ? -7.478  18.816  0.047   1.00 21.19 ? 165 LEU A O   1 
ATOM   319  C CB  . LEU A 1 38  ? -5.883  16.003  0.823   1.00 17.08 ? 165 LEU A CB  1 
ATOM   320  C CG  . LEU A 1 38  ? -4.995  15.449  1.944   1.00 17.18 ? 165 LEU A CG  1 
ATOM   321  C CD1 . LEU A 1 38  ? -3.974  14.456  1.421   1.00 20.18 ? 165 LEU A CD1 1 
ATOM   322  C CD2 . LEU A 1 38  ? -4.285  16.568  2.698   1.00 19.39 ? 165 LEU A CD2 1 
ATOM   323  N N   . ALA A 1 39  ? -8.481  16.941  -0.680  1.00 19.27 ? 166 ALA A N   1 
ATOM   324  C CA  . ALA A 1 39  ? -9.112  17.573  -1.840  1.00 20.73 ? 166 ALA A CA  1 
ATOM   325  C C   . ALA A 1 39  ? -10.185 18.578  -1.421  1.00 23.52 ? 166 ALA A C   1 
ATOM   326  O O   . ALA A 1 39  ? -10.437 19.526  -2.149  1.00 24.67 ? 166 ALA A O   1 
ATOM   327  C CB  . ALA A 1 39  ? -9.710  16.527  -2.787  1.00 18.64 ? 166 ALA A CB  1 
ATOM   328  N N   . SER A 1 40  ? -10.813 18.355  -0.265  1.00 21.73 ? 167 SER A N   1 
ATOM   329  C CA  . SER A 1 40  ? -11.718 19.335  0.345   1.00 23.48 ? 167 SER A CA  1 
ATOM   330  C C   . SER A 1 40  ? -10.966 20.584  0.770   1.00 25.33 ? 167 SER A C   1 
ATOM   331  O O   . SER A 1 40  ? -11.584 21.606  1.074   1.00 25.79 ? 167 SER A O   1 
ATOM   332  C CB  . SER A 1 40  ? -12.383 18.766  1.610   1.00 19.51 ? 167 SER A CB  1 
ATOM   333  O OG  . SER A 1 40  ? -13.315 17.756  1.278   1.00 28.87 ? 167 SER A OG  1 
ATOM   334  N N   . ARG A 1 41  ? -9.640  20.484  0.846   1.00 22.71 ? 168 ARG A N   1 
ATOM   335  C CA  . ARG A 1 41  ? -8.805  21.611  1.246   1.00 23.43 ? 168 ARG A CA  1 
ATOM   336  C C   . ARG A 1 41  ? -7.735  21.866  0.185   1.00 25.45 ? 168 ARG A C   1 
ATOM   337  O O   . ARG A 1 41  ? -6.553  22.008  0.511   1.00 26.63 ? 168 ARG A O   1 
ATOM   338  C CB  . ARG A 1 41  ? -8.164  21.333  2.608   1.00 21.64 ? 168 ARG A CB  1 
ATOM   339  C CG  . ARG A 1 41  ? -9.149  21.327  3.756   1.00 24.50 ? 168 ARG A CG  1 
ATOM   340  C CD  . ARG A 1 41  ? -8.651  20.511  4.956   1.00 26.81 ? 168 ARG A CD  1 
ATOM   341  N NE  . ARG A 1 41  ? -9.651  20.481  6.024   1.00 27.75 ? 168 ARG A NE  1 
ATOM   342  C CZ  . ARG A 1 41  ? -10.677 19.635  6.074   1.00 30.30 ? 168 ARG A CZ  1 
ATOM   343  N NH1 . ARG A 1 41  ? -10.844 18.727  5.116   1.00 24.53 ? 168 ARG A NH1 1 
ATOM   344  N NH2 . ARG A 1 41  ? -11.545 19.699  7.079   1.00 25.53 ? 168 ARG A NH2 1 
ATOM   345  N N   . GLU A 1 42  ? -8.161  21.913  -1.077  1.00 24.42 ? 169 GLU A N   1 
ATOM   346  C CA  . GLU A 1 42  ? -7.261  22.084  -2.213  1.00 26.03 ? 169 GLU A CA  1 
ATOM   347  C C   . GLU A 1 42  ? -6.222  23.175  -1.948  1.00 27.51 ? 169 GLU A C   1 
ATOM   348  O O   . GLU A 1 42  ? -6.575  24.286  -1.576  1.00 27.74 ? 169 GLU A O   1 
ATOM   349  C CB  . GLU A 1 42  ? -8.049  22.418  -3.496  1.00 25.22 ? 169 GLU A CB  1 
ATOM   350  C CG  . GLU A 1 42  ? -7.149  22.467  -4.746  1.00 27.91 ? 169 GLU A CG  1 
ATOM   351  C CD  . GLU A 1 42  ? -7.848  22.963  -6.018  1.00 27.91 ? 169 GLU A CD  1 
ATOM   352  O OE1 . GLU A 1 42  ? -9.071  23.186  -5.994  1.00 31.50 ? 169 GLU A OE1 1 
ATOM   353  O OE2 . GLU A 1 42  ? -7.158  23.139  -7.052  1.00 30.92 ? 169 GLU A OE2 1 
ATOM   354  N N   . GLY A 1 43  ? -4.945  22.840  -2.103  1.00 25.79 ? 170 GLY A N   1 
ATOM   355  C CA  . GLY A 1 43  ? -3.880  23.816  -1.949  1.00 29.06 ? 170 GLY A CA  1 
ATOM   356  C C   . GLY A 1 43  ? -3.355  23.983  -0.531  1.00 27.45 ? 170 GLY A C   1 
ATOM   357  O O   . GLY A 1 43  ? -2.315  24.604  -0.327  1.00 28.60 ? 170 GLY A O   1 
ATOM   358  N N   . GLU A 1 44  ? -4.058  23.430  0.454   1.00 26.30 ? 171 GLU A N   1 
ATOM   359  C CA  . GLU A 1 44  ? -3.615  23.561  1.833   1.00 25.24 ? 171 GLU A CA  1 
ATOM   360  C C   . GLU A 1 44  ? -2.723  22.394  2.255   1.00 27.77 ? 171 GLU A C   1 
ATOM   361  O O   . GLU A 1 44  ? -3.040  21.237  1.981   1.00 26.79 ? 171 GLU A O   1 
ATOM   362  C CB  . GLU A 1 44  ? -4.808  23.661  2.770   1.00 27.73 ? 171 GLU A CB  1 
ATOM   363  C CG  . GLU A 1 44  ? -5.873  24.640  2.308   1.00 35.62 ? 171 GLU A CG  1 
ATOM   364  C CD  . GLU A 1 44  ? -6.906  24.895  3.376   1.00 38.84 ? 171 GLU A CD  1 
ATOM   365  O OE1 . GLU A 1 44  ? -6.527  24.817  4.566   1.00 45.50 ? 171 GLU A OE1 1 
ATOM   366  O OE2 . GLU A 1 44  ? -8.086  25.164  3.037   1.00 41.38 ? 171 GLU A OE2 1 
ATOM   367  N N   . VAL A 1 45  ? -1.616  22.698  2.928   1.00 27.55 ? 172 VAL A N   1 
ATOM   368  C CA  . VAL A 1 45  ? -0.701  21.662  3.387   1.00 21.76 ? 172 VAL A CA  1 
ATOM   369  C C   . VAL A 1 45  ? -1.202  21.135  4.716   1.00 26.11 ? 172 VAL A C   1 
ATOM   370  O O   . VAL A 1 45  ? -1.278  21.882  5.698   1.00 26.35 ? 172 VAL A O   1 
ATOM   371  C CB  . VAL A 1 45  ? 0.754   22.179  3.537   1.00 24.02 ? 172 VAL A CB  1 
ATOM   372  C CG1 . VAL A 1 45  ? 1.672   21.058  4.109   1.00 19.49 ? 172 VAL A CG1 1 
ATOM   373  C CG2 . VAL A 1 45  ? 1.285   22.680  2.196   1.00 26.32 ? 172 VAL A CG2 1 
ATOM   374  N N   . ILE A 1 46  ? -1.577  19.863  4.747   1.00 21.93 ? 173 ILE A N   1 
ATOM   375  C CA  . ILE A 1 46  ? -2.072  19.273  5.992   1.00 21.18 ? 173 ILE A CA  1 
ATOM   376  C C   . ILE A 1 46  ? -1.047  18.350  6.626   1.00 23.99 ? 173 ILE A C   1 
ATOM   377  O O   . ILE A 1 46  ? -0.612  17.380  6.001   1.00 24.06 ? 173 ILE A O   1 
ATOM   378  C CB  . ILE A 1 46  ? -3.377  18.485  5.761   1.00 22.04 ? 173 ILE A CB  1 
ATOM   379  C CG1 . ILE A 1 46  ? -4.365  19.331  4.947   1.00 25.06 ? 173 ILE A CG1 1 
ATOM   380  C CG2 . ILE A 1 46  ? -3.977  18.064  7.093   1.00 22.13 ? 173 ILE A CG2 1 
ATOM   381  C CD1 . ILE A 1 46  ? -4.716  20.683  5.608   1.00 24.91 ? 173 ILE A CD1 1 
ATOM   382  N N   . SER A 1 47  ? -0.686  18.636  7.875   1.00 24.12 ? 174 SER A N   1 
ATOM   383  C CA  . SER A 1 47  ? 0.315   17.843  8.584   1.00 26.18 ? 174 SER A CA  1 
ATOM   384  C C   . SER A 1 47  ? -0.152  16.419  8.824   1.00 27.85 ? 174 SER A C   1 
ATOM   385  O O   . SER A 1 47  ? -1.352  16.139  8.839   1.00 23.26 ? 174 SER A O   1 
ATOM   386  C CB  . SER A 1 47  ? 0.673   18.485  9.932   1.00 29.90 ? 174 SER A CB  1 
ATOM   387  O OG  . SER A 1 47  ? -0.468  18.568  10.783  1.00 31.09 ? 174 SER A OG  1 
ATOM   388  N N   . LYS A 1 48  ? 0.816   15.527  9.029   1.00 27.33 ? 175 LYS A N   1 
ATOM   389  C CA  . LYS A 1 48  ? 0.533   14.153  9.377   1.00 29.34 ? 175 LYS A CA  1 
ATOM   390  C C   . LYS A 1 48  ? -0.337  14.091  10.628  1.00 31.00 ? 175 LYS A C   1 
ATOM   391  O O   . LYS A 1 48  ? -1.275  13.284  10.703  1.00 28.65 ? 175 LYS A O   1 
ATOM   392  C CB  . LYS A 1 48  ? 1.835   13.385  9.610   1.00 30.65 ? 175 LYS A CB  1 
ATOM   393  C CG  . LYS A 1 48  ? 1.647   11.892  9.785   1.00 34.30 ? 175 LYS A CG  1 
ATOM   394  C CD  . LYS A 1 48  ? 2.971   11.164  10.084  1.00 39.13 ? 175 LYS A CD  1 
ATOM   395  C CE  . LYS A 1 48  ? 4.057   11.467  9.044   1.00 37.52 ? 175 LYS A CE  1 
ATOM   396  N NZ  . LYS A 1 48  ? 3.549   11.376  7.628   1.00 41.34 ? 175 LYS A NZ  1 
ATOM   397  N N   . SER A 1 49  ? -0.030  14.950  11.598  1.00 29.78 ? 176 SER A N   1 
ATOM   398  C CA  . SER A 1 49  ? -0.742  14.947  12.877  1.00 30.84 ? 176 SER A CA  1 
ATOM   399  C C   . SER A 1 49  ? -2.220  15.258  12.730  1.00 27.73 ? 176 SER A C   1 
ATOM   400  O O   . SER A 1 49  ? -3.049  14.586  13.342  1.00 29.20 ? 176 SER A O   1 
ATOM   401  C CB  . SER A 1 49  ? -0.106  15.919  13.869  1.00 33.27 ? 176 SER A CB  1 
ATOM   402  O OG  . SER A 1 49  ? 1.206   15.503  14.196  1.00 44.82 ? 176 SER A OG  1 
ATOM   403  N N   . GLU A 1 50  ? -2.552  16.274  11.933  1.00 30.16 ? 177 GLU A N   1 
ATOM   404  C CA  . GLU A 1 50  ? -3.956  16.612  11.685  1.00 29.05 ? 177 GLU A CA  1 
ATOM   405  C C   . GLU A 1 50  ? -4.661  15.494  10.930  1.00 27.61 ? 177 GLU A C   1 
ATOM   406  O O   . GLU A 1 50  ? -5.835  15.247  11.165  1.00 28.59 ? 177 GLU A O   1 
ATOM   407  C CB  . GLU A 1 50  ? -4.110  17.951  10.943  1.00 27.79 ? 177 GLU A CB  1 
ATOM   408  C CG  . GLU A 1 50  ? -5.538  18.230  10.416  1.00 25.71 ? 177 GLU A CG  1 
ATOM   409  C CD  . GLU A 1 50  ? -5.690  19.614  9.828   1.00 27.02 ? 177 GLU A CD  1 
ATOM   410  O OE1 . GLU A 1 50  ? -4.719  20.396  9.888   1.00 33.96 ? 177 GLU A OE1 1 
ATOM   411  O OE2 . GLU A 1 50  ? -6.773  19.934  9.301   1.00 30.88 ? 177 GLU A OE2 1 
ATOM   412  N N   . LEU A 1 51  ? -3.946  14.809  10.036  1.00 27.53 ? 178 LEU A N   1 
ATOM   413  C CA  . LEU A 1 51  ? -4.541  13.707  9.270   1.00 26.58 ? 178 LEU A CA  1 
ATOM   414  C C   . LEU A 1 51  ? -4.834  12.522  10.172  1.00 27.94 ? 178 LEU A C   1 
ATOM   415  O O   . LEU A 1 51  ? -5.909  11.941  10.112  1.00 30.84 ? 178 LEU A O   1 
ATOM   416  C CB  . LEU A 1 51  ? -3.642  13.272  8.101   1.00 24.45 ? 178 LEU A CB  1 
ATOM   417  C CG  . LEU A 1 51  ? -3.441  14.336  7.017   1.00 26.64 ? 178 LEU A CG  1 
ATOM   418  C CD1 . LEU A 1 51  ? -2.359  13.931  6.015   1.00 23.41 ? 178 LEU A CD1 1 
ATOM   419  C CD2 . LEU A 1 51  ? -4.759  14.658  6.299   1.00 20.43 ? 178 LEU A CD2 1 
ATOM   420  N N   . LEU A 1 52  ? -3.868  12.167  11.008  1.00 29.12 ? 179 LEU A N   1 
ATOM   421  C CA  . LEU A 1 52  ? -4.052  11.100  11.984  1.00 31.69 ? 179 LEU A CA  1 
ATOM   422  C C   . LEU A 1 52  ? -5.224  11.416  12.914  1.00 28.08 ? 179 LEU A C   1 
ATOM   423  O O   . LEU A 1 52  ? -6.077  10.574  13.162  1.00 32.54 ? 179 LEU A O   1 
ATOM   424  C CB  . LEU A 1 52  ? -2.764  10.889  12.789  1.00 26.31 ? 179 LEU A CB  1 
ATOM   425  C CG  . LEU A 1 52  ? -1.653  10.123  12.064  1.00 28.79 ? 179 LEU A CG  1 
ATOM   426  C CD1 . LEU A 1 52  ? -0.334  10.169  12.839  1.00 31.90 ? 179 LEU A CD1 1 
ATOM   427  C CD2 . LEU A 1 52  ? -2.086  8.674   11.827  1.00 32.38 ? 179 LEU A CD2 1 
ATOM   428  N N   . GLU A 1 53  ? -5.271  12.650  13.392  1.00 28.05 ? 180 GLU A N   1 
ATOM   429  C CA  . GLU A 1 53  ? -6.284  13.075  14.347  1.00 31.35 ? 180 GLU A CA  1 
ATOM   430  C C   . GLU A 1 53  ? -7.683  13.173  13.734  1.00 37.02 ? 180 GLU A C   1 
ATOM   431  O O   . GLU A 1 53  ? -8.670  12.810  14.373  1.00 39.77 ? 180 GLU A O   1 
ATOM   432  C CB  . GLU A 1 53  ? -5.867  14.413  14.968  1.00 33.33 ? 180 GLU A CB  1 
ATOM   433  C CG  . GLU A 1 53  ? -7.011  15.277  15.484  1.00 42.83 ? 180 GLU A CG  1 
ATOM   434  C CD  . GLU A 1 53  ? -6.515  16.549  16.173  1.00 53.82 ? 180 GLU A CD  1 
ATOM   435  O OE1 . GLU A 1 53  ? -7.348  17.428  16.503  1.00 51.12 ? 180 GLU A OE1 1 
ATOM   436  O OE2 . GLU A 1 53  ? -5.285  16.663  16.390  1.00 59.92 ? 180 GLU A OE2 1 
ATOM   437  N N   . LYS A 1 54  ? -7.768  13.652  12.492  1.00 33.26 ? 181 LYS A N   1 
ATOM   438  C CA  . LYS A 1 54  ? -9.061  13.960  11.886  1.00 31.56 ? 181 LYS A CA  1 
ATOM   439  C C   . LYS A 1 54  ? -9.552  12.928  10.871  1.00 35.18 ? 181 LYS A C   1 
ATOM   440  O O   . LYS A 1 54  ? -10.738 12.932  10.526  1.00 33.81 ? 181 LYS A O   1 
ATOM   441  C CB  . LYS A 1 54  ? -9.067  15.355  11.255  1.00 29.44 ? 181 LYS A CB  1 
ATOM   442  C CG  . LYS A 1 54  ? -9.043  16.515  12.256  1.00 37.55 ? 181 LYS A CG  1 
ATOM   443  C CD  . LYS A 1 54  ? -10.003 16.291  13.412  1.00 38.78 ? 181 LYS A CD  1 
ATOM   444  C CE  . LYS A 1 54  ? -10.645 17.600  13.866  1.00 44.27 ? 181 LYS A CE  1 
ATOM   445  N NZ  . LYS A 1 54  ? -9.630  18.641  14.171  1.00 48.30 ? 181 LYS A NZ  1 
ATOM   446  N N   . VAL A 1 55  ? -8.661  12.053  10.403  1.00 29.90 ? 182 VAL A N   1 
ATOM   447  C CA  . VAL A 1 55  ? -9.038  11.022  9.436   1.00 27.57 ? 182 VAL A CA  1 
ATOM   448  C C   . VAL A 1 55  ? -8.983  9.651   10.090  1.00 29.44 ? 182 VAL A C   1 
ATOM   449  O O   . VAL A 1 55  ? -9.802  8.785   9.787   1.00 29.53 ? 182 VAL A O   1 
ATOM   450  C CB  . VAL A 1 55  ? -8.146  11.059  8.150   1.00 31.54 ? 182 VAL A CB  1 
ATOM   451  C CG1 . VAL A 1 55  ? -8.361  9.828   7.274   1.00 27.97 ? 182 VAL A CG1 1 
ATOM   452  C CG2 . VAL A 1 55  ? -8.423  12.321  7.353   1.00 29.24 ? 182 VAL A CG2 1 
ATOM   453  N N   . TRP A 1 56  ? -8.034  9.461   11.005  1.00 28.14 ? 183 TRP A N   1 
ATOM   454  C CA  . TRP A 1 56  ? -7.954  8.218   11.768  1.00 36.30 ? 183 TRP A CA  1 
ATOM   455  C C   . TRP A 1 56  ? -8.505  8.399   13.179  1.00 40.75 ? 183 TRP A C   1 
ATOM   456  O O   . TRP A 1 56  ? -8.453  7.473   13.971  1.00 37.53 ? 183 TRP A O   1 
ATOM   457  C CB  . TRP A 1 56  ? -6.521  7.687   11.867  1.00 33.18 ? 183 TRP A CB  1 
ATOM   458  C CG  . TRP A 1 56  ? -6.081  6.881   10.681  1.00 35.22 ? 183 TRP A CG  1 
ATOM   459  C CD1 . TRP A 1 56  ? -6.058  5.522   10.577  1.00 34.46 ? 183 TRP A CD1 1 
ATOM   460  C CD2 . TRP A 1 56  ? -5.603  7.389   9.430   1.00 29.65 ? 183 TRP A CD2 1 
ATOM   461  N NE1 . TRP A 1 56  ? -5.593  5.149   9.334   1.00 35.46 ? 183 TRP A NE1 1 
ATOM   462  C CE2 . TRP A 1 56  ? -5.302  6.275   8.613   1.00 33.14 ? 183 TRP A CE2 1 
ATOM   463  C CE3 . TRP A 1 56  ? -5.400  8.674   8.921   1.00 27.05 ? 183 TRP A CE3 1 
ATOM   464  C CZ2 . TRP A 1 56  ? -4.807  6.409   7.311   1.00 34.03 ? 183 TRP A CZ2 1 
ATOM   465  C CZ3 . TRP A 1 56  ? -4.903  8.810   7.622   1.00 31.76 ? 183 TRP A CZ3 1 
ATOM   466  C CH2 . TRP A 1 56  ? -4.619  7.681   6.833   1.00 30.06 ? 183 TRP A CH2 1 
ATOM   467  N N   . GLY A 1 57  ? -9.035  9.586   13.469  1.00 35.46 ? 184 GLY A N   1 
ATOM   468  C CA  . GLY A 1 57  ? -9.578  9.925   14.775  1.00 37.80 ? 184 GLY A CA  1 
ATOM   469  C C   . GLY A 1 57  ? -10.233 8.794   15.549  1.00 46.23 ? 184 GLY A C   1 
ATOM   470  O O   . GLY A 1 57  ? -10.021 8.671   16.758  1.00 42.42 ? 184 GLY A O   1 
ATOM   471  N N   . TYR A 1 58  ? -10.996 7.956   14.840  1.00 45.70 ? 185 TYR A N   1 
ATOM   472  C CA  . TYR A 1 58  ? -11.732 6.837   15.443  1.00 46.09 ? 185 TYR A CA  1 
ATOM   473  C C   . TYR A 1 58  ? -11.090 5.466   15.173  1.00 50.07 ? 185 TYR A C   1 
ATOM   474  O O   . TYR A 1 58  ? -11.262 4.520   15.950  1.00 53.62 ? 185 TYR A O   1 
ATOM   475  C CB  . TYR A 1 58  ? -13.203 6.873   14.994  1.00 39.96 ? 185 TYR A CB  1 
ATOM   476  C CG  . TYR A 1 58  ? -13.851 8.212   15.317  1.00 39.05 ? 185 TYR A CG  1 
ATOM   477  C CD1 . TYR A 1 58  ? -14.440 8.437   16.551  1.00 39.80 ? 185 TYR A CD1 1 
ATOM   478  C CD2 . TYR A 1 58  ? -13.829 9.262   14.406  1.00 41.39 ? 185 TYR A CD2 1 
ATOM   479  C CE1 . TYR A 1 58  ? -15.017 9.665   16.861  1.00 40.24 ? 185 TYR A CE1 1 
ATOM   480  C CE2 . TYR A 1 58  ? -14.391 10.492  14.706  1.00 32.31 ? 185 TYR A CE2 1 
ATOM   481  C CZ  . TYR A 1 58  ? -14.980 10.688  15.935  1.00 40.25 ? 185 TYR A CZ  1 
ATOM   482  O OH  . TYR A 1 58  ? -15.550 11.908  16.243  1.00 45.49 ? 185 TYR A OH  1 
ATOM   483  N N   . ASP A 1 59  ? -10.330 5.371   14.083  1.00 52.45 ? 186 ASP A N   1 
ATOM   484  C CA  . ASP A 1 59  ? -9.653  4.125   13.716  1.00 50.48 ? 186 ASP A CA  1 
ATOM   485  C C   . ASP A 1 59  ? -8.259  4.079   14.310  1.00 49.75 ? 186 ASP A C   1 
ATOM   486  O O   . ASP A 1 59  ? -7.632  5.109   14.534  1.00 52.54 ? 186 ASP A O   1 
ATOM   487  C CB  . ASP A 1 59  ? -9.548  4.010   12.204  1.00 44.81 ? 186 ASP A CB  1 
ATOM   488  C CG  . ASP A 1 59  ? -10.837 4.338   11.521  1.00 45.51 ? 186 ASP A CG  1 
ATOM   489  O OD1 . ASP A 1 59  ? -11.255 5.513   11.588  1.00 49.61 ? 186 ASP A OD1 1 
ATOM   490  O OD2 . ASP A 1 59  ? -11.429 3.428   10.907  1.00 57.07 ? 186 ASP A OD2 1 
ATOM   491  N N   . TYR A 1 60  ? -7.740  2.893   14.560  1.00 44.22 ? 187 TYR A N   1 
ATOM   492  C CA  . TYR A 1 60  ? -6.454  2.882   15.221  1.00 50.11 ? 187 TYR A CA  1 
ATOM   493  C C   . TYR A 1 60  ? -5.281  2.552   14.312  1.00 47.56 ? 187 TYR A C   1 
ATOM   494  O O   . TYR A 1 60  ? -5.447  1.992   13.227  1.00 48.41 ? 187 TYR A O   1 
ATOM   495  C CB  . TYR A 1 60  ? -6.508  2.097   16.532  1.00 54.40 ? 187 TYR A CB  1 
ATOM   496  C CG  . TYR A 1 60  ? -7.287  2.888   17.571  1.00 59.13 ? 187 TYR A CG  1 
ATOM   497  C CD1 . TYR A 1 60  ? -6.633  3.743   18.460  1.00 52.34 ? 187 TYR A CD1 1 
ATOM   498  C CD2 . TYR A 1 60  ? -8.681  2.835   17.616  1.00 55.92 ? 187 TYR A CD2 1 
ATOM   499  C CE1 . TYR A 1 60  ? -7.339  4.491   19.386  1.00 54.93 ? 187 TYR A CE1 1 
ATOM   500  C CE2 . TYR A 1 60  ? -9.400  3.584   18.542  1.00 53.98 ? 187 TYR A CE2 1 
ATOM   501  C CZ  . TYR A 1 60  ? -8.721  4.406   19.425  1.00 57.90 ? 187 TYR A CZ  1 
ATOM   502  O OH  . TYR A 1 60  ? -9.427  5.139   20.345  1.00 55.29 ? 187 TYR A OH  1 
ATOM   503  N N   . TYR A 1 61  ? -4.102  2.981   14.742  1.00 46.98 ? 188 TYR A N   1 
ATOM   504  C CA  . TYR A 1 61  ? -2.894  2.850   13.946  1.00 51.42 ? 188 TYR A CA  1 
ATOM   505  C C   . TYR A 1 61  ? -1.746  2.595   14.898  1.00 46.65 ? 188 TYR A C   1 
ATOM   506  O O   . TYR A 1 61  ? -1.618  3.268   15.919  1.00 45.75 ? 188 TYR A O   1 
ATOM   507  C CB  . TYR A 1 61  ? -2.647  4.120   13.110  1.00 45.94 ? 188 TYR A CB  1 
ATOM   508  C CG  . TYR A 1 61  ? -2.416  5.387   13.924  1.00 47.20 ? 188 TYR A CG  1 
ATOM   509  C CD1 . TYR A 1 61  ? -3.488  6.085   14.500  1.00 39.90 ? 188 TYR A CD1 1 
ATOM   510  C CD2 . TYR A 1 61  ? -1.131  5.893   14.107  1.00 41.81 ? 188 TYR A CD2 1 
ATOM   511  C CE1 . TYR A 1 61  ? -3.283  7.242   15.247  1.00 32.57 ? 188 TYR A CE1 1 
ATOM   512  C CE2 . TYR A 1 61  ? -0.921  7.053   14.843  1.00 42.26 ? 188 TYR A CE2 1 
ATOM   513  C CZ  . TYR A 1 61  ? -2.000  7.717   15.417  1.00 37.23 ? 188 TYR A CZ  1 
ATOM   514  O OH  . TYR A 1 61  ? -1.775  8.864   16.151  1.00 34.53 ? 188 TYR A OH  1 
ATOM   515  N N   . GLU A 1 62  ? -0.930  1.598   14.580  1.00 52.01 ? 189 GLU A N   1 
ATOM   516  C CA  . GLU A 1 62  ? 0.251   1.301   15.378  1.00 50.55 ? 189 GLU A CA  1 
ATOM   517  C C   . GLU A 1 62  ? 1.336   2.321   15.073  1.00 51.91 ? 189 GLU A C   1 
ATOM   518  O O   . GLU A 1 62  ? 2.160   2.653   15.933  1.00 53.89 ? 189 GLU A O   1 
ATOM   519  C CB  . GLU A 1 62  ? 0.762   -0.111  15.071  1.00 49.70 ? 189 GLU A CB  1 
ATOM   520  C CG  . GLU A 1 62  ? 2.190   -0.370  15.541  1.00 56.24 ? 189 GLU A CG  1 
ATOM   521  C CD  . GLU A 1 62  ? 2.709   -1.730  15.127  1.00 56.90 ? 189 GLU A CD  1 
ATOM   522  O OE1 . GLU A 1 62  ? 1.876   -2.630  14.889  1.00 64.96 ? 189 GLU A OE1 1 
ATOM   523  O OE2 . GLU A 1 62  ? 3.945   -1.898  15.033  1.00 59.42 ? 189 GLU A OE2 1 
ATOM   524  N N   . ASP A 1 63  ? 1.304   2.842   13.849  1.00 45.33 ? 190 ASP A N   1 
ATOM   525  C CA  . ASP A 1 63  ? 2.447   3.548   13.293  1.00 43.44 ? 190 ASP A CA  1 
ATOM   526  C C   . ASP A 1 63  ? 1.981   4.760   12.502  1.00 42.97 ? 190 ASP A C   1 
ATOM   527  O O   . ASP A 1 63  ? 1.196   4.631   11.562  1.00 43.20 ? 190 ASP A O   1 
ATOM   528  C CB  . ASP A 1 63  ? 3.226   2.590   12.391  1.00 38.12 ? 190 ASP A CB  1 
ATOM   529  C CG  . ASP A 1 63  ? 4.501   3.202   11.831  1.00 47.83 ? 190 ASP A CG  1 
ATOM   530  O OD1 . ASP A 1 63  ? 4.657   4.447   11.846  1.00 41.25 ? 190 ASP A OD1 1 
ATOM   531  O OD2 . ASP A 1 63  ? 5.353   2.418   11.353  1.00 51.72 ? 190 ASP A OD2 1 
ATOM   532  N N   . ALA A 1 64  ? 2.491   5.932   12.876  1.00 35.51 ? 191 ALA A N   1 
ATOM   533  C CA  . ALA A 1 64  ? 2.137   7.185   12.217  1.00 39.57 ? 191 ALA A CA  1 
ATOM   534  C C   . ALA A 1 64  ? 2.419   7.132   10.724  1.00 38.62 ? 191 ALA A C   1 
ATOM   535  O O   . ALA A 1 64  ? 1.823   7.875   9.944   1.00 36.88 ? 191 ALA A O   1 
ATOM   536  C CB  . ALA A 1 64  ? 2.887   8.344   12.848  1.00 41.53 ? 191 ALA A CB  1 
ATOM   537  N N   . ASN A 1 65  ? 3.325   6.241   10.320  1.00 40.14 ? 192 ASN A N   1 
ATOM   538  C CA  . ASN A 1 65  ? 3.683   6.130   8.912   1.00 37.67 ? 192 ASN A CA  1 
ATOM   539  C C   . ASN A 1 65  ? 2.616   5.492   8.033   1.00 33.33 ? 192 ASN A C   1 
ATOM   540  O O   . ASN A 1 65  ? 2.805   5.346   6.824   1.00 33.60 ? 192 ASN A O   1 
ATOM   541  C CB  . ASN A 1 65  ? 5.018   5.424   8.731   1.00 38.48 ? 192 ASN A CB  1 
ATOM   542  C CG  . ASN A 1 65  ? 5.941   6.192   7.818   1.00 48.05 ? 192 ASN A CG  1 
ATOM   543  O OD1 . ASN A 1 65  ? 6.400   7.293   8.159   1.00 47.41 ? 192 ASN A OD1 1 
ATOM   544  N ND2 . ASN A 1 65  ? 6.202   5.635   6.641   1.00 47.21 ? 192 ASN A ND2 1 
ATOM   545  N N   . THR A 1 66  ? 1.500   5.117   8.645   1.00 32.14 ? 193 THR A N   1 
ATOM   546  C CA  . THR A 1 66  ? 0.328   4.716   7.893   1.00 30.00 ? 193 THR A CA  1 
ATOM   547  C C   . THR A 1 66  ? -0.137  5.867   6.993   1.00 27.33 ? 193 THR A C   1 
ATOM   548  O O   . THR A 1 66  ? -0.721  5.627   5.940   1.00 27.31 ? 193 THR A O   1 
ATOM   549  C CB  . THR A 1 66  ? -0.844  4.267   8.812   1.00 38.16 ? 193 THR A CB  1 
ATOM   550  O OG1 . THR A 1 66  ? -1.884  3.669   8.017   1.00 35.86 ? 193 THR A OG1 1 
ATOM   551  C CG2 . THR A 1 66  ? -1.421  5.446   9.582   1.00 35.17 ? 193 THR A CG2 1 
ATOM   552  N N   . VAL A 1 67  ? 0.117   7.110   7.397   1.00 29.24 ? 194 VAL A N   1 
ATOM   553  C CA  . VAL A 1 67  ? -0.275  8.248   6.567   1.00 31.06 ? 194 VAL A CA  1 
ATOM   554  C C   . VAL A 1 67  ? 0.481   8.222   5.234   1.00 27.34 ? 194 VAL A C   1 
ATOM   555  O O   . VAL A 1 67  ? -0.150  8.262   4.177   1.00 26.22 ? 194 VAL A O   1 
ATOM   556  C CB  . VAL A 1 67  ? -0.106  9.617   7.277   1.00 32.00 ? 194 VAL A CB  1 
ATOM   557  C CG1 . VAL A 1 67  ? -0.359  10.770  6.290   1.00 27.31 ? 194 VAL A CG1 1 
ATOM   558  C CG2 . VAL A 1 67  ? -1.066  9.728   8.476   1.00 26.88 ? 194 VAL A CG2 1 
ATOM   559  N N   . ASN A 1 68  ? 1.811   8.127   5.294   1.00 24.47 ? 195 ASN A N   1 
ATOM   560  C CA  . ASN A 1 68  ? 2.658   8.052   4.096   1.00 28.60 ? 195 ASN A CA  1 
ATOM   561  C C   . ASN A 1 68  ? 2.259   6.942   3.145   1.00 25.01 ? 195 ASN A C   1 
ATOM   562  O O   . ASN A 1 68  ? 2.163   7.150   1.932   1.00 22.43 ? 195 ASN A O   1 
ATOM   563  C CB  . ASN A 1 68  ? 4.118   7.825   4.479   1.00 31.87 ? 195 ASN A CB  1 
ATOM   564  C CG  . ASN A 1 68  ? 4.956   9.058   4.329   1.00 45.43 ? 195 ASN A CG  1 
ATOM   565  O OD1 . ASN A 1 68  ? 4.934   9.739   3.282   1.00 44.71 ? 195 ASN A OD1 1 
ATOM   566  N ND2 . ASN A 1 68  ? 5.708   9.380   5.385   1.00 39.63 ? 195 ASN A ND2 1 
ATOM   567  N N   . VAL A 1 69  ? 2.063   5.759   3.719   1.00 23.23 ? 196 VAL A N   1 
ATOM   568  C CA  . VAL A 1 69  ? 1.649   4.576   2.980   1.00 23.62 ? 196 VAL A CA  1 
ATOM   569  C C   . VAL A 1 69  ? 0.365   4.863   2.215   1.00 22.33 ? 196 VAL A C   1 
ATOM   570  O O   . VAL A 1 69  ? 0.262   4.540   1.042   1.00 24.13 ? 196 VAL A O   1 
ATOM   571  C CB  . VAL A 1 69  ? 1.436   3.353   3.915   1.00 27.64 ? 196 VAL A CB  1 
ATOM   572  C CG1 . VAL A 1 69  ? 0.797   2.209   3.154   1.00 23.39 ? 196 VAL A CG1 1 
ATOM   573  C CG2 . VAL A 1 69  ? 2.780   2.906   4.549   1.00 25.11 ? 196 VAL A CG2 1 
ATOM   574  N N   . HIS A 1 70  ? -0.603  5.497   2.871   1.00 20.05 ? 197 HIS A N   1 
ATOM   575  C CA  . HIS A 1 70  ? -1.872  5.797   2.213   1.00 22.88 ? 197 HIS A CA  1 
ATOM   576  C C   . HIS A 1 70  ? -1.735  6.867   1.131   1.00 20.32 ? 197 HIS A C   1 
ATOM   577  O O   . HIS A 1 70  ? -2.418  6.803   0.121   1.00 22.54 ? 197 HIS A O   1 
ATOM   578  C CB  . HIS A 1 70  ? -2.968  6.153   3.228   1.00 21.02 ? 197 HIS A CB  1 
ATOM   579  C CG  . HIS A 1 70  ? -3.540  4.956   3.922   1.00 28.09 ? 197 HIS A CG  1 
ATOM   580  N ND1 . HIS A 1 70  ? -2.834  4.234   4.862   1.00 27.92 ? 197 HIS A ND1 1 
ATOM   581  C CD2 . HIS A 1 70  ? -4.730  4.328   3.782   1.00 31.49 ? 197 HIS A CD2 1 
ATOM   582  C CE1 . HIS A 1 70  ? -3.571  3.222   5.283   1.00 31.44 ? 197 HIS A CE1 1 
ATOM   583  N NE2 . HIS A 1 70  ? -4.729  3.259   4.648   1.00 36.84 ? 197 HIS A NE2 1 
ATOM   584  N N   . ILE A 1 71  ? -0.853  7.837   1.335   1.00 22.15 ? 198 ILE A N   1 
ATOM   585  C CA  . ILE A 1 71  ? -0.613  8.857   0.311   1.00 24.61 ? 198 ILE A CA  1 
ATOM   586  C C   . ILE A 1 71  ? -0.088  8.178   -0.942  1.00 22.17 ? 198 ILE A C   1 
ATOM   587  O O   . ILE A 1 71  ? -0.547  8.456   -2.047  1.00 19.85 ? 198 ILE A O   1 
ATOM   588  C CB  . ILE A 1 71  ? 0.407   9.930   0.764   1.00 20.94 ? 198 ILE A CB  1 
ATOM   589  C CG1 . ILE A 1 71  ? -0.105  10.688  1.989   1.00 18.55 ? 198 ILE A CG1 1 
ATOM   590  C CG2 . ILE A 1 71  ? 0.706   10.915  -0.376  1.00 17.48 ? 198 ILE A CG2 1 
ATOM   591  C CD1 . ILE A 1 71  ? -1.388  11.470  1.748   1.00 21.50 ? 198 ILE A CD1 1 
ATOM   592  N N   . HIS A 1 72  ? 0.867   7.270   -0.753  1.00 20.07 ? 199 HIS A N   1 
ATOM   593  C CA  . HIS A 1 72  ? 1.435   6.528   -1.864  1.00 20.46 ? 199 HIS A CA  1 
ATOM   594  C C   . HIS A 1 72  ? 0.413   5.672   -2.581  1.00 22.98 ? 199 HIS A C   1 
ATOM   595  O O   . HIS A 1 72  ? 0.394   5.646   -3.803  1.00 19.70 ? 199 HIS A O   1 
ATOM   596  C CB  . HIS A 1 72  ? 2.627   5.688   -1.420  1.00 22.47 ? 199 HIS A CB  1 
ATOM   597  C CG  . HIS A 1 72  ? 3.867   6.492   -1.205  1.00 25.63 ? 199 HIS A CG  1 
ATOM   598  N ND1 . HIS A 1 72  ? 4.359   6.787   0.050   1.00 26.42 ? 199 HIS A ND1 1 
ATOM   599  C CD2 . HIS A 1 72  ? 4.711   7.075   -2.087  1.00 23.10 ? 199 HIS A CD2 1 
ATOM   600  C CE1 . HIS A 1 72  ? 5.456   7.512   -0.072  1.00 25.71 ? 199 HIS A CE1 1 
ATOM   601  N NE2 . HIS A 1 72  ? 5.690   7.701   -1.356  1.00 24.53 ? 199 HIS A NE2 1 
ATOM   602  N N   . ARG A 1 73  ? -0.452  5.001   -1.831  1.00 19.32 ? 200 ARG A N   1 
ATOM   603  C CA  . ARG A 1 73  ? -1.526  4.225   -2.433  1.00 20.59 ? 200 ARG A CA  1 
ATOM   604  C C   . ARG A 1 73  ? -2.443  5.073   -3.313  1.00 18.65 ? 200 ARG A C   1 
ATOM   605  O O   . ARG A 1 73  ? -2.853  4.641   -4.365  1.00 19.05 ? 200 ARG A O   1 
ATOM   606  C CB  . ARG A 1 73  ? -2.341  3.492   -1.362  1.00 19.65 ? 200 ARG A CB  1 
ATOM   607  C CG  . ARG A 1 73  ? -1.645  2.256   -0.821  1.00 24.14 ? 200 ARG A CG  1 
ATOM   608  C CD  . ARG A 1 73  ? -2.311  1.672   0.434   1.00 29.07 ? 200 ARG A CD  1 
ATOM   609  N NE  . ARG A 1 73  ? -1.556  0.501   0.892   1.00 28.37 ? 200 ARG A NE  1 
ATOM   610  C CZ  . ARG A 1 73  ? -1.959  -0.371  1.810   1.00 29.57 ? 200 ARG A CZ  1 
ATOM   611  N NH1 . ARG A 1 73  ? -3.135  -0.229  2.403   1.00 28.95 ? 200 ARG A NH1 1 
ATOM   612  N NH2 . ARG A 1 73  ? -1.168  -1.397  2.133   1.00 27.04 ? 200 ARG A NH2 1 
ATOM   613  N N   . ILE A 1 74  ? -2.776  6.272   -2.869  1.00 19.88 ? 201 ILE A N   1 
ATOM   614  C CA  . ILE A 1 74  ? -3.656  7.136   -3.663  1.00 21.24 ? 201 ILE A CA  1 
ATOM   615  C C   . ILE A 1 74  ? -2.979  7.574   -4.961  1.00 20.98 ? 201 ILE A C   1 
ATOM   616  O O   . ILE A 1 74  ? -3.556  7.466   -6.051  1.00 22.01 ? 201 ILE A O   1 
ATOM   617  C CB  . ILE A 1 74  ? -4.074  8.368   -2.873  1.00 20.89 ? 201 ILE A CB  1 
ATOM   618  C CG1 . ILE A 1 74  ? -4.998  7.954   -1.716  1.00 18.48 ? 201 ILE A CG1 1 
ATOM   619  C CG2 . ILE A 1 74  ? -4.773  9.390   -3.806  1.00 16.80 ? 201 ILE A CG2 1 
ATOM   620  C CD1 . ILE A 1 74  ? -5.147  9.054   -0.635  1.00 18.95 ? 201 ILE A CD1 1 
ATOM   621  N N   . ARG A 1 75  ? -1.742  8.043   -4.849  1.00 22.45 ? 202 ARG A N   1 
ATOM   622  C CA  . ARG A 1 75  ? -0.996  8.485   -6.024  1.00 22.35 ? 202 ARG A CA  1 
ATOM   623  C C   . ARG A 1 75  ? -0.762  7.331   -6.993  1.00 24.85 ? 202 ARG A C   1 
ATOM   624  O O   . ARG A 1 75  ? -0.838  7.536   -8.199  1.00 25.59 ? 202 ARG A O   1 
ATOM   625  C CB  . ARG A 1 75  ? 0.337   9.133   -5.627  1.00 24.01 ? 202 ARG A CB  1 
ATOM   626  C CG  . ARG A 1 75  ? 0.193   10.491  -4.952  1.00 26.05 ? 202 ARG A CG  1 
ATOM   627  C CD  . ARG A 1 75  ? 1.515   11.275  -4.963  1.00 26.66 ? 202 ARG A CD  1 
ATOM   628  N NE  . ARG A 1 75  ? 2.547   10.595  -4.190  1.00 26.59 ? 202 ARG A NE  1 
ATOM   629  C CZ  . ARG A 1 75  ? 3.221   11.139  -3.179  1.00 24.12 ? 202 ARG A CZ  1 
ATOM   630  N NH1 . ARG A 1 75  ? 3.008   12.401  -2.813  1.00 21.83 ? 202 ARG A NH1 1 
ATOM   631  N NH2 . ARG A 1 75  ? 4.129   10.416  -2.536  1.00 25.37 ? 202 ARG A NH2 1 
ATOM   632  N N   . GLU A 1 76  ? -0.511  6.124   -6.475  1.00 23.04 ? 203 GLU A N   1 
ATOM   633  C CA  . GLU A 1 76  ? -0.316  4.966   -7.348  1.00 25.97 ? 203 GLU A CA  1 
ATOM   634  C C   . GLU A 1 76  ? -1.562  4.725   -8.156  1.00 21.93 ? 203 GLU A C   1 
ATOM   635  O O   . GLU A 1 76  ? -1.478  4.374   -9.325  1.00 22.17 ? 203 GLU A O   1 
ATOM   636  C CB  . GLU A 1 76  ? -0.064  3.638   -6.619  1.00 27.98 ? 203 GLU A CB  1 
ATOM   637  C CG  . GLU A 1 76  ? 0.884   3.551   -5.469  1.00 36.62 ? 203 GLU A CG  1 
ATOM   638  C CD  . GLU A 1 76  ? 2.337   3.697   -5.824  1.00 42.59 ? 203 GLU A CD  1 
ATOM   639  O OE1 . GLU A 1 76  ? 2.628   4.415   -6.809  1.00 47.16 ? 203 GLU A OE1 1 
ATOM   640  O OE2 . GLU A 1 76  ? 3.185   3.100   -5.096  1.00 30.88 ? 203 GLU A OE2 1 
ATOM   641  N N   . LYS A 1 77  ? -2.721  4.843   -7.518  1.00 20.35 ? 204 LYS A N   1 
ATOM   642  C CA  . LYS A 1 77  ? -3.964  4.580   -8.235  1.00 24.06 ? 204 LYS A CA  1 
ATOM   643  C C   . LYS A 1 77  ? -4.239  5.646   -9.292  1.00 23.72 ? 204 LYS A C   1 
ATOM   644  O O   . LYS A 1 77  ? -4.636  5.313   -10.413 1.00 24.12 ? 204 LYS A O   1 
ATOM   645  C CB  . LYS A 1 77  ? -5.153  4.410   -7.293  1.00 19.07 ? 204 LYS A CB  1 
ATOM   646  C CG  . LYS A 1 77  ? -5.106  3.121   -6.467  1.00 26.43 ? 204 LYS A CG  1 
ATOM   647  C CD  . LYS A 1 77  ? -6.350  2.990   -5.594  1.00 32.09 ? 204 LYS A CD  1 
ATOM   648  C CE  . LYS A 1 77  ? -6.268  1.802   -4.634  1.00 29.19 ? 204 LYS A CE  1 
ATOM   649  N NZ  . LYS A 1 77  ? -5.168  2.010   -3.648  1.00 34.18 ? 204 LYS A NZ  1 
ATOM   650  N N   . LEU A 1 78  ? -4.018  6.915   -8.952  1.00 20.38 ? 205 LEU A N   1 
ATOM   651  C CA  . LEU A 1 78  ? -4.236  7.996   -9.923  1.00 26.23 ? 205 LEU A CA  1 
ATOM   652  C C   . LEU A 1 78  ? -3.310  7.830   -11.134 1.00 24.54 ? 205 LEU A C   1 
ATOM   653  O O   . LEU A 1 78  ? -3.734  7.914   -12.298 1.00 24.21 ? 205 LEU A O   1 
ATOM   654  C CB  . LEU A 1 78  ? -3.995  9.375   -9.288  1.00 23.25 ? 205 LEU A CB  1 
ATOM   655  C CG  . LEU A 1 78  ? -4.884  9.766   -8.107  1.00 26.39 ? 205 LEU A CG  1 
ATOM   656  C CD1 . LEU A 1 78  ? -4.524  11.149  -7.580  1.00 22.91 ? 205 LEU A CD1 1 
ATOM   657  C CD2 . LEU A 1 78  ? -6.363  9.692   -8.477  1.00 23.01 ? 205 LEU A CD2 1 
ATOM   658  N N   . GLU A 1 79  ? -2.042  7.583   -10.837 1.00 21.22 ? 206 GLU A N   1 
ATOM   659  C CA  . GLU A 1 79  ? -1.022  7.461   -11.864 1.00 30.20 ? 206 GLU A CA  1 
ATOM   660  C C   . GLU A 1 79  ? -1.241  6.238   -12.739 1.00 27.87 ? 206 GLU A C   1 
ATOM   661  O O   . GLU A 1 79  ? -1.073  6.305   -13.950 1.00 28.93 ? 206 GLU A O   1 
ATOM   662  C CB  . GLU A 1 79  ? 0.370   7.464   -11.221 1.00 28.96 ? 206 GLU A CB  1 
ATOM   663  C CG  . GLU A 1 79  ? 0.710   8.853   -10.709 1.00 31.12 ? 206 GLU A CG  1 
ATOM   664  C CD  . GLU A 1 79  ? 1.773   8.883   -9.628  1.00 34.15 ? 206 GLU A CD  1 
ATOM   665  O OE1 . GLU A 1 79  ? 2.455   7.852   -9.423  1.00 36.06 ? 206 GLU A OE1 1 
ATOM   666  O OE2 . GLU A 1 79  ? 1.912   9.957   -8.983  1.00 36.50 ? 206 GLU A OE2 1 
ATOM   667  N N   . LYS A 1 80  ? -1.637  5.130   -12.123 1.00 26.13 ? 207 LYS A N   1 
ATOM   668  C CA  . LYS A 1 80  ? -1.864  3.888   -12.852 1.00 28.73 ? 207 LYS A CA  1 
ATOM   669  C C   . LYS A 1 80  ? -3.021  4.021   -13.848 1.00 28.04 ? 207 LYS A C   1 
ATOM   670  O O   . LYS A 1 80  ? -3.016  3.367   -14.892 1.00 26.95 ? 207 LYS A O   1 
ATOM   671  C CB  . LYS A 1 80  ? -2.102  2.747   -11.856 1.00 29.15 ? 207 LYS A CB  1 
ATOM   672  C CG  . LYS A 1 80  ? -2.980  1.620   -12.327 1.00 38.37 ? 207 LYS A CG  1 
ATOM   673  C CD  . LYS A 1 80  ? -2.221  0.664   -13.223 1.00 40.35 ? 207 LYS A CD  1 
ATOM   674  C CE  . LYS A 1 80  ? -2.947  -0.668  -13.337 1.00 44.21 ? 207 LYS A CE  1 
ATOM   675  N NZ  . LYS A 1 80  ? -2.505  -1.398  -14.560 1.00 49.92 ? 207 LYS A NZ  1 
ATOM   676  N N   . HIS A 1 81  ? -3.993  4.880   -13.545 1.00 24.69 ? 208 HIS A N   1 
ATOM   677  C CA  . HIS A 1 81  ? -5.129  5.086   -14.451 1.00 25.86 ? 208 HIS A CA  1 
ATOM   678  C C   . HIS A 1 81  ? -4.997  6.373   -15.260 1.00 28.74 ? 208 HIS A C   1 
ATOM   679  O O   . HIS A 1 81  ? -5.978  6.914   -15.777 1.00 31.50 ? 208 HIS A O   1 
ATOM   680  C CB  . HIS A 1 81  ? -6.449  4.989   -13.677 1.00 26.87 ? 208 HIS A CB  1 
ATOM   681  C CG  . HIS A 1 81  ? -6.638  3.651   -13.033 1.00 22.32 ? 208 HIS A CG  1 
ATOM   682  N ND1 . HIS A 1 81  ? -6.521  3.451   -11.674 1.00 27.46 ? 208 HIS A ND1 1 
ATOM   683  C CD2 . HIS A 1 81  ? -6.848  2.425   -13.576 1.00 23.78 ? 208 HIS A CD2 1 
ATOM   684  C CE1 . HIS A 1 81  ? -6.670  2.165   -11.403 1.00 27.84 ? 208 HIS A CE1 1 
ATOM   685  N NE2 . HIS A 1 81  ? -6.875  1.523   -12.540 1.00 30.78 ? 208 HIS A NE2 1 
ATOM   686  N N   . ASP A 1 82  ? -3.756  6.843   -15.366 1.00 27.14 ? 209 ASP A N   1 
ATOM   687  C CA  . ASP A 1 82  ? -3.398  7.951   -16.244 1.00 30.71 ? 209 ASP A CA  1 
ATOM   688  C C   . ASP A 1 82  ? -4.092  9.255   -15.893 1.00 31.11 ? 209 ASP A C   1 
ATOM   689  O O   . ASP A 1 82  ? -4.434  10.055  -16.772 1.00 29.35 ? 209 ASP A O   1 
ATOM   690  C CB  . ASP A 1 82  ? -3.635  7.555   -17.707 1.00 32.04 ? 209 ASP A CB  1 
ATOM   691  C CG  . ASP A 1 82  ? -2.787  6.359   -18.115 1.00 30.67 ? 209 ASP A CG  1 
ATOM   692  O OD1 . ASP A 1 82  ? -1.543  6.506   -18.203 1.00 31.06 ? 209 ASP A OD1 1 
ATOM   693  O OD2 . ASP A 1 82  ? -3.357  5.270   -18.305 1.00 29.76 ? 209 ASP A OD2 1 
ATOM   694  N N   . PHE A 1 83  ? -4.306  9.468   -14.601 1.00 26.35 ? 210 PHE A N   1 
ATOM   695  C CA  . PHE A 1 83  ? -4.822  10.749  -14.162 1.00 24.52 ? 210 PHE A CA  1 
ATOM   696  C C   . PHE A 1 83  ? -3.660  11.664  -13.793 1.00 24.87 ? 210 PHE A C   1 
ATOM   697  O O   . PHE A 1 83  ? -2.983  11.456  -12.788 1.00 27.14 ? 210 PHE A O   1 
ATOM   698  C CB  . PHE A 1 83  ? -5.834  10.611  -13.013 1.00 25.17 ? 210 PHE A CB  1 
ATOM   699  C CG  . PHE A 1 83  ? -6.392  11.924  -12.577 1.00 25.14 ? 210 PHE A CG  1 
ATOM   700  C CD1 . PHE A 1 83  ? -7.365  12.561  -13.338 1.00 24.09 ? 210 PHE A CD1 1 
ATOM   701  C CD2 . PHE A 1 83  ? -5.898  12.565  -11.452 1.00 23.79 ? 210 PHE A CD2 1 
ATOM   702  C CE1 . PHE A 1 83  ? -7.855  13.804  -12.962 1.00 24.86 ? 210 PHE A CE1 1 
ATOM   703  C CE2 . PHE A 1 83  ? -6.391  13.814  -11.075 1.00 26.06 ? 210 PHE A CE2 1 
ATOM   704  C CZ  . PHE A 1 83  ? -7.357  14.431  -11.835 1.00 22.82 ? 210 PHE A CZ  1 
ATOM   705  N N   . LEU A 1 84  ? -3.443  12.673  -14.627 1.00 25.42 ? 211 LEU A N   1 
ATOM   706  C CA  . LEU A 1 84  ? -2.271  13.540  -14.561 1.00 25.67 ? 211 LEU A CA  1 
ATOM   707  C C   . LEU A 1 84  ? -2.422  14.940  -13.944 1.00 24.58 ? 211 LEU A C   1 
ATOM   708  O O   . LEU A 1 84  ? -1.473  15.417  -13.324 1.00 23.61 ? 211 LEU A O   1 
ATOM   709  C CB  . LEU A 1 84  ? -1.666  13.701  -15.969 1.00 23.46 ? 211 LEU A CB  1 
ATOM   710  C CG  . LEU A 1 84  ? -1.225  12.403  -16.653 1.00 31.67 ? 211 LEU A CG  1 
ATOM   711  C CD1 . LEU A 1 84  ? -0.555  12.649  -18.011 1.00 28.90 ? 211 LEU A CD1 1 
ATOM   712  C CD2 . LEU A 1 84  ? -0.287  11.648  -15.736 1.00 31.44 ? 211 LEU A CD2 1 
ATOM   713  N N   . PRO A 1 85  ? -3.580  15.620  -14.138 1.00 24.54 ? 212 PRO A N   1 
ATOM   714  C CA  . PRO A 1 85  ? -3.584  17.059  -13.823 1.00 23.89 ? 212 PRO A CA  1 
ATOM   715  C C   . PRO A 1 85  ? -3.705  17.484  -12.342 1.00 27.47 ? 212 PRO A C   1 
ATOM   716  O O   . PRO A 1 85  ? -3.521  18.669  -12.048 1.00 23.59 ? 212 PRO A O   1 
ATOM   717  C CB  . PRO A 1 85  ? -4.780  17.587  -14.627 1.00 23.39 ? 212 PRO A CB  1 
ATOM   718  C CG  . PRO A 1 85  ? -5.710  16.422  -14.714 1.00 24.53 ? 212 PRO A CG  1 
ATOM   719  C CD  . PRO A 1 85  ? -4.834  15.205  -14.806 1.00 26.17 ? 212 PRO A CD  1 
ATOM   720  N N   . TYR A 1 86  ? -4.024  16.561  -11.441 1.00 25.23 ? 213 TYR A N   1 
ATOM   721  C CA  . TYR A 1 86  ? -3.992  16.845  -10.005 1.00 23.48 ? 213 TYR A CA  1 
ATOM   722  C C   . TYR A 1 86  ? -3.268  15.709  -9.311  1.00 25.52 ? 213 TYR A C   1 
ATOM   723  O O   . TYR A 1 86  ? -3.297  14.574  -9.775  1.00 22.83 ? 213 TYR A O   1 
ATOM   724  C CB  . TYR A 1 86  ? -5.399  16.944  -9.421  1.00 24.60 ? 213 TYR A CB  1 
ATOM   725  C CG  . TYR A 1 86  ? -6.113  18.207  -9.791  1.00 27.13 ? 213 TYR A CG  1 
ATOM   726  C CD1 . TYR A 1 86  ? -6.721  18.329  -11.034 1.00 25.42 ? 213 TYR A CD1 1 
ATOM   727  C CD2 . TYR A 1 86  ? -6.175  19.285  -8.908  1.00 23.18 ? 213 TYR A CD2 1 
ATOM   728  C CE1 . TYR A 1 86  ? -7.367  19.472  -11.397 1.00 26.45 ? 213 TYR A CE1 1 
ATOM   729  C CE2 . TYR A 1 86  ? -6.833  20.445  -9.265  1.00 23.46 ? 213 TYR A CE2 1 
ATOM   730  C CZ  . TYR A 1 86  ? -7.425  20.527  -10.520 1.00 27.89 ? 213 TYR A CZ  1 
ATOM   731  O OH  . TYR A 1 86  ? -8.083  21.656  -10.928 1.00 31.04 ? 213 TYR A OH  1 
ATOM   732  N N   . THR A 1 87  ? -2.636  16.009  -8.186  1.00 25.31 ? 214 THR A N   1 
ATOM   733  C CA  . THR A 1 87  ? -1.886  15.005  -7.461  1.00 20.70 ? 214 THR A CA  1 
ATOM   734  C C   . THR A 1 87  ? -1.843  15.397  -5.984  1.00 26.91 ? 214 THR A C   1 
ATOM   735  O O   . THR A 1 87  ? -2.415  16.418  -5.579  1.00 21.26 ? 214 THR A O   1 
ATOM   736  C CB  . THR A 1 87  ? -0.465  14.871  -8.041  1.00 25.94 ? 214 THR A CB  1 
ATOM   737  O OG1 . THR A 1 87  ? 0.220   13.775  -7.425  1.00 27.48 ? 214 THR A OG1 1 
ATOM   738  C CG2 . THR A 1 87  ? 0.328   16.142  -7.841  1.00 21.97 ? 214 THR A CG2 1 
ATOM   739  N N   . ILE A 1 88  ? -1.206  14.568  -5.167  1.00 20.72 ? 215 ILE A N   1 
ATOM   740  C CA  . ILE A 1 88  ? -0.946  14.954  -3.792  1.00 23.44 ? 215 ILE A CA  1 
ATOM   741  C C   . ILE A 1 88  ? 0.539   15.237  -3.725  1.00 20.36 ? 215 ILE A C   1 
ATOM   742  O O   . ILE A 1 88  ? 1.361   14.372  -4.032  1.00 21.97 ? 215 ILE A O   1 
ATOM   743  C CB  . ILE A 1 88  ? -1.328  13.845  -2.778  1.00 19.77 ? 215 ILE A CB  1 
ATOM   744  C CG1 . ILE A 1 88  ? -2.848  13.604  -2.775  1.00 16.87 ? 215 ILE A CG1 1 
ATOM   745  C CG2 . ILE A 1 88  ? -0.847  14.217  -1.383  1.00 18.61 ? 215 ILE A CG2 1 
ATOM   746  C CD1 . ILE A 1 88  ? -3.283  12.309  -2.014  1.00 16.67 ? 215 ILE A CD1 1 
ATOM   747  N N   . THR A 1 89  ? 0.883   16.453  -3.334  1.00 19.43 ? 216 THR A N   1 
ATOM   748  C CA  . THR A 1 89  ? 2.276   16.848  -3.227  1.00 21.76 ? 216 THR A CA  1 
ATOM   749  C C   . THR A 1 89  ? 2.743   16.624  -1.803  1.00 25.21 ? 216 THR A C   1 
ATOM   750  O O   . THR A 1 89  ? 2.100   17.086  -0.869  1.00 20.81 ? 216 THR A O   1 
ATOM   751  C CB  . THR A 1 89  ? 2.434   18.337  -3.552  1.00 23.56 ? 216 THR A CB  1 
ATOM   752  O OG1 . THR A 1 89  ? 2.061   18.562  -4.912  1.00 23.61 ? 216 THR A OG1 1 
ATOM   753  C CG2 . THR A 1 89  ? 3.865   18.816  -3.324  1.00 26.39 ? 216 THR A CG2 1 
ATOM   754  N N   . THR A 1 90  ? 3.867   15.932  -1.642  1.00 22.30 ? 217 THR A N   1 
ATOM   755  C CA  . THR A 1 90  ? 4.481   15.763  -0.337  1.00 22.88 ? 217 THR A CA  1 
ATOM   756  C C   . THR A 1 90  ? 5.368   16.972  -0.033  1.00 24.92 ? 217 THR A C   1 
ATOM   757  O O   . THR A 1 90  ? 6.297   17.273  -0.776  1.00 25.22 ? 217 THR A O   1 
ATOM   758  C CB  . THR A 1 90  ? 5.325   14.454  -0.274  1.00 26.70 ? 217 THR A CB  1 
ATOM   759  O OG1 . THR A 1 90  ? 4.468   13.309  -0.404  1.00 27.12 ? 217 THR A OG1 1 
ATOM   760  C CG2 . THR A 1 90  ? 6.106   14.357  1.059   1.00 29.95 ? 217 THR A CG2 1 
ATOM   761  N N   . VAL A 1 91  ? 5.071   17.687  1.045   1.00 24.47 ? 218 VAL A N   1 
ATOM   762  C CA  . VAL A 1 91  ? 5.918   18.803  1.452   1.00 25.51 ? 218 VAL A CA  1 
ATOM   763  C C   . VAL A 1 91  ? 6.752   18.313  2.628   1.00 27.44 ? 218 VAL A C   1 
ATOM   764  O O   . VAL A 1 91  ? 6.246   18.186  3.742   1.00 27.44 ? 218 VAL A O   1 
ATOM   765  C CB  . VAL A 1 91  ? 5.086   20.038  1.829   1.00 24.21 ? 218 VAL A CB  1 
ATOM   766  C CG1 . VAL A 1 91  ? 5.997   21.220  2.122   1.00 25.59 ? 218 VAL A CG1 1 
ATOM   767  C CG2 . VAL A 1 91  ? 4.141   20.380  0.684   1.00 29.13 ? 218 VAL A CG2 1 
ATOM   768  N N   . TRP A 1 92  ? 8.021   18.002  2.361   1.00 26.56 ? 219 TRP A N   1 
ATOM   769  C CA  . TRP A 1 92  ? 8.824   17.169  3.267   1.00 26.39 ? 219 TRP A CA  1 
ATOM   770  C C   . TRP A 1 92  ? 8.901   17.685  4.699   1.00 25.91 ? 219 TRP A C   1 
ATOM   771  O O   . TRP A 1 92  ? 9.298   18.815  4.923   1.00 26.85 ? 219 TRP A O   1 
ATOM   772  C CB  . TRP A 1 92  ? 10.243  16.998  2.730   1.00 33.00 ? 219 TRP A CB  1 
ATOM   773  C CG  . TRP A 1 92  ? 10.937  15.852  3.347   1.00 31.31 ? 219 TRP A CG  1 
ATOM   774  C CD1 . TRP A 1 92  ? 11.901  15.898  4.304   1.00 32.96 ? 219 TRP A CD1 1 
ATOM   775  C CD2 . TRP A 1 92  ? 10.708  14.465  3.069   1.00 36.78 ? 219 TRP A CD2 1 
ATOM   776  N NE1 . TRP A 1 92  ? 12.300  14.624  4.636   1.00 40.44 ? 219 TRP A NE1 1 
ATOM   777  C CE2 . TRP A 1 92  ? 11.579  13.726  3.892   1.00 41.41 ? 219 TRP A CE2 1 
ATOM   778  C CE3 . TRP A 1 92  ? 9.859   13.779  2.195   1.00 37.78 ? 219 TRP A CE3 1 
ATOM   779  C CZ2 . TRP A 1 92  ? 11.627  12.331  3.867   1.00 43.76 ? 219 TRP A CZ2 1 
ATOM   780  C CZ3 . TRP A 1 92  ? 9.904   12.398  2.174   1.00 44.49 ? 219 TRP A CZ3 1 
ATOM   781  C CH2 . TRP A 1 92  ? 10.782  11.686  3.007   1.00 44.31 ? 219 TRP A CH2 1 
ATOM   782  N N   . GLY A 1 93  ? 8.514   16.851  5.661   1.00 27.18 ? 220 GLY A N   1 
ATOM   783  C CA  . GLY A 1 93  ? 8.524   17.244  7.060   1.00 27.30 ? 220 GLY A CA  1 
ATOM   784  C C   . GLY A 1 93  ? 7.354   18.117  7.487   1.00 29.21 ? 220 GLY A C   1 
ATOM   785  O O   . GLY A 1 93  ? 7.148   18.353  8.677   1.00 31.09 ? 220 GLY A O   1 
ATOM   786  N N   . LEU A 1 94  ? 6.563   18.587  6.528   1.00 24.38 ? 221 LEU A N   1 
ATOM   787  C CA  . LEU A 1 94  ? 5.531   19.581  6.843   1.00 27.63 ? 221 LEU A CA  1 
ATOM   788  C C   . LEU A 1 94  ? 4.120   19.048  6.618   1.00 26.00 ? 221 LEU A C   1 
ATOM   789  O O   . LEU A 1 94  ? 3.211   19.365  7.382   1.00 27.21 ? 221 LEU A O   1 
ATOM   790  C CB  . LEU A 1 94  ? 5.753   20.858  6.025   1.00 23.79 ? 221 LEU A CB  1 
ATOM   791  C CG  . LEU A 1 94  ? 6.495   22.048  6.645   1.00 32.16 ? 221 LEU A CG  1 
ATOM   792  C CD1 . LEU A 1 94  ? 7.625   21.635  7.552   1.00 28.02 ? 221 LEU A CD1 1 
ATOM   793  C CD2 . LEU A 1 94  ? 6.994   23.000  5.552   1.00 29.08 ? 221 LEU A CD2 1 
ATOM   794  N N   . GLY A 1 95  ? 3.933   18.248  5.568   1.00 23.90 ? 222 GLY A N   1 
ATOM   795  C CA  . GLY A 1 95  ? 2.647   17.608  5.344   1.00 24.10 ? 222 GLY A CA  1 
ATOM   796  C C   . GLY A 1 95  ? 2.361   17.297  3.882   1.00 26.39 ? 222 GLY A C   1 
ATOM   797  O O   . GLY A 1 95  ? 3.283   17.098  3.082   1.00 23.52 ? 222 GLY A O   1 
ATOM   798  N N   . TYR A 1 96  ? 1.074   17.252  3.537   1.00 23.28 ? 223 TYR A N   1 
ATOM   799  C CA  . TYR A 1 96  ? 0.646   16.885  2.190   1.00 21.11 ? 223 TYR A CA  1 
ATOM   800  C C   . TYR A 1 96  ? -0.423  17.832  1.711   1.00 23.03 ? 223 TYR A C   1 
ATOM   801  O O   . TYR A 1 96  ? -1.198  18.355  2.502   1.00 23.28 ? 223 TYR A O   1 
ATOM   802  C CB  . TYR A 1 96  ? 0.067   15.476  2.175   1.00 19.03 ? 223 TYR A CB  1 
ATOM   803  C CG  . TYR A 1 96  ? 0.992   14.455  2.751   1.00 21.13 ? 223 TYR A CG  1 
ATOM   804  C CD1 . TYR A 1 96  ? 1.942   13.841  1.964   1.00 19.46 ? 223 TYR A CD1 1 
ATOM   805  C CD2 . TYR A 1 96  ? 0.920   14.114  4.086   1.00 21.50 ? 223 TYR A CD2 1 
ATOM   806  C CE1 . TYR A 1 96  ? 2.806   12.910  2.493   1.00 23.54 ? 223 TYR A CE1 1 
ATOM   807  C CE2 . TYR A 1 96  ? 1.778   13.183  4.630   1.00 26.21 ? 223 TYR A CE2 1 
ATOM   808  C CZ  . TYR A 1 96  ? 2.716   12.580  3.827   1.00 24.88 ? 223 TYR A CZ  1 
ATOM   809  O OH  . TYR A 1 96  ? 3.580   11.647  4.365   1.00 26.98 ? 223 TYR A OH  1 
ATOM   810  N N   . LYS A 1 97  ? -0.482  18.028  0.404   1.00 20.39 ? 224 LYS A N   1 
ATOM   811  C CA  . LYS A 1 97  ? -1.488  18.899  -0.164  1.00 23.88 ? 224 LYS A CA  1 
ATOM   812  C C   . LYS A 1 97  ? -1.954  18.390  -1.529  1.00 23.12 ? 224 LYS A C   1 
ATOM   813  O O   . LYS A 1 97  ? -1.145  18.029  -2.411  1.00 21.97 ? 224 LYS A O   1 
ATOM   814  C CB  . LYS A 1 97  ? -0.957  20.334  -0.252  1.00 27.35 ? 224 LYS A CB  1 
ATOM   815  C CG  . LYS A 1 97  ? -0.152  20.625  -1.491  1.00 29.04 ? 224 LYS A CG  1 
ATOM   816  C CD  . LYS A 1 97  ? 0.993   21.566  -1.231  1.00 34.75 ? 224 LYS A CD  1 
ATOM   817  C CE  . LYS A 1 97  ? 0.650   22.958  -1.630  1.00 35.05 ? 224 LYS A CE  1 
ATOM   818  N NZ  . LYS A 1 97  ? 1.911   23.647  -2.037  1.00 40.10 ? 224 LYS A NZ  1 
ATOM   819  N N   . PHE A 1 98  ? -3.274  18.325  -1.673  1.00 22.09 ? 225 PHE A N   1 
ATOM   820  C CA  . PHE A 1 98  ? -3.905  18.051  -2.958  1.00 19.53 ? 225 PHE A CA  1 
ATOM   821  C C   . PHE A 1 98  ? -3.926  19.349  -3.764  1.00 24.29 ? 225 PHE A C   1 
ATOM   822  O O   . PHE A 1 98  ? -4.405  20.374  -3.268  1.00 20.97 ? 225 PHE A O   1 
ATOM   823  C CB  . PHE A 1 98  ? -5.335  17.550  -2.724  1.00 19.40 ? 225 PHE A CB  1 
ATOM   824  C CG  . PHE A 1 98  ? -6.057  17.192  -3.985  1.00 20.19 ? 225 PHE A CG  1 
ATOM   825  C CD1 . PHE A 1 98  ? -5.899  15.945  -4.551  1.00 19.31 ? 225 PHE A CD1 1 
ATOM   826  C CD2 . PHE A 1 98  ? -6.878  18.113  -4.615  1.00 23.33 ? 225 PHE A CD2 1 
ATOM   827  C CE1 . PHE A 1 98  ? -6.551  15.611  -5.718  1.00 20.67 ? 225 PHE A CE1 1 
ATOM   828  C CE2 . PHE A 1 98  ? -7.538  17.783  -5.793  1.00 22.92 ? 225 PHE A CE2 1 
ATOM   829  C CZ  . PHE A 1 98  ? -7.373  16.533  -6.338  1.00 23.08 ? 225 PHE A CZ  1 
ATOM   830  N N   . GLU A 1 99  ? -3.402  19.301  -4.993  1.00 23.22 ? 226 GLU A N   1 
ATOM   831  C CA  . GLU A 1 99  ? -3.303  20.471  -5.857  1.00 24.72 ? 226 GLU A CA  1 
ATOM   832  C C   . GLU A 1 99  ? -3.067  20.088  -7.322  1.00 27.75 ? 226 GLU A C   1 
ATOM   833  O O   . GLU A 1 99  ? -2.776  18.928  -7.641  1.00 23.20 ? 226 GLU A O   1 
ATOM   834  C CB  . GLU A 1 99  ? -2.157  21.384  -5.393  1.00 26.08 ? 226 GLU A CB  1 
ATOM   835  C CG  . GLU A 1 99  ? -0.773  20.768  -5.586  1.00 25.70 ? 226 GLU A CG  1 
ATOM   836  C CD  . GLU A 1 99  ? 0.376   21.705  -5.198  1.00 30.52 ? 226 GLU A CD  1 
ATOM   837  O OE1 . GLU A 1 99  ? 0.135   22.907  -4.957  1.00 30.63 ? 226 GLU A OE1 1 
ATOM   838  O OE2 . GLU A 1 99  ? 1.532   21.227  -5.150  1.00 30.21 ? 226 GLU A OE2 1 
ATOM   839  N N   . ARG A 1 100 ? -3.177  21.082  -8.205  1.00 26.74 ? 227 ARG A N   1 
ATOM   840  C CA  . ARG A 1 100 ? -2.832  20.909  -9.615  1.00 29.57 ? 227 ARG A CA  1 
ATOM   841  C C   . ARG A 1 100 ? -1.378  20.522  -9.725  1.00 28.31 ? 227 ARG A C   1 
ATOM   842  O O   . ARG A 1 100 ? -0.537  21.094  -9.031  1.00 26.64 ? 227 ARG A O   1 
ATOM   843  C CB  . ARG A 1 100 ? -3.030  22.211  -10.400 1.00 27.42 ? 227 ARG A CB  1 
ATOM   844  C CG  . ARG A 1 100 ? -4.475  22.564  -10.739 1.00 30.54 ? 227 ARG A CG  1 
ATOM   845  C CD  . ARG A 1 100 ? -4.509  23.445  -11.994 1.00 39.31 ? 227 ARG A CD  1 
ATOM   846  N NE  . ARG A 1 100 ? -5.807  24.089  -12.212 1.00 47.99 ? 227 ARG A NE  1 
ATOM   847  C CZ  . ARG A 1 100 ? -6.815  23.543  -12.895 1.00 50.55 ? 227 ARG A CZ  1 
ATOM   848  N NH1 . ARG A 1 100 ? -6.693  22.326  -13.424 1.00 41.33 ? 227 ARG A NH1 1 
ATOM   849  N NH2 . ARG A 1 100 ? -7.953  24.210  -13.044 1.00 53.32 ? 227 ARG A NH2 1 
ATOM   850  N N   . SER A 1 101 ? -1.094  19.570  -10.613 1.00 27.48 ? 228 SER A N   1 
ATOM   851  C CA  . SER A 1 101 ? 0.258   19.053  -10.821 1.00 32.56 ? 228 SER A CA  1 
ATOM   852  C C   . SER A 1 101 ? 1.214   20.157  -11.254 1.00 36.90 ? 228 SER A C   1 
ATOM   853  O O   . SER A 1 101 ? 0.861   20.992  -12.088 1.00 36.06 ? 228 SER A O   1 
ATOM   854  C CB  . SER A 1 101 ? 0.258   17.920  -11.853 1.00 34.10 ? 228 SER A CB  1 
ATOM   855  O OG  . SER A 1 101 ? -0.491  16.812  -11.377 1.00 36.53 ? 228 SER A OG  1 
ATOM   856  N N   . ARG A 1 102 ? 2.425   20.105  -10.694 1.00 39.15 ? 229 ARG A N   1 
ATOM   857  C CA  . ARG A 1 102 ? 3.406   21.198  -10.678 1.00 48.19 ? 229 ARG A CA  1 
ATOM   858  C C   . ARG A 1 102 ? 2.996   22.316  -9.714  1.00 46.93 ? 229 ARG A C   1 
ATOM   859  O O   . ARG A 1 102 ? 2.566   23.387  -10.146 1.00 55.08 ? 229 ARG A O   1 
ATOM   860  C CB  . ARG A 1 102 ? 3.677   21.767  -12.069 1.00 51.75 ? 229 ARG A CB  1 
ATOM   861  C CG  . ARG A 1 102 ? 5.046   22.403  -12.212 1.00 52.18 ? 229 ARG A CG  1 
ATOM   862  C CD  . ARG A 1 102 ? 6.141   21.367  -12.040 1.00 53.02 ? 229 ARG A CD  1 
ATOM   863  N NE  . ARG A 1 102 ? 7.415   21.837  -12.580 1.00 54.60 ? 229 ARG A NE  1 
ATOM   864  C CZ  . ARG A 1 102 ? 7.862   21.543  -13.799 1.00 51.99 ? 229 ARG A CZ  1 
ATOM   865  N NH1 . ARG A 1 102 ? 7.143   20.772  -14.605 1.00 41.37 ? 229 ARG A NH1 1 
ATOM   866  N NH2 . ARG A 1 102 ? 9.032   22.019  -14.213 1.00 57.33 ? 229 ARG A NH2 1 
ATOM   867  N N   . GLU B 1 2   ? 11.129  1.858   -3.279  1.00 34.57 ? 129 GLU B N   1 
ATOM   868  C CA  . GLU B 1 2   ? 11.410  1.117   -4.504  1.00 33.75 ? 129 GLU B CA  1 
ATOM   869  C C   . GLU B 1 2   ? 10.398  0.017   -4.833  1.00 32.17 ? 129 GLU B C   1 
ATOM   870  O O   . GLU B 1 2   ? 9.393   -0.163  -4.140  1.00 31.34 ? 129 GLU B O   1 
ATOM   871  C CB  . GLU B 1 2   ? 12.827  0.549   -4.468  1.00 37.96 ? 129 GLU B CB  1 
ATOM   872  C CG  . GLU B 1 2   ? 13.232  -0.013  -3.112  1.00 45.74 ? 129 GLU B CG  1 
ATOM   873  C CD  . GLU B 1 2   ? 14.724  -0.301  -3.029  1.00 58.67 ? 129 GLU B CD  1 
ATOM   874  O OE1 . GLU B 1 2   ? 15.430  -0.094  -4.047  1.00 61.48 ? 129 GLU B OE1 1 
ATOM   875  O OE2 . GLU B 1 2   ? 15.188  -0.729  -1.946  1.00 63.77 ? 129 GLU B OE2 1 
ATOM   876  N N   . GLN B 1 3   ? 10.687  -0.716  -5.904  1.00 31.70 ? 130 GLN B N   1 
ATOM   877  C CA  . GLN B 1 3   ? 9.766   -1.688  -6.476  1.00 31.48 ? 130 GLN B CA  1 
ATOM   878  C C   . GLN B 1 3   ? 10.567  -2.896  -6.966  1.00 32.18 ? 130 GLN B C   1 
ATOM   879  O O   . GLN B 1 3   ? 11.694  -2.752  -7.428  1.00 32.55 ? 130 GLN B O   1 
ATOM   880  C CB  . GLN B 1 3   ? 8.989   -1.047  -7.638  1.00 32.62 ? 130 GLN B CB  1 
ATOM   881  C CG  . GLN B 1 3   ? 8.227   -2.016  -8.518  1.00 32.60 ? 130 GLN B CG  1 
ATOM   882  C CD  . GLN B 1 3   ? 7.341   -1.316  -9.539  1.00 37.87 ? 130 GLN B CD  1 
ATOM   883  O OE1 . GLN B 1 3   ? 6.510   -0.478  -9.188  1.00 34.21 ? 130 GLN B OE1 1 
ATOM   884  N NE2 . GLN B 1 3   ? 7.515   -1.661  -10.810 1.00 38.51 ? 130 GLN B NE2 1 
ATOM   885  N N   . LEU B 1 4   ? 9.989   -4.086  -6.837  1.00 28.44 ? 131 LEU B N   1 
ATOM   886  C CA  . LEU B 1 4   ? 10.619  -5.318  -7.297  1.00 27.34 ? 131 LEU B CA  1 
ATOM   887  C C   . LEU B 1 4   ? 9.618   -6.075  -8.136  1.00 30.64 ? 131 LEU B C   1 
ATOM   888  O O   . LEU B 1 4   ? 8.416   -6.048  -7.860  1.00 27.35 ? 131 LEU B O   1 
ATOM   889  C CB  . LEU B 1 4   ? 11.043  -6.205  -6.112  1.00 28.67 ? 131 LEU B CB  1 
ATOM   890  C CG  . LEU B 1 4   ? 12.147  -5.688  -5.191  1.00 31.08 ? 131 LEU B CG  1 
ATOM   891  C CD1 . LEU B 1 4   ? 12.271  -6.536  -3.924  1.00 27.47 ? 131 LEU B CD1 1 
ATOM   892  C CD2 . LEU B 1 4   ? 13.465  -5.640  -5.949  1.00 29.81 ? 131 LEU B CD2 1 
ATOM   893  N N   . GLU B 1 5   ? 10.117  -6.757  -9.158  1.00 32.67 ? 132 GLU B N   1 
ATOM   894  C CA  . GLU B 1 5   ? 9.260   -7.504  -10.059 1.00 33.78 ? 132 GLU B CA  1 
ATOM   895  C C   . GLU B 1 5   ? 9.768   -8.934  -10.232 1.00 32.77 ? 132 GLU B C   1 
ATOM   896  O O   . GLU B 1 5   ? 10.959  -9.171  -10.462 1.00 29.61 ? 132 GLU B O   1 
ATOM   897  C CB  . GLU B 1 5   ? 9.173   -6.791  -11.412 1.00 33.80 ? 132 GLU B CB  1 
ATOM   898  C CG  . GLU B 1 5   ? 9.019   -5.278  -11.268 1.00 42.51 ? 132 GLU B CG  1 
ATOM   899  C CD  . GLU B 1 5   ? 8.871   -4.551  -12.599 1.00 51.34 ? 132 GLU B CD  1 
ATOM   900  O OE1 . GLU B 1 5   ? 9.266   -5.116  -13.642 1.00 54.47 ? 132 GLU B OE1 1 
ATOM   901  O OE2 . GLU B 1 5   ? 8.348   -3.410  -12.590 1.00 50.58 ? 132 GLU B OE2 1 
ATOM   902  N N   . PHE B 1 6   ? 8.853   -9.886  -10.107 1.00 31.15 ? 133 PHE B N   1 
ATOM   903  C CA  . PHE B 1 6   ? 9.188   -11.280 -10.311 1.00 34.09 ? 133 PHE B CA  1 
ATOM   904  C C   . PHE B 1 6   ? 8.153   -11.948 -11.206 1.00 30.61 ? 133 PHE B C   1 
ATOM   905  O O   . PHE B 1 6   ? 7.182   -12.504 -10.714 1.00 32.92 ? 133 PHE B O   1 
ATOM   906  C CB  . PHE B 1 6   ? 9.319   -12.012 -8.966  1.00 30.26 ? 133 PHE B CB  1 
ATOM   907  C CG  . PHE B 1 6   ? 10.308  -11.374 -8.025  1.00 30.50 ? 133 PHE B CG  1 
ATOM   908  C CD1 . PHE B 1 6   ? 11.670  -11.596 -8.175  1.00 28.07 ? 133 PHE B CD1 1 
ATOM   909  C CD2 . PHE B 1 6   ? 9.873   -10.550 -6.993  1.00 28.66 ? 133 PHE B CD2 1 
ATOM   910  C CE1 . PHE B 1 6   ? 12.580  -11.004 -7.317  1.00 31.47 ? 133 PHE B CE1 1 
ATOM   911  C CE2 . PHE B 1 6   ? 10.779  -9.956  -6.126  1.00 29.95 ? 133 PHE B CE2 1 
ATOM   912  C CZ  . PHE B 1 6   ? 12.133  -10.181 -6.289  1.00 31.20 ? 133 PHE B CZ  1 
ATOM   913  N N   . ASP B 1 7   ? 8.376   -11.873 -12.517 1.00 35.57 ? 134 ASP B N   1 
ATOM   914  C CA  . ASP B 1 7   ? 7.530   -12.527 -13.523 1.00 36.49 ? 134 ASP B CA  1 
ATOM   915  C C   . ASP B 1 7   ? 6.033   -12.402 -13.246 1.00 36.32 ? 134 ASP B C   1 
ATOM   916  O O   . ASP B 1 7   ? 5.315   -13.397 -13.159 1.00 42.07 ? 134 ASP B O   1 
ATOM   917  C CB  . ASP B 1 7   ? 7.932   -14.001 -13.680 1.00 42.38 ? 134 ASP B CB  1 
ATOM   918  C CG  . ASP B 1 7   ? 7.296   -14.664 -14.901 1.00 50.12 ? 134 ASP B CG  1 
ATOM   919  O OD1 . ASP B 1 7   ? 7.182   -14.008 -15.964 1.00 54.23 ? 134 ASP B OD1 1 
ATOM   920  O OD2 . ASP B 1 7   ? 6.903   -15.848 -14.790 1.00 58.50 ? 134 ASP B OD2 1 
ATOM   921  N N   . GLY B 1 8   ? 5.559   -11.176 -13.087 1.00 37.12 ? 135 GLY B N   1 
ATOM   922  C CA  . GLY B 1 8   ? 4.136   -10.959 -12.892 1.00 40.89 ? 135 GLY B CA  1 
ATOM   923  C C   . GLY B 1 8   ? 3.788   -10.575 -11.474 1.00 37.35 ? 135 GLY B C   1 
ATOM   924  O O   . GLY B 1 8   ? 2.713   -10.041 -11.205 1.00 37.81 ? 135 GLY B O   1 
ATOM   925  N N   . LEU B 1 9   ? 4.696   -10.850 -10.551 1.00 35.01 ? 136 LEU B N   1 
ATOM   926  C CA  . LEU B 1 9   ? 4.498   -10.407 -9.185  1.00 32.77 ? 136 LEU B CA  1 
ATOM   927  C C   . LEU B 1 9   ? 5.193   -9.066  -9.012  1.00 29.20 ? 136 LEU B C   1 
ATOM   928  O O   . LEU B 1 9   ? 6.405   -8.938  -9.224  1.00 31.27 ? 136 LEU B O   1 
ATOM   929  C CB  . LEU B 1 9   ? 5.023   -11.444 -8.188  1.00 31.56 ? 136 LEU B CB  1 
ATOM   930  C CG  . LEU B 1 9   ? 4.992   -11.012 -6.722  1.00 28.95 ? 136 LEU B CG  1 
ATOM   931  C CD1 . LEU B 1 9   ? 3.569   -10.818 -6.248  1.00 33.37 ? 136 LEU B CD1 1 
ATOM   932  C CD2 . LEU B 1 9   ? 5.706   -12.028 -5.863  1.00 34.57 ? 136 LEU B CD2 1 
ATOM   933  N N   . VAL B 1 10  ? 4.423   -8.050  -8.655  1.00 27.43 ? 137 VAL B N   1 
ATOM   934  C CA  . VAL B 1 10  ? 5.003   -6.737  -8.451  1.00 29.85 ? 137 VAL B CA  1 
ATOM   935  C C   . VAL B 1 10  ? 4.820   -6.292  -7.009  1.00 26.25 ? 137 VAL B C   1 
ATOM   936  O O   . VAL B 1 10  ? 3.699   -6.243  -6.514  1.00 26.12 ? 137 VAL B O   1 
ATOM   937  C CB  . VAL B 1 10  ? 4.414   -5.704  -9.436  1.00 32.27 ? 137 VAL B CB  1 
ATOM   938  C CG1 . VAL B 1 10  ? 5.033   -4.345  -9.207  1.00 29.35 ? 137 VAL B CG1 1 
ATOM   939  C CG2 . VAL B 1 10  ? 4.649   -6.167  -10.873 1.00 30.10 ? 137 VAL B CG2 1 
ATOM   940  N N   . LEU B 1 11  ? 5.935   -6.007  -6.335  1.00 27.35 ? 138 LEU B N   1 
ATOM   941  C CA  . LEU B 1 11  ? 5.926   -5.512  -4.955  1.00 22.47 ? 138 LEU B CA  1 
ATOM   942  C C   . LEU B 1 11  ? 6.344   -4.049  -4.920  1.00 25.97 ? 138 LEU B C   1 
ATOM   943  O O   . LEU B 1 11  ? 7.421   -3.685  -5.401  1.00 26.80 ? 138 LEU B O   1 
ATOM   944  C CB  . LEU B 1 11  ? 6.893   -6.315  -4.069  1.00 21.94 ? 138 LEU B CB  1 
ATOM   945  C CG  . LEU B 1 11  ? 6.793   -7.841  -4.048  1.00 24.03 ? 138 LEU B CG  1 
ATOM   946  C CD1 . LEU B 1 11  ? 7.860   -8.435  -3.121  1.00 28.76 ? 138 LEU B CD1 1 
ATOM   947  C CD2 . LEU B 1 11  ? 5.401   -8.280  -3.615  1.00 22.89 ? 138 LEU B CD2 1 
ATOM   948  N N   . LYS B 1 12  ? 5.495   -3.219  -4.326  1.00 28.08 ? 139 LYS B N   1 
ATOM   949  C CA  . LYS B 1 12  ? 5.742   -1.791  -4.261  1.00 24.41 ? 139 LYS B CA  1 
ATOM   950  C C   . LYS B 1 12  ? 5.914   -1.389  -2.817  1.00 26.04 ? 139 LYS B C   1 
ATOM   951  O O   . LYS B 1 12  ? 4.963   -1.434  -2.043  1.00 25.72 ? 139 LYS B O   1 
ATOM   952  C CB  . LYS B 1 12  ? 4.563   -1.038  -4.873  1.00 30.23 ? 139 LYS B CB  1 
ATOM   953  C CG  . LYS B 1 12  ? 4.243   -1.473  -6.289  1.00 30.86 ? 139 LYS B CG  1 
ATOM   954  C CD  . LYS B 1 12  ? 3.216   -0.530  -6.924  1.00 37.47 ? 139 LYS B CD  1 
ATOM   955  C CE  . LYS B 1 12  ? 2.887   -0.930  -8.366  1.00 38.19 ? 139 LYS B CE  1 
ATOM   956  N NZ  . LYS B 1 12  ? 2.140   -2.224  -8.428  1.00 38.59 ? 139 LYS B NZ  1 
ATOM   957  N N   . ASN B 1 13  ? 7.128   -0.990  -2.445  1.00 27.00 ? 140 ASN B N   1 
ATOM   958  C CA  . ASN B 1 13  ? 7.444   -0.788  -1.026  1.00 27.73 ? 140 ASN B CA  1 
ATOM   959  C C   . ASN B 1 13  ? 6.953   0.525   -0.418  1.00 27.16 ? 140 ASN B C   1 
ATOM   960  O O   . ASN B 1 13  ? 6.806   0.608   0.793   1.00 26.15 ? 140 ASN B O   1 
ATOM   961  C CB  . ASN B 1 13  ? 8.948   -0.942  -0.765  1.00 27.04 ? 140 ASN B CB  1 
ATOM   962  C CG  . ASN B 1 13  ? 9.273   -1.073  0.721   1.00 26.43 ? 140 ASN B CG  1 
ATOM   963  O OD1 . ASN B 1 13  ? 8.514   -1.654  1.493   1.00 30.19 ? 140 ASN B OD1 1 
ATOM   964  N ND2 . ASN B 1 13  ? 10.405  -0.519  1.123   1.00 29.75 ? 140 ASN B ND2 1 
ATOM   965  N N   . LEU B 1 14  ? 6.707   1.546   -1.242  1.00 26.20 ? 141 LEU B N   1 
ATOM   966  C CA  . LEU B 1 14  ? 6.193   2.824   -0.725  1.00 28.02 ? 141 LEU B CA  1 
ATOM   967  C C   . LEU B 1 14  ? 4.704   2.748   -0.362  1.00 23.16 ? 141 LEU B C   1 
ATOM   968  O O   . LEU B 1 14  ? 4.260   3.332   0.629   1.00 22.07 ? 141 LEU B O   1 
ATOM   969  C CB  . LEU B 1 14  ? 6.424   3.966   -1.725  1.00 27.03 ? 141 LEU B CB  1 
ATOM   970  C CG  . LEU B 1 14  ? 7.874   4.192   -2.165  1.00 28.04 ? 141 LEU B CG  1 
ATOM   971  C CD1 . LEU B 1 14  ? 7.990   5.408   -3.081  1.00 31.82 ? 141 LEU B CD1 1 
ATOM   972  C CD2 . LEU B 1 14  ? 8.792   4.319   -0.958  1.00 30.94 ? 141 LEU B CD2 1 
ATOM   973  N N   . SER B 1 15  ? 3.934   2.037   -1.180  1.00 23.63 ? 142 SER B N   1 
ATOM   974  C CA  . SER B 1 15  ? 2.499   1.886   -0.931  1.00 24.28 ? 142 SER B CA  1 
ATOM   975  C C   . SER B 1 15  ? 2.202   0.597   -0.178  1.00 26.45 ? 142 SER B C   1 
ATOM   976  O O   . SER B 1 15  ? 1.071   0.386   0.272   1.00 26.06 ? 142 SER B O   1 
ATOM   977  C CB  . SER B 1 15  ? 1.757   1.851   -2.257  1.00 24.31 ? 142 SER B CB  1 
ATOM   978  O OG  . SER B 1 15  ? 2.281   0.810   -3.064  1.00 22.39 ? 142 SER B OG  1 
ATOM   979  N N   . LYS B 1 16  ? 3.214   -0.264  -0.051  1.00 25.17 ? 143 LYS B N   1 
ATOM   980  C CA  . LYS B 1 16  ? 3.059   -1.556  0.621   1.00 26.86 ? 143 LYS B CA  1 
ATOM   981  C C   . LYS B 1 16  ? 1.928   -2.304  -0.044  1.00 23.52 ? 143 LYS B C   1 
ATOM   982  O O   . LYS B 1 16  ? 0.964   -2.664  0.604   1.00 25.29 ? 143 LYS B O   1 
ATOM   983  C CB  . LYS B 1 16  ? 2.727   -1.375  2.114   1.00 25.15 ? 143 LYS B CB  1 
ATOM   984  C CG  . LYS B 1 16  ? 3.620   -0.399  2.854   1.00 29.36 ? 143 LYS B CG  1 
ATOM   985  C CD  . LYS B 1 16  ? 5.060   -0.897  2.942   1.00 27.78 ? 143 LYS B CD  1 
ATOM   986  C CE  . LYS B 1 16  ? 5.913   0.057   3.785   1.00 29.97 ? 143 LYS B CE  1 
ATOM   987  N NZ  . LYS B 1 16  ? 7.370   -0.246  3.669   1.00 31.74 ? 143 LYS B NZ  1 
ATOM   988  N N   . THR B 1 17  ? 2.022   -2.488  -1.348  1.00 24.62 ? 144 THR B N   1 
ATOM   989  C CA  . THR B 1 17  ? 0.965   -3.150  -2.083  1.00 24.48 ? 144 THR B CA  1 
ATOM   990  C C   . THR B 1 17  ? 1.603   -4.136  -3.030  1.00 26.55 ? 144 THR B C   1 
ATOM   991  O O   . THR B 1 17  ? 2.766   -3.986  -3.421  1.00 26.19 ? 144 THR B O   1 
ATOM   992  C CB  . THR B 1 17  ? 0.111   -2.148  -2.912  1.00 27.47 ? 144 THR B CB  1 
ATOM   993  O OG1 . THR B 1 17  ? 0.978   -1.304  -3.670  1.00 28.00 ? 144 THR B OG1 1 
ATOM   994  C CG2 . THR B 1 17  ? -0.734  -1.279  -2.002  1.00 25.22 ? 144 THR B CG2 1 
ATOM   995  N N   . LEU B 1 18  ? 0.855   -5.157  -3.400  1.00 26.34 ? 145 LEU B N   1 
ATOM   996  C CA  . LEU B 1 18  ? 1.373   -6.062  -4.402  1.00 31.17 ? 145 LEU B CA  1 
ATOM   997  C C   . LEU B 1 18  ? 0.375   -6.356  -5.480  1.00 28.22 ? 145 LEU B C   1 
ATOM   998  O O   . LEU B 1 18  ? -0.836  -6.352  -5.258  1.00 31.11 ? 145 LEU B O   1 
ATOM   999  C CB  . LEU B 1 18  ? 1.868   -7.373  -3.799  1.00 30.78 ? 145 LEU B CB  1 
ATOM   1000 C CG  . LEU B 1 18  ? 0.799   -8.293  -3.243  1.00 34.49 ? 145 LEU B CG  1 
ATOM   1001 C CD1 . LEU B 1 18  ? 1.187   -9.750  -3.490  1.00 33.85 ? 145 LEU B CD1 1 
ATOM   1002 C CD2 . LEU B 1 18  ? 0.694   -8.012  -1.771  1.00 36.31 ? 145 LEU B CD2 1 
ATOM   1003 N N   . THR B 1 19  ? 0.927   -6.667  -6.638  1.00 26.50 ? 146 THR B N   1 
ATOM   1004 C CA  . THR B 1 19  ? 0.173   -6.859  -7.850  1.00 32.35 ? 146 THR B CA  1 
ATOM   1005 C C   . THR B 1 19  ? 0.553   -8.219  -8.414  1.00 32.79 ? 146 THR B C   1 
ATOM   1006 O O   . THR B 1 19  ? 1.730   -8.596  -8.402  1.00 33.47 ? 146 THR B O   1 
ATOM   1007 C CB  . THR B 1 19  ? 0.524   -5.720  -8.846  1.00 31.96 ? 146 THR B CB  1 
ATOM   1008 O OG1 . THR B 1 19  ? -0.589  -4.827  -8.953  1.00 40.58 ? 146 THR B OG1 1 
ATOM   1009 C CG2 . THR B 1 19  ? 0.895   -6.254  -10.209 1.00 41.05 ? 146 THR B CG2 1 
ATOM   1010 N N   . ILE B 1 20  ? -0.444  -8.978  -8.851  1.00 33.56 ? 147 ILE B N   1 
ATOM   1011 C CA  . ILE B 1 20  ? -0.194  -10.207 -9.596  1.00 36.50 ? 147 ILE B CA  1 
ATOM   1012 C C   . ILE B 1 20  ? -0.897  -10.080 -10.941 1.00 42.38 ? 147 ILE B C   1 
ATOM   1013 O O   . ILE B 1 20  ? -2.131  -9.967  -11.005 1.00 42.83 ? 147 ILE B O   1 
ATOM   1014 C CB  . ILE B 1 20  ? -0.684  -11.466 -8.864  1.00 38.80 ? 147 ILE B CB  1 
ATOM   1015 C CG1 . ILE B 1 20  ? 0.121   -11.697 -7.580  1.00 36.63 ? 147 ILE B CG1 1 
ATOM   1016 C CG2 . ILE B 1 20  ? -0.562  -12.679 -9.777  1.00 39.64 ? 147 ILE B CG2 1 
ATOM   1017 C CD1 . ILE B 1 20  ? -0.276  -12.948 -6.821  1.00 33.78 ? 147 ILE B CD1 1 
ATOM   1018 N N   . ASN B 1 21  ? -0.100  -10.074 -12.005 1.00 40.45 ? 148 ASN B N   1 
ATOM   1019 C CA  . ASN B 1 21  ? -0.582  -9.765  -13.351 1.00 44.34 ? 148 ASN B CA  1 
ATOM   1020 C C   . ASN B 1 21  ? -1.454  -8.516  -13.402 1.00 43.82 ? 148 ASN B C   1 
ATOM   1021 O O   . ASN B 1 21  ? -2.548  -8.528  -13.975 1.00 42.34 ? 148 ASN B O   1 
ATOM   1022 C CB  . ASN B 1 21  ? -1.280  -10.971 -13.978 1.00 42.68 ? 148 ASN B CB  1 
ATOM   1023 C CG  . ASN B 1 21  ? -0.291  -12.059 -14.368 1.00 52.15 ? 148 ASN B CG  1 
ATOM   1024 O OD1 . ASN B 1 21  ? 0.859   -11.767 -14.712 1.00 55.42 ? 148 ASN B OD1 1 
ATOM   1025 N ND2 . ASN B 1 21  ? -0.722  -13.314 -14.299 1.00 51.50 ? 148 ASN B ND2 1 
ATOM   1026 N N   . ASN B 1 22  ? -0.943  -7.454  -12.781 1.00 39.74 ? 149 ASN B N   1 
ATOM   1027 C CA  . ASN B 1 22  ? -1.608  -6.149  -12.700 1.00 42.33 ? 149 ASN B CA  1 
ATOM   1028 C C   . ASN B 1 22  ? -2.900  -6.094  -11.877 1.00 41.56 ? 149 ASN B C   1 
ATOM   1029 O O   . ASN B 1 22  ? -3.599  -5.081  -11.876 1.00 43.11 ? 149 ASN B O   1 
ATOM   1030 C CB  . ASN B 1 22  ? -1.807  -5.551  -14.090 1.00 43.96 ? 149 ASN B CB  1 
ATOM   1031 C CG  . ASN B 1 22  ? -0.502  -5.289  -14.780 1.00 46.58 ? 149 ASN B CG  1 
ATOM   1032 O OD1 . ASN B 1 22  ? 0.466   -4.879  -14.144 1.00 51.38 ? 149 ASN B OD1 1 
ATOM   1033 N ND2 . ASN B 1 22  ? -0.451  -5.538  -16.083 1.00 55.73 ? 149 ASN B ND2 1 
ATOM   1034 N N   . ILE B 1 23  ? -3.196  -7.170  -11.157 1.00 40.38 ? 150 ILE B N   1 
ATOM   1035 C CA  . ILE B 1 23  ? -4.329  -7.181  -10.240 1.00 38.63 ? 150 ILE B CA  1 
ATOM   1036 C C   . ILE B 1 23  ? -3.837  -7.033  -8.814  1.00 35.43 ? 150 ILE B C   1 
ATOM   1037 O O   . ILE B 1 23  ? -2.992  -7.800  -8.357  1.00 34.10 ? 150 ILE B O   1 
ATOM   1038 C CB  . ILE B 1 23  ? -5.135  -8.479  -10.342 1.00 37.84 ? 150 ILE B CB  1 
ATOM   1039 C CG1 . ILE B 1 23  ? -5.630  -8.686  -11.778 1.00 39.99 ? 150 ILE B CG1 1 
ATOM   1040 C CG2 . ILE B 1 23  ? -6.289  -8.460  -9.344  1.00 39.44 ? 150 ILE B CG2 1 
ATOM   1041 C CD1 . ILE B 1 23  ? -6.581  -7.607  -12.274 1.00 39.36 ? 150 ILE B CD1 1 
ATOM   1042 N N   . GLU B 1 24  ? -4.373  -6.047  -8.109  1.00 31.68 ? 151 GLU B N   1 
ATOM   1043 C CA  . GLU B 1 24  ? -3.964  -5.811  -6.746  1.00 35.27 ? 151 GLU B CA  1 
ATOM   1044 C C   . GLU B 1 24  ? -4.405  -6.966  -5.874  1.00 35.83 ? 151 GLU B C   1 
ATOM   1045 O O   . GLU B 1 24  ? -5.534  -7.438  -5.978  1.00 39.36 ? 151 GLU B O   1 
ATOM   1046 C CB  . GLU B 1 24  ? -4.541  -4.499  -6.221  1.00 39.64 ? 151 GLU B CB  1 
ATOM   1047 C CG  . GLU B 1 24  ? -4.078  -4.174  -4.818  1.00 35.81 ? 151 GLU B CG  1 
ATOM   1048 C CD  . GLU B 1 24  ? -4.260  -2.715  -4.467  1.00 46.07 ? 151 GLU B CD  1 
ATOM   1049 O OE1 . GLU B 1 24  ? -4.782  -1.948  -5.308  1.00 51.78 ? 151 GLU B OE1 1 
ATOM   1050 O OE2 . GLU B 1 24  ? -3.882  -2.336  -3.340  1.00 51.95 ? 151 GLU B OE2 1 
ATOM   1051 N N   . ILE B 1 25  ? -3.495  -7.430  -5.029  1.00 33.26 ? 152 ILE B N   1 
ATOM   1052 C CA  . ILE B 1 25  ? -3.791  -8.478  -4.062  1.00 32.04 ? 152 ILE B CA  1 
ATOM   1053 C C   . ILE B 1 25  ? -3.789  -7.856  -2.682  1.00 35.73 ? 152 ILE B C   1 
ATOM   1054 O O   . ILE B 1 25  ? -2.764  -7.319  -2.241  1.00 33.13 ? 152 ILE B O   1 
ATOM   1055 C CB  . ILE B 1 25  ? -2.710  -9.572  -4.060  1.00 31.51 ? 152 ILE B CB  1 
ATOM   1056 C CG1 . ILE B 1 25  ? -2.377  -10.006 -5.485  1.00 33.84 ? 152 ILE B CG1 1 
ATOM   1057 C CG2 . ILE B 1 25  ? -3.165  -10.747 -3.226  1.00 36.64 ? 152 ILE B CG2 1 
ATOM   1058 C CD1 . ILE B 1 25  ? -3.563  -10.557 -6.230  1.00 43.86 ? 152 ILE B CD1 1 
ATOM   1059 N N   . PRO B 1 26  ? -4.934  -7.922  -1.988  1.00 35.50 ? 153 PRO B N   1 
ATOM   1060 C CA  . PRO B 1 26  ? -4.992  -7.378  -0.631  1.00 33.89 ? 153 PRO B CA  1 
ATOM   1061 C C   . PRO B 1 26  ? -4.020  -8.118  0.272   1.00 33.53 ? 153 PRO B C   1 
ATOM   1062 O O   . PRO B 1 26  ? -3.856  -9.335  0.175   1.00 30.64 ? 153 PRO B O   1 
ATOM   1063 C CB  . PRO B 1 26  ? -6.435  -7.655  -0.205  1.00 33.52 ? 153 PRO B CB  1 
ATOM   1064 C CG  . PRO B 1 26  ? -7.190  -7.784  -1.493  1.00 41.14 ? 153 PRO B CG  1 
ATOM   1065 C CD  . PRO B 1 26  ? -6.237  -8.437  -2.437  1.00 36.85 ? 153 PRO B CD  1 
ATOM   1066 N N   . MET B 1 27  ? -3.354  -7.376  1.138   1.00 31.45 ? 154 MET B N   1 
ATOM   1067 C CA  . MET B 1 27  ? -2.416  -7.992  2.048   1.00 34.43 ? 154 MET B CA  1 
ATOM   1068 C C   . MET B 1 27  ? -2.185  -7.064  3.215   1.00 36.28 ? 154 MET B C   1 
ATOM   1069 O O   . MET B 1 27  ? -2.079  -5.848  3.042   1.00 33.72 ? 154 MET B O   1 
ATOM   1070 C CB  . MET B 1 27  ? -1.098  -8.308  1.332   1.00 36.19 ? 154 MET B CB  1 
ATOM   1071 C CG  . MET B 1 27  ? -0.038  -8.895  2.241   1.00 36.85 ? 154 MET B CG  1 
ATOM   1072 S SD  . MET B 1 27  ? 1.365   -9.640  1.371   1.00 37.51 ? 154 MET B SD  1 
ATOM   1073 C CE  . MET B 1 27  ? 0.573   -10.988 0.510   1.00 39.25 ? 154 MET B CE  1 
ATOM   1074 N N   . ARG B 1 28  ? -2.135  -7.629  4.411   1.00 31.30 ? 155 ARG B N   1 
ATOM   1075 C CA  . ARG B 1 28  ? -1.878  -6.823  5.591   1.00 37.17 ? 155 ARG B CA  1 
ATOM   1076 C C   . ARG B 1 28  ? -0.456  -6.289  5.577   1.00 35.67 ? 155 ARG B C   1 
ATOM   1077 O O   . ARG B 1 28  ? 0.436   -6.857  4.932   1.00 31.05 ? 155 ARG B O   1 
ATOM   1078 C CB  . ARG B 1 28  ? -2.166  -7.620  6.858   1.00 40.15 ? 155 ARG B CB  1 
ATOM   1079 C CG  . ARG B 1 28  ? -3.553  -8.241  6.825   1.00 46.80 ? 155 ARG B CG  1 
ATOM   1080 C CD  . ARG B 1 28  ? -4.368  -7.844  8.024   1.00 52.96 ? 155 ARG B CD  1 
ATOM   1081 N NE  . ARG B 1 28  ? -4.415  -8.922  9.003   1.00 67.47 ? 155 ARG B NE  1 
ATOM   1082 C CZ  . ARG B 1 28  ? -5.053  -8.847  10.166  1.00 65.07 ? 155 ARG B CZ  1 
ATOM   1083 N NH1 . ARG B 1 28  ? -5.694  -7.732  10.494  1.00 61.20 ? 155 ARG B NH1 1 
ATOM   1084 N NH2 . ARG B 1 28  ? -5.045  -9.881  10.998  1.00 61.46 ? 155 ARG B NH2 1 
ATOM   1085 N N   . ILE B 1 29  ? -0.258  -5.185  6.285   1.00 34.11 ? 156 ILE B N   1 
ATOM   1086 C CA  . ILE B 1 29  ? 1.019   -4.483  6.278   1.00 36.51 ? 156 ILE B CA  1 
ATOM   1087 C C   . ILE B 1 29  ? 2.225   -5.368  6.609   1.00 32.06 ? 156 ILE B C   1 
ATOM   1088 O O   . ILE B 1 29  ? 3.205   -5.389  5.858   1.00 32.48 ? 156 ILE B O   1 
ATOM   1089 C CB  . ILE B 1 29  ? 0.982   -3.286  7.239   1.00 40.93 ? 156 ILE B CB  1 
ATOM   1090 C CG1 . ILE B 1 29  ? 2.372   -2.669  7.363   1.00 35.02 ? 156 ILE B CG1 1 
ATOM   1091 C CG2 . ILE B 1 29  ? 0.437   -3.711  8.605   1.00 44.68 ? 156 ILE B CG2 1 
ATOM   1092 C CD1 . ILE B 1 29  ? 2.862   -2.080  6.079   1.00 35.39 ? 156 ILE B CD1 1 
ATOM   1093 N N   . LYS B 1 30  ? 2.141   -6.096  7.721   1.00 36.10 ? 157 LYS B N   1 
ATOM   1094 C CA  . LYS B 1 30  ? 3.285   -6.833  8.253   1.00 34.78 ? 157 LYS B CA  1 
ATOM   1095 C C   . LYS B 1 30  ? 3.595   -8.000  7.342   1.00 31.74 ? 157 LYS B C   1 
ATOM   1096 O O   . LYS B 1 30  ? 4.752   -8.387  7.169   1.00 31.31 ? 157 LYS B O   1 
ATOM   1097 C CB  . LYS B 1 30  ? 2.996   -7.324  9.669   1.00 35.71 ? 157 LYS B CB  1 
ATOM   1098 C CG  . LYS B 1 30  ? 2.813   -6.196  10.672  1.00 44.25 ? 157 LYS B CG  1 
ATOM   1099 C CD  . LYS B 1 30  ? 4.140   -5.541  11.002  1.00 47.13 ? 157 LYS B CD  1 
ATOM   1100 C CE  . LYS B 1 30  ? 3.965   -4.115  11.499  1.00 50.74 ? 157 LYS B CE  1 
ATOM   1101 N NZ  . LYS B 1 30  ? 5.292   -3.471  11.740  1.00 54.08 ? 157 LYS B NZ  1 
ATOM   1102 N N   . GLU B 1 31  ? 2.538   -8.539  6.756   1.00 29.57 ? 158 GLU B N   1 
ATOM   1103 C CA  . GLU B 1 31  ? 2.624   -9.615  5.798   1.00 31.63 ? 158 GLU B CA  1 
ATOM   1104 C C   . GLU B 1 31  ? 3.369   -9.132  4.553   1.00 30.47 ? 158 GLU B C   1 
ATOM   1105 O O   . GLU B 1 31  ? 4.240   -9.829  4.031   1.00 26.37 ? 158 GLU B O   1 
ATOM   1106 C CB  . GLU B 1 31  ? 1.209   -10.043 5.429   1.00 34.64 ? 158 GLU B CB  1 
ATOM   1107 C CG  . GLU B 1 31  ? 1.091   -11.444 4.904   1.00 36.13 ? 158 GLU B CG  1 
ATOM   1108 C CD  . GLU B 1 31  ? -0.319  -11.772 4.427   1.00 48.87 ? 158 GLU B CD  1 
ATOM   1109 O OE1 . GLU B 1 31  ? -1.294  -11.198 4.980   1.00 53.33 ? 158 GLU B OE1 1 
ATOM   1110 O OE2 . GLU B 1 31  ? -0.450  -12.595 3.488   1.00 46.01 ? 158 GLU B OE2 1 
ATOM   1111 N N   . PHE B 1 32  ? 3.026   -7.935  4.078   1.00 27.37 ? 159 PHE B N   1 
ATOM   1112 C CA  . PHE B 1 32  ? 3.729   -7.371  2.930   1.00 29.12 ? 159 PHE B CA  1 
ATOM   1113 C C   . PHE B 1 32  ? 5.201   -7.164  3.292   1.00 26.50 ? 159 PHE B C   1 
ATOM   1114 O O   . PHE B 1 32  ? 6.102   -7.484  2.510   1.00 23.92 ? 159 PHE B O   1 
ATOM   1115 C CB  . PHE B 1 32  ? 3.122   -6.041  2.441   1.00 24.46 ? 159 PHE B CB  1 
ATOM   1116 C CG  . PHE B 1 32  ? 3.992   -5.347  1.417   1.00 25.11 ? 159 PHE B CG  1 
ATOM   1117 C CD1 . PHE B 1 32  ? 5.012   -4.488  1.812   1.00 25.30 ? 159 PHE B CD1 1 
ATOM   1118 C CD2 . PHE B 1 32  ? 3.845   -5.626  0.068   1.00 25.55 ? 159 PHE B CD2 1 
ATOM   1119 C CE1 . PHE B 1 32  ? 5.848   -3.900  0.872   1.00 26.14 ? 159 PHE B CE1 1 
ATOM   1120 C CE2 . PHE B 1 32  ? 4.672   -5.035  -0.869  1.00 24.61 ? 159 PHE B CE2 1 
ATOM   1121 C CZ  . PHE B 1 32  ? 5.670   -4.169  -0.463  1.00 23.47 ? 159 PHE B CZ  1 
ATOM   1122 N N   . GLU B 1 33  ? 5.430   -6.629  4.487   1.00 26.67 ? 160 GLU B N   1 
ATOM   1123 C CA  . GLU B 1 33  ? 6.778   -6.317  4.927   1.00 31.37 ? 160 GLU B CA  1 
ATOM   1124 C C   . GLU B 1 33  ? 7.619   -7.588  5.089   1.00 27.34 ? 160 GLU B C   1 
ATOM   1125 O O   . GLU B 1 33  ? 8.813   -7.588  4.793   1.00 24.49 ? 160 GLU B O   1 
ATOM   1126 C CB  . GLU B 1 33  ? 6.747   -5.456  6.203   1.00 24.93 ? 160 GLU B CB  1 
ATOM   1127 C CG  . GLU B 1 33  ? 6.301   -4.012  5.916   1.00 35.48 ? 160 GLU B CG  1 
ATOM   1128 C CD  . GLU B 1 33  ? 6.037   -3.194  7.173   1.00 40.49 ? 160 GLU B CD  1 
ATOM   1129 O OE1 . GLU B 1 33  ? 5.830   -3.792  8.254   1.00 48.37 ? 160 GLU B OE1 1 
ATOM   1130 O OE2 . GLU B 1 33  ? 6.034   -1.946  7.078   1.00 44.83 ? 160 GLU B OE2 1 
ATOM   1131 N N   . LEU B 1 34  ? 6.984   -8.674  5.519   1.00 27.04 ? 161 LEU B N   1 
ATOM   1132 C CA  . LEU B 1 34  ? 7.671   -9.962  5.570   1.00 27.20 ? 161 LEU B CA  1 
ATOM   1133 C C   . LEU B 1 34  ? 8.066   -10.393 4.159   1.00 24.57 ? 161 LEU B C   1 
ATOM   1134 O O   . LEU B 1 34  ? 9.219   -10.746 3.917   1.00 22.59 ? 161 LEU B O   1 
ATOM   1135 C CB  . LEU B 1 34  ? 6.801   -11.032 6.240   1.00 27.03 ? 161 LEU B CB  1 
ATOM   1136 C CG  . LEU B 1 34  ? 7.500   -12.229 6.887   1.00 30.40 ? 161 LEU B CG  1 
ATOM   1137 C CD1 . LEU B 1 34  ? 6.504   -13.043 7.706   1.00 30.73 ? 161 LEU B CD1 1 
ATOM   1138 C CD2 . LEU B 1 34  ? 8.134   -13.100 5.843   1.00 33.72 ? 161 LEU B CD2 1 
ATOM   1139 N N   . LEU B 1 35  ? 7.110   -10.375 3.237   1.00 21.71 ? 162 LEU B N   1 
ATOM   1140 C CA  . LEU B 1 35  ? 7.388   -10.756 1.856   1.00 23.94 ? 162 LEU B CA  1 
ATOM   1141 C C   . LEU B 1 35  ? 8.487   -9.875  1.235   1.00 24.70 ? 162 LEU B C   1 
ATOM   1142 O O   . LEU B 1 35  ? 9.379   -10.373 0.537   1.00 22.07 ? 162 LEU B O   1 
ATOM   1143 C CB  . LEU B 1 35  ? 6.112   -10.686 1.012   1.00 24.93 ? 162 LEU B CB  1 
ATOM   1144 C CG  . LEU B 1 35  ? 6.292   -10.895 -0.496  1.00 23.00 ? 162 LEU B CG  1 
ATOM   1145 C CD1 . LEU B 1 35  ? 7.029   -12.186 -0.782  1.00 25.42 ? 162 LEU B CD1 1 
ATOM   1146 C CD2 . LEU B 1 35  ? 4.946   -10.907 -1.203  1.00 26.34 ? 162 LEU B CD2 1 
ATOM   1147 N N   . TRP B 1 36  ? 8.420   -8.570  1.500   1.00 23.56 ? 163 TRP B N   1 
ATOM   1148 C CA  . TRP B 1 36  ? 9.421   -7.623  0.998   1.00 24.04 ? 163 TRP B CA  1 
ATOM   1149 C C   . TRP B 1 36  ? 10.814  -7.932  1.555   1.00 23.39 ? 163 TRP B C   1 
ATOM   1150 O O   . TRP B 1 36  ? 11.816  -7.947  0.814   1.00 24.61 ? 163 TRP B O   1 
ATOM   1151 C CB  . TRP B 1 36  ? 9.036   -6.178  1.347   1.00 22.79 ? 163 TRP B CB  1 
ATOM   1152 C CG  . TRP B 1 36  ? 10.086  -5.176  0.941   1.00 26.43 ? 163 TRP B CG  1 
ATOM   1153 C CD1 . TRP B 1 36  ? 11.079  -4.671  1.724   1.00 28.27 ? 163 TRP B CD1 1 
ATOM   1154 C CD2 . TRP B 1 36  ? 10.254  -4.583  -0.354  1.00 23.24 ? 163 TRP B CD2 1 
ATOM   1155 N NE1 . TRP B 1 36  ? 11.853  -3.796  1.002   1.00 24.99 ? 163 TRP B NE1 1 
ATOM   1156 C CE2 . TRP B 1 36  ? 11.366  -3.725  -0.279  1.00 28.48 ? 163 TRP B CE2 1 
ATOM   1157 C CE3 . TRP B 1 36  ? 9.567   -4.693  -1.567  1.00 24.53 ? 163 TRP B CE3 1 
ATOM   1158 C CZ2 . TRP B 1 36  ? 11.805  -2.964  -1.371  1.00 27.98 ? 163 TRP B CZ2 1 
ATOM   1159 C CZ3 . TRP B 1 36  ? 10.004  -3.951  -2.653  1.00 30.09 ? 163 TRP B CZ3 1 
ATOM   1160 C CH2 . TRP B 1 36  ? 11.118  -3.094  -2.548  1.00 28.89 ? 163 TRP B CH2 1 
ATOM   1161 N N   . TYR B 1 37  ? 10.874  -8.152  2.860   1.00 23.97 ? 164 TYR B N   1 
ATOM   1162 C CA  . TYR B 1 37  ? 12.137  -8.460  3.516   1.00 26.30 ? 164 TYR B CA  1 
ATOM   1163 C C   . TYR B 1 37  ? 12.833  -9.644  2.849   1.00 28.45 ? 164 TYR B C   1 
ATOM   1164 O O   . TYR B 1 37  ? 14.024  -9.574  2.566   1.00 24.83 ? 164 TYR B O   1 
ATOM   1165 C CB  . TYR B 1 37  ? 11.951  -8.740  5.012   1.00 26.22 ? 164 TYR B CB  1 
ATOM   1166 C CG  . TYR B 1 37  ? 13.256  -8.604  5.773   1.00 29.52 ? 164 TYR B CG  1 
ATOM   1167 C CD1 . TYR B 1 37  ? 13.649  -7.377  6.304   1.00 30.88 ? 164 TYR B CD1 1 
ATOM   1168 C CD2 . TYR B 1 37  ? 14.116  -9.684  5.917   1.00 29.49 ? 164 TYR B CD2 1 
ATOM   1169 C CE1 . TYR B 1 37  ? 14.852  -7.240  6.979   1.00 34.38 ? 164 TYR B CE1 1 
ATOM   1170 C CE2 . TYR B 1 37  ? 15.315  -9.558  6.582   1.00 29.34 ? 164 TYR B CE2 1 
ATOM   1171 C CZ  . TYR B 1 37  ? 15.675  -8.337  7.120   1.00 36.20 ? 164 TYR B CZ  1 
ATOM   1172 O OH  . TYR B 1 37  ? 16.874  -8.213  7.784   1.00 38.30 ? 164 TYR B OH  1 
ATOM   1173 N N   . LEU B 1 38  ? 12.081  -10.714 2.579   1.00 24.39 ? 165 LEU B N   1 
ATOM   1174 C CA  . LEU B 1 38  ? 12.652  -11.906 1.951   1.00 27.33 ? 165 LEU B CA  1 
ATOM   1175 C C   . LEU B 1 38  ? 12.962  -11.704 0.470   1.00 28.00 ? 165 LEU B C   1 
ATOM   1176 O O   . LEU B 1 38  ? 14.015  -12.136 -0.017  1.00 25.39 ? 165 LEU B O   1 
ATOM   1177 C CB  . LEU B 1 38  ? 11.721  -13.110 2.119   1.00 28.04 ? 165 LEU B CB  1 
ATOM   1178 C CG  . LEU B 1 38  ? 11.533  -13.603 3.557   1.00 28.31 ? 165 LEU B CG  1 
ATOM   1179 C CD1 . LEU B 1 38  ? 10.419  -14.624 3.613   1.00 26.44 ? 165 LEU B CD1 1 
ATOM   1180 C CD2 . LEU B 1 38  ? 12.830  -14.203 4.058   1.00 27.26 ? 165 LEU B CD2 1 
ATOM   1181 N N   . ALA B 1 39  ? 12.039  -11.057 -0.237  1.00 22.28 ? 166 ALA B N   1 
ATOM   1182 C CA  . ALA B 1 39  ? 12.182  -10.856 -1.679  1.00 26.92 ? 166 ALA B CA  1 
ATOM   1183 C C   . ALA B 1 39  ? 13.295  -9.870  -2.038  1.00 25.78 ? 166 ALA B C   1 
ATOM   1184 O O   . ALA B 1 39  ? 13.919  -9.997  -3.090  1.00 28.76 ? 166 ALA B O   1 
ATOM   1185 C CB  . ALA B 1 39  ? 10.856  -10.424 -2.305  1.00 23.39 ? 166 ALA B CB  1 
ATOM   1186 N N   . SER B 1 40  ? 13.535  -8.891  -1.169  1.00 26.62 ? 167 SER B N   1 
ATOM   1187 C CA  . SER B 1 40  ? 14.667  -7.969  -1.330  1.00 28.40 ? 167 SER B CA  1 
ATOM   1188 C C   . SER B 1 40  ? 15.986  -8.688  -1.140  1.00 27.00 ? 167 SER B C   1 
ATOM   1189 O O   . SER B 1 40  ? 17.049  -8.154  -1.457  1.00 30.50 ? 167 SER B O   1 
ATOM   1190 C CB  . SER B 1 40  ? 14.597  -6.843  -0.301  1.00 24.88 ? 167 SER B CB  1 
ATOM   1191 O OG  . SER B 1 40  ? 13.317  -6.250  -0.302  1.00 38.70 ? 167 SER B OG  1 
ATOM   1192 N N   . ARG B 1 41  ? 15.918  -9.890  -0.584  1.00 28.12 ? 168 ARG B N   1 
ATOM   1193 C CA  . ARG B 1 41  ? 17.115  -10.689 -0.365  1.00 30.27 ? 168 ARG B CA  1 
ATOM   1194 C C   . ARG B 1 41  ? 16.934  -12.051 -0.993  1.00 29.92 ? 168 ARG B C   1 
ATOM   1195 O O   . ARG B 1 41  ? 17.182  -13.065 -0.347  1.00 32.47 ? 168 ARG B O   1 
ATOM   1196 C CB  . ARG B 1 41  ? 17.402  -10.826 1.133   1.00 31.97 ? 168 ARG B CB  1 
ATOM   1197 C CG  . ARG B 1 41  ? 17.533  -9.486  1.853   1.00 33.59 ? 168 ARG B CG  1 
ATOM   1198 C CD  . ARG B 1 41  ? 17.495  -9.623  3.371   1.00 32.76 ? 168 ARG B CD  1 
ATOM   1199 N NE  . ARG B 1 41  ? 17.792  -8.361  4.050   1.00 34.03 ? 168 ARG B NE  1 
ATOM   1200 C CZ  . ARG B 1 41  ? 16.949  -7.334  4.119   1.00 34.97 ? 168 ARG B CZ  1 
ATOM   1201 N NH1 . ARG B 1 41  ? 15.752  -7.408  3.550   1.00 29.49 ? 168 ARG B NH1 1 
ATOM   1202 N NH2 . ARG B 1 41  ? 17.299  -6.230  4.759   1.00 37.22 ? 168 ARG B NH2 1 
ATOM   1203 N N   . GLU B 1 42  ? 16.498  -12.061 -2.250  1.00 26.69 ? 169 GLU B N   1 
ATOM   1204 C CA  . GLU B 1 42  ? 16.216  -13.292 -2.976  1.00 27.57 ? 169 GLU B CA  1 
ATOM   1205 C C   . GLU B 1 42  ? 17.326  -14.341 -2.867  1.00 32.59 ? 169 GLU B C   1 
ATOM   1206 O O   . GLU B 1 42  ? 18.509  -14.042 -3.079  1.00 32.16 ? 169 GLU B O   1 
ATOM   1207 C CB  . GLU B 1 42  ? 15.950  -12.997 -4.460  1.00 29.71 ? 169 GLU B CB  1 
ATOM   1208 C CG  . GLU B 1 42  ? 15.528  -14.237 -5.236  1.00 34.91 ? 169 GLU B CG  1 
ATOM   1209 C CD  . GLU B 1 42  ? 15.551  -14.052 -6.741  1.00 36.84 ? 169 GLU B CD  1 
ATOM   1210 O OE1 . GLU B 1 42  ? 15.703  -12.908 -7.211  1.00 36.18 ? 169 GLU B OE1 1 
ATOM   1211 O OE2 . GLU B 1 42  ? 15.426  -15.069 -7.453  1.00 37.90 ? 169 GLU B OE2 1 
ATOM   1212 N N   . GLY B 1 43  ? 16.935  -15.571 -2.544  1.00 28.11 ? 170 GLY B N   1 
ATOM   1213 C CA  . GLY B 1 43  ? 17.874  -16.676 -2.466  1.00 34.61 ? 170 GLY B CA  1 
ATOM   1214 C C   . GLY B 1 43  ? 18.650  -16.753 -1.164  1.00 33.09 ? 170 GLY B C   1 
ATOM   1215 O O   . GLY B 1 43  ? 19.353  -17.732 -0.919  1.00 35.90 ? 170 GLY B O   1 
ATOM   1216 N N   . GLU B 1 44  ? 18.516  -15.725 -0.331  1.00 32.08 ? 171 GLU B N   1 
ATOM   1217 C CA  . GLU B 1 44  ? 19.170  -15.674 0.975   1.00 30.80 ? 171 GLU B CA  1 
ATOM   1218 C C   . GLU B 1 44  ? 18.259  -16.218 2.081   1.00 33.94 ? 171 GLU B C   1 
ATOM   1219 O O   . GLU B 1 44  ? 17.099  -15.826 2.186   1.00 30.33 ? 171 GLU B O   1 
ATOM   1220 C CB  . GLU B 1 44  ? 19.588  -14.233 1.288   1.00 34.84 ? 171 GLU B CB  1 
ATOM   1221 C CG  . GLU B 1 44  ? 20.469  -14.081 2.514   1.00 40.05 ? 171 GLU B CG  1 
ATOM   1222 C CD  . GLU B 1 44  ? 21.101  -12.690 2.638   1.00 47.67 ? 171 GLU B CD  1 
ATOM   1223 O OE1 . GLU B 1 44  ? 20.572  -11.715 2.050   1.00 41.52 ? 171 GLU B OE1 1 
ATOM   1224 O OE2 . GLU B 1 44  ? 22.139  -12.577 3.325   1.00 45.41 ? 171 GLU B OE2 1 
ATOM   1225 N N   . VAL B 1 45  ? 18.780  -17.131 2.899   1.00 30.17 ? 172 VAL B N   1 
ATOM   1226 C CA  . VAL B 1 45  ? 18.007  -17.687 3.999   1.00 29.59 ? 172 VAL B CA  1 
ATOM   1227 C C   . VAL B 1 45  ? 18.076  -16.751 5.193   1.00 28.54 ? 172 VAL B C   1 
ATOM   1228 O O   . VAL B 1 45  ? 19.155  -16.318 5.604   1.00 30.14 ? 172 VAL B O   1 
ATOM   1229 C CB  . VAL B 1 45  ? 18.524  -19.077 4.426   1.00 35.96 ? 172 VAL B CB  1 
ATOM   1230 C CG1 . VAL B 1 45  ? 17.562  -19.708 5.441   1.00 26.25 ? 172 VAL B CG1 1 
ATOM   1231 C CG2 . VAL B 1 45  ? 18.700  -19.975 3.212   1.00 33.43 ? 172 VAL B CG2 1 
ATOM   1232 N N   . ILE B 1 46  ? 16.912  -16.435 5.737   1.00 27.99 ? 173 ILE B N   1 
ATOM   1233 C CA  . ILE B 1 46  ? 16.791  -15.497 6.841   1.00 25.95 ? 173 ILE B CA  1 
ATOM   1234 C C   . ILE B 1 46  ? 16.108  -16.227 7.985   1.00 29.23 ? 173 ILE B C   1 
ATOM   1235 O O   . ILE B 1 46  ? 15.062  -16.835 7.790   1.00 28.44 ? 173 ILE B O   1 
ATOM   1236 C CB  . ILE B 1 46  ? 15.913  -14.278 6.430   1.00 29.34 ? 173 ILE B CB  1 
ATOM   1237 C CG1 . ILE B 1 46  ? 16.400  -13.678 5.103   1.00 28.30 ? 173 ILE B CG1 1 
ATOM   1238 C CG2 . ILE B 1 46  ? 15.855  -13.229 7.549   1.00 28.31 ? 173 ILE B CG2 1 
ATOM   1239 C CD1 . ILE B 1 46  ? 17.842  -13.172 5.147   1.00 34.98 ? 173 ILE B CD1 1 
ATOM   1240 N N   . SER B 1 47  ? 16.690  -16.168 9.180   1.00 32.17 ? 174 SER B N   1 
ATOM   1241 C CA  . SER B 1 47  ? 16.134  -16.876 10.334  1.00 32.50 ? 174 SER B CA  1 
ATOM   1242 C C   . SER B 1 47  ? 14.825  -16.267 10.823  1.00 36.92 ? 174 SER B C   1 
ATOM   1243 O O   . SER B 1 47  ? 14.551  -15.079 10.597  1.00 33.65 ? 174 SER B O   1 
ATOM   1244 C CB  . SER B 1 47  ? 17.133  -16.862 11.486  1.00 36.40 ? 174 SER B CB  1 
ATOM   1245 O OG  . SER B 1 47  ? 17.262  -15.543 11.987  1.00 36.21 ? 174 SER B OG  1 
ATOM   1246 N N   . LYS B 1 48  ? 14.027  -17.082 11.511  1.00 35.19 ? 175 LYS B N   1 
ATOM   1247 C CA  . LYS B 1 48  ? 12.794  -16.621 12.126  1.00 35.41 ? 175 LYS B CA  1 
ATOM   1248 C C   . LYS B 1 48  ? 13.123  -15.472 13.064  1.00 40.73 ? 175 LYS B C   1 
ATOM   1249 O O   . LYS B 1 48  ? 12.417  -14.463 13.102  1.00 37.20 ? 175 LYS B O   1 
ATOM   1250 C CB  . LYS B 1 48  ? 12.078  -17.755 12.871  1.00 34.30 ? 175 LYS B CB  1 
ATOM   1251 C CG  . LYS B 1 48  ? 12.948  -18.484 13.897  1.00 49.62 ? 175 LYS B CG  1 
ATOM   1252 C CD  . LYS B 1 48  ? 12.127  -19.053 15.067  1.00 53.11 ? 175 LYS B CD  1 
ATOM   1253 C CE  . LYS B 1 48  ? 13.015  -19.479 16.245  1.00 46.69 ? 175 LYS B CE  1 
ATOM   1254 N NZ  . LYS B 1 48  ? 13.752  -18.326 16.840  1.00 43.58 ? 175 LYS B NZ  1 
ATOM   1255 N N   . SER B 1 49  ? 14.228  -15.625 13.788  1.00 40.35 ? 176 SER B N   1 
ATOM   1256 C CA  . SER B 1 49  ? 14.706  -14.615 14.717  1.00 40.08 ? 176 SER B CA  1 
ATOM   1257 C C   . SER B 1 49  ? 14.897  -13.266 14.030  1.00 41.77 ? 176 SER B C   1 
ATOM   1258 O O   . SER B 1 49  ? 14.338  -12.262 14.467  1.00 42.69 ? 176 SER B O   1 
ATOM   1259 C CB  . SER B 1 49  ? 16.012  -15.079 15.382  1.00 43.33 ? 176 SER B CB  1 
ATOM   1260 O OG  . SER B 1 49  ? 16.774  -13.979 15.849  1.00 55.73 ? 176 SER B OG  1 
ATOM   1261 N N   . GLU B 1 50  ? 15.672  -13.246 12.947  1.00 40.28 ? 177 GLU B N   1 
ATOM   1262 C CA  . GLU B 1 50  ? 15.895  -12.009 12.210  1.00 39.32 ? 177 GLU B CA  1 
ATOM   1263 C C   . GLU B 1 50  ? 14.579  -11.429 11.680  1.00 39.76 ? 177 GLU B C   1 
ATOM   1264 O O   . GLU B 1 50  ? 14.370  -10.212 11.723  1.00 39.20 ? 177 GLU B O   1 
ATOM   1265 C CB  . GLU B 1 50  ? 16.912  -12.202 11.079  1.00 35.76 ? 177 GLU B CB  1 
ATOM   1266 C CG  . GLU B 1 50  ? 17.277  -10.894 10.370  1.00 41.16 ? 177 GLU B CG  1 
ATOM   1267 C CD  . GLU B 1 50  ? 18.306  -11.079 9.262   1.00 41.70 ? 177 GLU B CD  1 
ATOM   1268 O OE1 . GLU B 1 50  ? 18.954  -12.142 9.220   1.00 43.88 ? 177 GLU B OE1 1 
ATOM   1269 O OE2 . GLU B 1 50  ? 18.461  -10.162 8.424   1.00 42.12 ? 177 GLU B OE2 1 
ATOM   1270 N N   . LEU B 1 51  ? 13.690  -12.296 11.201  1.00 35.83 ? 178 LEU B N   1 
ATOM   1271 C CA  . LEU B 1 51  ? 12.402  -11.848 10.669  1.00 37.59 ? 178 LEU B CA  1 
ATOM   1272 C C   . LEU B 1 51  ? 11.524  -11.168 11.726  1.00 38.46 ? 178 LEU B C   1 
ATOM   1273 O O   . LEU B 1 51  ? 10.834  -10.198 11.431  1.00 36.37 ? 178 LEU B O   1 
ATOM   1274 C CB  . LEU B 1 51  ? 11.642  -12.998 9.990   1.00 34.44 ? 178 LEU B CB  1 
ATOM   1275 C CG  . LEU B 1 51  ? 12.227  -13.547 8.688   1.00 32.27 ? 178 LEU B CG  1 
ATOM   1276 C CD1 . LEU B 1 51  ? 11.401  -14.730 8.216   1.00 28.48 ? 178 LEU B CD1 1 
ATOM   1277 C CD2 . LEU B 1 51  ? 12.279  -12.469 7.619   1.00 29.60 ? 178 LEU B CD2 1 
ATOM   1278 N N   . LEU B 1 52  ? 11.539  -11.672 12.953  1.00 38.16 ? 179 LEU B N   1 
ATOM   1279 C CA  . LEU B 1 52  ? 10.768  -11.025 14.011  1.00 43.26 ? 179 LEU B CA  1 
ATOM   1280 C C   . LEU B 1 52  ? 11.397  -9.686  14.357  1.00 44.24 ? 179 LEU B C   1 
ATOM   1281 O O   . LEU B 1 52  ? 10.713  -8.666  14.459  1.00 46.27 ? 179 LEU B O   1 
ATOM   1282 C CB  . LEU B 1 52  ? 10.711  -11.891 15.269  1.00 44.08 ? 179 LEU B CB  1 
ATOM   1283 C CG  . LEU B 1 52  ? 9.557   -12.869 15.468  1.00 45.08 ? 179 LEU B CG  1 
ATOM   1284 C CD1 . LEU B 1 52  ? 9.387   -13.142 16.961  1.00 48.79 ? 179 LEU B CD1 1 
ATOM   1285 C CD2 . LEU B 1 52  ? 8.265   -12.354 14.869  1.00 42.66 ? 179 LEU B CD2 1 
ATOM   1286 N N   . GLU B 1 53  ? 12.713  -9.719  14.530  1.00 41.55 ? 180 GLU B N   1 
ATOM   1287 C CA  . GLU B 1 53  ? 13.508  -8.567  14.921  1.00 47.54 ? 180 GLU B CA  1 
ATOM   1288 C C   . GLU B 1 53  ? 13.284  -7.405  13.964  1.00 50.48 ? 180 GLU B C   1 
ATOM   1289 O O   . GLU B 1 53  ? 13.096  -6.268  14.392  1.00 54.05 ? 180 GLU B O   1 
ATOM   1290 C CB  . GLU B 1 53  ? 14.987  -8.972  14.937  1.00 51.97 ? 180 GLU B CB  1 
ATOM   1291 C CG  . GLU B 1 53  ? 15.989  -7.884  15.291  1.00 56.04 ? 180 GLU B CG  1 
ATOM   1292 C CD  . GLU B 1 53  ? 17.443  -8.369  15.162  1.00 64.85 ? 180 GLU B CD  1 
ATOM   1293 O OE1 . GLU B 1 53  ? 17.658  -9.517  14.700  1.00 57.20 ? 180 GLU B OE1 1 
ATOM   1294 O OE2 . GLU B 1 53  ? 18.371  -7.602  15.515  1.00 64.88 ? 180 GLU B OE2 1 
ATOM   1295 N N   . LYS B 1 54  ? 13.272  -7.708  12.669  1.00 48.22 ? 181 LYS B N   1 
ATOM   1296 C CA  . LYS B 1 54  ? 13.256  -6.672  11.637  1.00 47.92 ? 181 LYS B CA  1 
ATOM   1297 C C   . LYS B 1 54  ? 11.861  -6.243  11.171  1.00 46.85 ? 181 LYS B C   1 
ATOM   1298 O O   . LYS B 1 54  ? 11.639  -5.072  10.866  1.00 51.38 ? 181 LYS B O   1 
ATOM   1299 C CB  . LYS B 1 54  ? 14.108  -7.093  10.436  1.00 42.60 ? 181 LYS B CB  1 
ATOM   1300 C CG  . LYS B 1 54  ? 15.567  -7.372  10.766  1.00 48.13 ? 181 LYS B CG  1 
ATOM   1301 C CD  . LYS B 1 54  ? 16.222  -6.209  11.502  1.00 51.18 ? 181 LYS B CD  1 
ATOM   1302 C CE  . LYS B 1 54  ? 17.534  -6.648  12.139  1.00 61.30 ? 181 LYS B CE  1 
ATOM   1303 N NZ  . LYS B 1 54  ? 18.132  -5.601  13.022  1.00 68.01 ? 181 LYS B NZ  1 
ATOM   1304 N N   . VAL B 1 55  ? 10.926  -7.179  11.103  1.00 45.49 ? 182 VAL B N   1 
ATOM   1305 C CA  . VAL B 1 55  ? 9.581   -6.846  10.652  1.00 40.83 ? 182 VAL B CA  1 
ATOM   1306 C C   . VAL B 1 55  ? 8.683   -6.404  11.808  1.00 45.03 ? 182 VAL B C   1 
ATOM   1307 O O   . VAL B 1 55  ? 7.907   -5.451  11.676  1.00 50.06 ? 182 VAL B O   1 
ATOM   1308 C CB  . VAL B 1 55  ? 8.936   -8.008  9.872   1.00 41.17 ? 182 VAL B CB  1 
ATOM   1309 C CG1 . VAL B 1 55  ? 7.467   -7.708  9.568   1.00 38.03 ? 182 VAL B CG1 1 
ATOM   1310 C CG2 . VAL B 1 55  ? 9.711   -8.268  8.590   1.00 35.78 ? 182 VAL B CG2 1 
ATOM   1311 N N   . TRP B 1 56  ? 8.788   -7.090  12.940  1.00 45.40 ? 183 TRP B N   1 
ATOM   1312 C CA  . TRP B 1 56  ? 8.048   -6.690  14.135  1.00 47.58 ? 183 TRP B CA  1 
ATOM   1313 C C   . TRP B 1 56  ? 8.926   -5.909  15.108  1.00 47.56 ? 183 TRP B C   1 
ATOM   1314 O O   . TRP B 1 56  ? 9.006   -4.686  15.038  1.00 55.91 ? 183 TRP B O   1 
ATOM   1315 C CB  . TRP B 1 56  ? 7.423   -7.906  14.817  1.00 45.53 ? 183 TRP B CB  1 
ATOM   1316 C CG  . TRP B 1 56  ? 6.293   -8.460  14.040  1.00 42.90 ? 183 TRP B CG  1 
ATOM   1317 C CD1 . TRP B 1 56  ? 4.973   -8.170  14.203  1.00 44.49 ? 183 TRP B CD1 1 
ATOM   1318 C CD2 . TRP B 1 56  ? 6.374   -9.379  12.940  1.00 42.82 ? 183 TRP B CD2 1 
ATOM   1319 N NE1 . TRP B 1 56  ? 4.222   -8.857  13.280  1.00 49.05 ? 183 TRP B NE1 1 
ATOM   1320 C CE2 . TRP B 1 56  ? 5.058   -9.606  12.492  1.00 42.09 ? 183 TRP B CE2 1 
ATOM   1321 C CE3 . TRP B 1 56  ? 7.430   -10.031 12.294  1.00 42.01 ? 183 TRP B CE3 1 
ATOM   1322 C CZ2 . TRP B 1 56  ? 4.767   -10.465 11.433  1.00 41.43 ? 183 TRP B CZ2 1 
ATOM   1323 C CZ3 . TRP B 1 56  ? 7.141   -10.886 11.241  1.00 38.36 ? 183 TRP B CZ3 1 
ATOM   1324 C CH2 . TRP B 1 56  ? 5.822   -11.094 10.821  1.00 40.28 ? 183 TRP B CH2 1 
ATOM   1325 N N   . GLY B 1 57  ? 9.590   -6.618  16.011  1.00 52.99 ? 184 GLY B N   1 
ATOM   1326 C CA  . GLY B 1 57  ? 10.437  -5.976  16.997  1.00 53.97 ? 184 GLY B CA  1 
ATOM   1327 C C   . GLY B 1 57  ? 10.303  -6.641  18.350  1.00 53.68 ? 184 GLY B C   1 
ATOM   1328 O O   . GLY B 1 57  ? 9.608   -7.646  18.483  1.00 59.81 ? 184 GLY B O   1 
ATOM   1329 N N   . ALA B 1 64  ? 5.966   -16.367 18.306  1.00 43.60 ? 191 ALA B N   1 
ATOM   1330 C CA  . ALA B 1 64  ? 7.015   -16.772 17.367  1.00 44.76 ? 191 ALA B CA  1 
ATOM   1331 C C   . ALA B 1 64  ? 6.446   -17.487 16.137  1.00 47.17 ? 191 ALA B C   1 
ATOM   1332 O O   . ALA B 1 64  ? 6.982   -17.372 15.022  1.00 44.25 ? 191 ALA B O   1 
ATOM   1333 C CB  . ALA B 1 64  ? 8.027   -17.648 18.055  1.00 43.25 ? 191 ALA B CB  1 
ATOM   1334 N N   . ASN B 1 65  ? 5.352   -18.216 16.339  1.00 46.39 ? 192 ASN B N   1 
ATOM   1335 C CA  . ASN B 1 65  ? 4.653   -18.869 15.238  1.00 43.92 ? 192 ASN B CA  1 
ATOM   1336 C C   . ASN B 1 65  ? 4.016   -17.796 14.365  1.00 35.54 ? 192 ASN B C   1 
ATOM   1337 O O   . ASN B 1 65  ? 3.501   -18.074 13.276  1.00 38.66 ? 192 ASN B O   1 
ATOM   1338 C CB  . ASN B 1 65  ? 3.593   -19.837 15.765  1.00 39.24 ? 192 ASN B CB  1 
ATOM   1339 C CG  . ASN B 1 65  ? 3.070   -20.786 14.695  1.00 40.79 ? 192 ASN B CG  1 
ATOM   1340 O OD1 . ASN B 1 65  ? 3.822   -21.577 14.123  1.00 44.62 ? 192 ASN B OD1 1 
ATOM   1341 N ND2 . ASN B 1 65  ? 1.767   -20.734 14.444  1.00 41.37 ? 192 ASN B ND2 1 
ATOM   1342 N N   . THR B 1 66  ? 4.061   -16.569 14.864  1.00 35.37 ? 193 THR B N   1 
ATOM   1343 C CA  . THR B 1 66  ? 3.650   -15.403 14.095  1.00 38.89 ? 193 THR B CA  1 
ATOM   1344 C C   . THR B 1 66  ? 4.401   -15.303 12.761  1.00 36.51 ? 193 THR B C   1 
ATOM   1345 O O   . THR B 1 66  ? 3.800   -14.947 11.747  1.00 35.49 ? 193 THR B O   1 
ATOM   1346 C CB  . THR B 1 66  ? 3.798   -14.101 14.903  1.00 43.66 ? 193 THR B CB  1 
ATOM   1347 O OG1 . THR B 1 66  ? 4.012   -13.000 14.010  1.00 50.45 ? 193 THR B OG1 1 
ATOM   1348 C CG2 . THR B 1 66  ? 4.965   -14.193 15.866  1.00 45.98 ? 193 THR B CG2 1 
ATOM   1349 N N   . VAL B 1 67  ? 5.694   -15.641 12.751  1.00 35.26 ? 194 VAL B N   1 
ATOM   1350 C CA  . VAL B 1 67  ? 6.429   -15.726 11.479  1.00 39.64 ? 194 VAL B CA  1 
ATOM   1351 C C   . VAL B 1 67  ? 5.808   -16.790 10.573  1.00 34.39 ? 194 VAL B C   1 
ATOM   1352 O O   . VAL B 1 67  ? 5.424   -16.505 9.428   1.00 32.29 ? 194 VAL B O   1 
ATOM   1353 C CB  . VAL B 1 67  ? 7.945   -16.000 11.676  1.00 37.80 ? 194 VAL B CB  1 
ATOM   1354 C CG1 . VAL B 1 67  ? 8.624   -16.256 10.342  1.00 33.27 ? 194 VAL B CG1 1 
ATOM   1355 C CG2 . VAL B 1 67  ? 8.599   -14.833 12.346  1.00 37.75 ? 194 VAL B CG2 1 
ATOM   1356 N N   . ASN B 1 68  ? 5.678   -18.003 11.111  1.00 36.07 ? 195 ASN B N   1 
ATOM   1357 C CA  . ASN B 1 68  ? 5.089   -19.134 10.391  1.00 35.12 ? 195 ASN B CA  1 
ATOM   1358 C C   . ASN B 1 68  ? 3.697   -18.856 9.815   1.00 29.06 ? 195 ASN B C   1 
ATOM   1359 O O   . ASN B 1 68  ? 3.429   -19.168 8.650   1.00 33.91 ? 195 ASN B O   1 
ATOM   1360 C CB  . ASN B 1 68  ? 5.045   -20.393 11.287  1.00 36.10 ? 195 ASN B CB  1 
ATOM   1361 C CG  . ASN B 1 68  ? 6.423   -20.804 11.801  1.00 42.39 ? 195 ASN B CG  1 
ATOM   1362 O OD1 . ASN B 1 68  ? 7.313   -19.969 11.963  1.00 41.92 ? 195 ASN B OD1 1 
ATOM   1363 N ND2 . ASN B 1 68  ? 6.599   -22.094 12.063  1.00 42.60 ? 195 ASN B ND2 1 
ATOM   1364 N N   . VAL B 1 69  ? 2.806   -18.282 10.619  1.00 33.34 ? 196 VAL B N   1 
ATOM   1365 C CA  . VAL B 1 69  ? 1.448   -18.029 10.138  1.00 32.39 ? 196 VAL B CA  1 
ATOM   1366 C C   . VAL B 1 69  ? 1.461   -17.046 8.975   1.00 32.77 ? 196 VAL B C   1 
ATOM   1367 O O   . VAL B 1 69  ? 0.750   -17.236 7.987   1.00 33.47 ? 196 VAL B O   1 
ATOM   1368 C CB  . VAL B 1 69  ? 0.489   -17.552 11.259  1.00 40.26 ? 196 VAL B CB  1 
ATOM   1369 C CG1 . VAL B 1 69  ? 1.086   -16.395 12.017  1.00 41.29 ? 196 VAL B CG1 1 
ATOM   1370 C CG2 . VAL B 1 69  ? -0.867  -17.149 10.677  1.00 34.80 ? 196 VAL B CG2 1 
ATOM   1371 N N   . HIS B 1 70  ? 2.309   -16.026 9.065   1.00 33.57 ? 197 HIS B N   1 
ATOM   1372 C CA  . HIS B 1 70  ? 2.398   -15.049 7.981   1.00 36.20 ? 197 HIS B CA  1 
ATOM   1373 C C   . HIS B 1 70  ? 3.032   -15.637 6.720   1.00 29.72 ? 197 HIS B C   1 
ATOM   1374 O O   . HIS B 1 70  ? 2.600   -15.317 5.622   1.00 30.05 ? 197 HIS B O   1 
ATOM   1375 C CB  . HIS B 1 70  ? 3.084   -13.751 8.435   1.00 30.74 ? 197 HIS B CB  1 
ATOM   1376 C CG  . HIS B 1 70  ? 2.277   -12.969 9.431   1.00 41.49 ? 197 HIS B CG  1 
ATOM   1377 N ND1 . HIS B 1 70  ? 2.449   -13.094 10.793  1.00 38.21 ? 197 HIS B ND1 1 
ATOM   1378 C CD2 . HIS B 1 70  ? 1.272   -12.079 9.260   1.00 41.25 ? 197 HIS B CD2 1 
ATOM   1379 C CE1 . HIS B 1 70  ? 1.596   -12.302 11.417  1.00 39.81 ? 197 HIS B CE1 1 
ATOM   1380 N NE2 . HIS B 1 70  ? 0.870   -11.676 10.510  1.00 37.00 ? 197 HIS B NE2 1 
ATOM   1381 N N   . ILE B 1 71  ? 4.037   -16.503 6.873   1.00 30.65 ? 198 ILE B N   1 
ATOM   1382 C CA  . ILE B 1 71  ? 4.596   -17.195 5.713   1.00 29.05 ? 198 ILE B CA  1 
ATOM   1383 C C   . ILE B 1 71  ? 3.499   -18.027 5.056   1.00 27.58 ? 198 ILE B C   1 
ATOM   1384 O O   . ILE B 1 71  ? 3.399   -18.097 3.834   1.00 29.16 ? 198 ILE B O   1 
ATOM   1385 C CB  . ILE B 1 71  ? 5.750   -18.144 6.083   1.00 32.09 ? 198 ILE B CB  1 
ATOM   1386 C CG1 . ILE B 1 71  ? 6.862   -17.401 6.830   1.00 33.33 ? 198 ILE B CG1 1 
ATOM   1387 C CG2 . ILE B 1 71  ? 6.313   -18.786 4.830   1.00 28.01 ? 198 ILE B CG2 1 
ATOM   1388 C CD1 . ILE B 1 71  ? 7.841   -16.704 5.933   1.00 30.96 ? 198 ILE B CD1 1 
ATOM   1389 N N   . HIS B 1 72  ? 2.681   -18.664 5.882   1.00 30.81 ? 199 HIS B N   1 
ATOM   1390 C CA  . HIS B 1 72  ? 1.603   -19.508 5.384   1.00 30.40 ? 199 HIS B CA  1 
ATOM   1391 C C   . HIS B 1 72  ? 0.622   -18.642 4.598   1.00 31.63 ? 199 HIS B C   1 
ATOM   1392 O O   . HIS B 1 72  ? 0.250   -18.967 3.465   1.00 32.06 ? 199 HIS B O   1 
ATOM   1393 C CB  . HIS B 1 72  ? 0.892   -20.207 6.555   1.00 34.85 ? 199 HIS B CB  1 
ATOM   1394 C CG  . HIS B 1 72  ? -0.331  -20.982 6.155   1.00 35.84 ? 199 HIS B CG  1 
ATOM   1395 N ND1 . HIS B 1 72  ? -0.269  -22.158 5.434   1.00 41.48 ? 199 HIS B ND1 1 
ATOM   1396 C CD2 . HIS B 1 72  ? -1.646  -20.748 6.377   1.00 37.91 ? 199 HIS B CD2 1 
ATOM   1397 C CE1 . HIS B 1 72  ? -1.493  -22.611 5.225   1.00 35.73 ? 199 HIS B CE1 1 
ATOM   1398 N NE2 . HIS B 1 72  ? -2.347  -21.778 5.792   1.00 41.63 ? 199 HIS B NE2 1 
ATOM   1399 N N   . ARG B 1 73  ? 0.230   -17.528 5.207   1.00 29.52 ? 200 ARG B N   1 
ATOM   1400 C CA  . ARG B 1 73  ? -0.722  -16.608 4.594   1.00 36.74 ? 200 ARG B CA  1 
ATOM   1401 C C   . ARG B 1 73  ? -0.200  -16.050 3.276   1.00 34.50 ? 200 ARG B C   1 
ATOM   1402 O O   . ARG B 1 73  ? -0.963  -15.918 2.315   1.00 32.69 ? 200 ARG B O   1 
ATOM   1403 C CB  . ARG B 1 73  ? -1.093  -15.484 5.564   1.00 37.74 ? 200 ARG B CB  1 
ATOM   1404 C CG  . ARG B 1 73  ? -1.938  -15.954 6.764   1.00 39.51 ? 200 ARG B CG  1 
ATOM   1405 C CD  . ARG B 1 73  ? -2.194  -14.814 7.741   1.00 45.48 ? 200 ARG B CD  1 
ATOM   1406 N NE  . ARG B 1 73  ? -2.825  -13.679 7.064   1.00 57.52 ? 200 ARG B NE  1 
ATOM   1407 C CZ  . ARG B 1 73  ? -2.746  -12.415 7.475   1.00 57.66 ? 200 ARG B CZ  1 
ATOM   1408 N NH1 . ARG B 1 73  ? -2.054  -12.103 8.568   1.00 56.05 ? 200 ARG B NH1 1 
ATOM   1409 N NH2 . ARG B 1 73  ? -3.354  -11.456 6.786   1.00 58.87 ? 200 ARG B NH2 1 
ATOM   1410 N N   . ILE B 1 74  ? 1.100   -15.753 3.212   1.00 28.98 ? 201 ILE B N   1 
ATOM   1411 C CA  . ILE B 1 74  ? 1.674   -15.281 1.952   1.00 31.36 ? 201 ILE B CA  1 
ATOM   1412 C C   . ILE B 1 74  ? 1.589   -16.364 0.879   1.00 28.53 ? 201 ILE B C   1 
ATOM   1413 O O   . ILE B 1 74  ? 1.150   -16.107 -0.240  1.00 29.24 ? 201 ILE B O   1 
ATOM   1414 C CB  . ILE B 1 74  ? 3.135   -14.765 2.110   1.00 29.49 ? 201 ILE B CB  1 
ATOM   1415 C CG1 . ILE B 1 74  ? 3.164   -13.490 2.957   1.00 28.37 ? 201 ILE B CG1 1 
ATOM   1416 C CG2 . ILE B 1 74  ? 3.735   -14.471 0.741   1.00 26.56 ? 201 ILE B CG2 1 
ATOM   1417 C CD1 . ILE B 1 74  ? 4.515   -13.186 3.639   1.00 24.92 ? 201 ILE B CD1 1 
ATOM   1418 N N   . ARG B 1 75  ? 2.003   -17.580 1.221   1.00 31.89 ? 202 ARG B N   1 
ATOM   1419 C CA  . ARG B 1 75  ? 1.946   -18.700 0.269   1.00 33.62 ? 202 ARG B CA  1 
ATOM   1420 C C   . ARG B 1 75  ? 0.517   -18.985 -0.209  1.00 34.37 ? 202 ARG B C   1 
ATOM   1421 O O   . ARG B 1 75  ? 0.291   -19.226 -1.397  1.00 34.82 ? 202 ARG B O   1 
ATOM   1422 C CB  . ARG B 1 75  ? 2.502   -19.979 0.902   1.00 36.19 ? 202 ARG B CB  1 
ATOM   1423 C CG  . ARG B 1 75  ? 3.972   -19.961 1.201   1.00 32.97 ? 202 ARG B CG  1 
ATOM   1424 C CD  . ARG B 1 75  ? 4.297   -21.045 2.221   1.00 37.62 ? 202 ARG B CD  1 
ATOM   1425 N NE  . ARG B 1 75  ? 5.726   -21.321 2.243   1.00 35.11 ? 202 ARG B NE  1 
ATOM   1426 C CZ  . ARG B 1 75  ? 6.330   -22.009 3.196   1.00 32.29 ? 202 ARG B CZ  1 
ATOM   1427 N NH1 . ARG B 1 75  ? 5.622   -22.491 4.210   1.00 31.62 ? 202 ARG B NH1 1 
ATOM   1428 N NH2 . ARG B 1 75  ? 7.642   -22.209 3.130   1.00 33.98 ? 202 ARG B NH2 1 
ATOM   1429 N N   . GLU B 1 76  ? -0.429  -18.995 0.727   1.00 31.61 ? 203 GLU B N   1 
ATOM   1430 C CA  . GLU B 1 76  ? -1.848  -19.144 0.389   1.00 39.13 ? 203 GLU B CA  1 
ATOM   1431 C C   . GLU B 1 76  ? -2.223  -18.189 -0.737  1.00 40.10 ? 203 GLU B C   1 
ATOM   1432 O O   . GLU B 1 76  ? -2.574  -18.612 -1.844  1.00 43.70 ? 203 GLU B O   1 
ATOM   1433 C CB  . GLU B 1 76  ? -2.731  -18.840 1.602   1.00 38.53 ? 203 GLU B CB  1 
ATOM   1434 C CG  . GLU B 1 76  ? -2.646  -19.845 2.723   1.00 47.20 ? 203 GLU B CG  1 
ATOM   1435 C CD  . GLU B 1 76  ? -3.693  -20.933 2.618   1.00 51.38 ? 203 GLU B CD  1 
ATOM   1436 O OE1 . GLU B 1 76  ? -4.814  -20.728 3.131   1.00 55.88 ? 203 GLU B OE1 1 
ATOM   1437 O OE2 . GLU B 1 76  ? -3.393  -21.991 2.026   1.00 57.87 ? 203 GLU B OE2 1 
ATOM   1438 N N   . LYS B 1 77  ? -2.111  -16.897 -0.447  1.00 35.97 ? 204 LYS B N   1 
ATOM   1439 C CA  . LYS B 1 77  ? -2.473  -15.856 -1.396  1.00 37.82 ? 204 LYS B CA  1 
ATOM   1440 C C   . LYS B 1 77  ? -1.853  -16.074 -2.767  1.00 42.58 ? 204 LYS B C   1 
ATOM   1441 O O   . LYS B 1 77  ? -2.562  -16.060 -3.774  1.00 44.70 ? 204 LYS B O   1 
ATOM   1442 C CB  . LYS B 1 77  ? -2.114  -14.474 -0.847  1.00 36.28 ? 204 LYS B CB  1 
ATOM   1443 C CG  . LYS B 1 77  ? -3.097  -13.997 0.196   1.00 38.69 ? 204 LYS B CG  1 
ATOM   1444 C CD  . LYS B 1 77  ? -2.684  -12.700 0.851   1.00 39.86 ? 204 LYS B CD  1 
ATOM   1445 C CE  . LYS B 1 77  ? -3.739  -12.282 1.878   1.00 44.32 ? 204 LYS B CE  1 
ATOM   1446 N NZ  . LYS B 1 77  ? -3.374  -11.045 2.626   1.00 42.40 ? 204 LYS B NZ  1 
ATOM   1447 N N   . LEU B 1 78  ? -0.542  -16.292 -2.805  1.00 37.48 ? 205 LEU B N   1 
ATOM   1448 C CA  . LEU B 1 78  ? 0.153   -16.509 -4.069  1.00 36.38 ? 205 LEU B CA  1 
ATOM   1449 C C   . LEU B 1 78  ? -0.480  -17.623 -4.912  1.00 41.67 ? 205 LEU B C   1 
ATOM   1450 O O   . LEU B 1 78  ? -0.737  -17.432 -6.098  1.00 42.98 ? 205 LEU B O   1 
ATOM   1451 C CB  . LEU B 1 78  ? 1.637   -16.797 -3.832  1.00 36.14 ? 205 LEU B CB  1 
ATOM   1452 C CG  . LEU B 1 78  ? 2.500   -15.627 -3.351  1.00 38.65 ? 205 LEU B CG  1 
ATOM   1453 C CD1 . LEU B 1 78  ? 3.924   -16.076 -3.157  1.00 31.72 ? 205 LEU B CD1 1 
ATOM   1454 C CD2 . LEU B 1 78  ? 2.435   -14.445 -4.326  1.00 33.96 ? 205 LEU B CD2 1 
ATOM   1455 N N   . GLU B 1 79  ? -0.742  -18.780 -4.320  1.00 40.69 ? 206 GLU B N   1 
ATOM   1456 C CA  . GLU B 1 79  ? -1.297  -19.853 -5.139  1.00 47.50 ? 206 GLU B CA  1 
ATOM   1457 C C   . GLU B 1 79  ? -2.783  -19.682 -5.467  1.00 46.39 ? 206 GLU B C   1 
ATOM   1458 O O   . GLU B 1 79  ? -3.224  -20.069 -6.550  1.00 49.64 ? 206 GLU B O   1 
ATOM   1459 C CB  . GLU B 1 79  ? -0.954  -21.260 -4.623  1.00 47.24 ? 206 GLU B CB  1 
ATOM   1460 C CG  . GLU B 1 79  ? -0.858  -21.432 -3.127  1.00 49.55 ? 206 GLU B CG  1 
ATOM   1461 C CD  . GLU B 1 79  ? 0.433   -22.140 -2.716  1.00 52.10 ? 206 GLU B CD  1 
ATOM   1462 O OE1 . GLU B 1 79  ? 1.415   -22.080 -3.494  1.00 54.51 ? 206 GLU B OE1 1 
ATOM   1463 O OE2 . GLU B 1 79  ? 0.470   -22.751 -1.620  1.00 52.68 ? 206 GLU B OE2 1 
ATOM   1464 N N   . LYS B 1 80  ? -3.540  -19.060 -4.568  1.00 49.68 ? 207 LYS B N   1 
ATOM   1465 C CA  . LYS B 1 80  ? -4.936  -18.747 -4.864  1.00 49.91 ? 207 LYS B CA  1 
ATOM   1466 C C   . LYS B 1 80  ? -5.035  -17.955 -6.165  1.00 51.58 ? 207 LYS B C   1 
ATOM   1467 O O   . LYS B 1 80  ? -6.025  -18.058 -6.894  1.00 54.35 ? 207 LYS B O   1 
ATOM   1468 C CB  . LYS B 1 80  ? -5.583  -17.959 -3.727  1.00 51.12 ? 207 LYS B CB  1 
ATOM   1469 C CG  . LYS B 1 80  ? -5.674  -18.708 -2.406  1.00 55.22 ? 207 LYS B CG  1 
ATOM   1470 C CD  . LYS B 1 80  ? -7.012  -19.416 -2.224  1.00 59.12 ? 207 LYS B CD  1 
ATOM   1471 C CE  . LYS B 1 80  ? -7.102  -20.041 -0.840  1.00 59.35 ? 207 LYS B CE  1 
ATOM   1472 N NZ  . LYS B 1 80  ? -6.776  -19.035 0.213   1.00 58.96 ? 207 LYS B NZ  1 
ATOM   1473 N N   . HIS B 1 81  ? -3.993  -17.181 -6.460  1.00 50.22 ? 208 HIS B N   1 
ATOM   1474 C CA  . HIS B 1 81  ? -3.979  -16.327 -7.644  1.00 46.67 ? 208 HIS B CA  1 
ATOM   1475 C C   . HIS B 1 81  ? -3.116  -16.895 -8.760  1.00 47.98 ? 208 HIS B C   1 
ATOM   1476 O O   . HIS B 1 81  ? -2.720  -16.177 -9.684  1.00 46.05 ? 208 HIS B O   1 
ATOM   1477 C CB  . HIS B 1 81  ? -3.543  -14.911 -7.273  1.00 44.06 ? 208 HIS B CB  1 
ATOM   1478 C CG  . HIS B 1 81  ? -4.559  -14.174 -6.461  1.00 45.12 ? 208 HIS B CG  1 
ATOM   1479 N ND1 . HIS B 1 81  ? -4.614  -14.254 -5.089  1.00 42.54 ? 208 HIS B ND1 1 
ATOM   1480 C CD2 . HIS B 1 81  ? -5.586  -13.371 -6.833  1.00 46.36 ? 208 HIS B CD2 1 
ATOM   1481 C CE1 . HIS B 1 81  ? -5.615  -13.515 -4.645  1.00 40.93 ? 208 HIS B CE1 1 
ATOM   1482 N NE2 . HIS B 1 81  ? -6.221  -12.970 -5.683  1.00 44.53 ? 208 HIS B NE2 1 
ATOM   1483 N N   . ASP B 1 82  ? -2.829  -18.189 -8.661  1.00 48.69 ? 209 ASP B N   1 
ATOM   1484 C CA  . ASP B 1 82  ? -2.113  -18.912 -9.705  1.00 48.16 ? 209 ASP B CA  1 
ATOM   1485 C C   . ASP B 1 82  ? -0.757  -18.309 -10.002 1.00 48.09 ? 209 ASP B C   1 
ATOM   1486 O O   . ASP B 1 82  ? -0.310  -18.303 -11.151 1.00 47.24 ? 209 ASP B O   1 
ATOM   1487 C CB  . ASP B 1 82  ? -2.953  -18.969 -10.979 1.00 52.76 ? 209 ASP B CB  1 
ATOM   1488 C CG  . ASP B 1 82  ? -4.399  -19.303 -10.692 1.00 55.49 ? 209 ASP B CG  1 
ATOM   1489 O OD1 . ASP B 1 82  ? -4.688  -20.495 -10.445 1.00 57.44 ? 209 ASP B OD1 1 
ATOM   1490 O OD2 . ASP B 1 82  ? -5.235  -18.372 -10.686 1.00 51.91 ? 209 ASP B OD2 1 
ATOM   1491 N N   . PHE B 1 83  ? -0.110  -17.779 -8.970  1.00 45.61 ? 210 PHE B N   1 
ATOM   1492 C CA  . PHE B 1 83  ? 1.274   -17.354 -9.117  1.00 46.19 ? 210 PHE B CA  1 
ATOM   1493 C C   . PHE B 1 83  ? 2.214   -18.475 -8.696  1.00 42.30 ? 210 PHE B C   1 
ATOM   1494 O O   . PHE B 1 83  ? 2.340   -18.788 -7.514  1.00 42.86 ? 210 PHE B O   1 
ATOM   1495 C CB  . PHE B 1 83  ? 1.583   -16.083 -8.325  1.00 39.85 ? 210 PHE B CB  1 
ATOM   1496 C CG  . PHE B 1 83  ? 2.979   -15.608 -8.520  1.00 40.92 ? 210 PHE B CG  1 
ATOM   1497 C CD1 . PHE B 1 83  ? 3.346   -14.997 -9.706  1.00 39.03 ? 210 PHE B CD1 1 
ATOM   1498 C CD2 . PHE B 1 83  ? 3.939   -15.817 -7.549  1.00 39.01 ? 210 PHE B CD2 1 
ATOM   1499 C CE1 . PHE B 1 83  ? 4.634   -14.576 -9.912  1.00 39.44 ? 210 PHE B CE1 1 
ATOM   1500 C CE2 . PHE B 1 83  ? 5.229   -15.396 -7.749  1.00 37.23 ? 210 PHE B CE2 1 
ATOM   1501 C CZ  . PHE B 1 83  ? 5.581   -14.779 -8.933  1.00 37.34 ? 210 PHE B CZ  1 
ATOM   1502 N N   . LEU B 1 84  ? 2.877   -19.063 -9.684  1.00 45.73 ? 211 LEU B N   1 
ATOM   1503 C CA  . LEU B 1 84  ? 3.732   -20.236 -9.494  1.00 44.76 ? 211 LEU B CA  1 
ATOM   1504 C C   . LEU B 1 84  ? 5.255   -20.021 -9.543  1.00 40.79 ? 211 LEU B C   1 
ATOM   1505 O O   . LEU B 1 84  ? 5.990   -20.784 -8.921  1.00 44.87 ? 211 LEU B O   1 
ATOM   1506 C CB  . LEU B 1 84  ? 3.376   -21.293 -10.548 1.00 50.15 ? 211 LEU B CB  1 
ATOM   1507 C CG  . LEU B 1 84  ? 1.897   -21.558 -10.824 1.00 52.22 ? 211 LEU B CG  1 
ATOM   1508 C CD1 . LEU B 1 84  ? 1.739   -22.371 -12.105 1.00 51.07 ? 211 LEU B CD1 1 
ATOM   1509 C CD2 . LEU B 1 84  ? 1.252   -22.269 -9.643  1.00 48.73 ? 211 LEU B CD2 1 
ATOM   1510 N N   . PRO B 1 85  ? 5.746   -19.016 -10.301 1.00 40.29 ? 212 PRO B N   1 
ATOM   1511 C CA  . PRO B 1 85  ? 7.191   -19.079 -10.555 1.00 40.56 ? 212 PRO B CA  1 
ATOM   1512 C C   . PRO B 1 85  ? 8.076   -18.823 -9.333  1.00 39.29 ? 212 PRO B C   1 
ATOM   1513 O O   . PRO B 1 85  ? 9.243   -19.203 -9.351  1.00 39.04 ? 212 PRO B O   1 
ATOM   1514 C CB  . PRO B 1 85  ? 7.422   -17.960 -11.588 1.00 43.54 ? 212 PRO B CB  1 
ATOM   1515 C CG  . PRO B 1 85  ? 6.082   -17.501 -12.017 1.00 40.06 ? 212 PRO B CG  1 
ATOM   1516 C CD  . PRO B 1 85  ? 5.138   -17.832 -10.934 1.00 40.54 ? 212 PRO B CD  1 
ATOM   1517 N N   . TYR B 1 86  ? 7.540   -18.164 -8.311  1.00 36.58 ? 213 TYR B N   1 
ATOM   1518 C CA  . TYR B 1 86  ? 8.309   -17.862 -7.110  1.00 34.25 ? 213 TYR B CA  1 
ATOM   1519 C C   . TYR B 1 86  ? 7.531   -18.284 -5.872  1.00 33.84 ? 213 TYR B C   1 
ATOM   1520 O O   . TYR B 1 86  ? 6.310   -18.382 -5.914  1.00 33.93 ? 213 TYR B O   1 
ATOM   1521 C CB  . TYR B 1 86  ? 8.634   -16.365 -7.038  1.00 33.56 ? 213 TYR B CB  1 
ATOM   1522 C CG  . TYR B 1 86  ? 9.700   -15.928 -8.003  1.00 34.35 ? 213 TYR B CG  1 
ATOM   1523 C CD1 . TYR B 1 86  ? 9.394   -15.650 -9.334  1.00 34.38 ? 213 TYR B CD1 1 
ATOM   1524 C CD2 . TYR B 1 86  ? 11.022  -15.798 -7.590  1.00 32.98 ? 213 TYR B CD2 1 
ATOM   1525 C CE1 . TYR B 1 86  ? 10.383  -15.257 -10.226 1.00 34.12 ? 213 TYR B CE1 1 
ATOM   1526 C CE2 . TYR B 1 86  ? 12.007  -15.392 -8.465  1.00 32.77 ? 213 TYR B CE2 1 
ATOM   1527 C CZ  . TYR B 1 86  ? 11.687  -15.130 -9.780  1.00 33.44 ? 213 TYR B CZ  1 
ATOM   1528 O OH  . TYR B 1 86  ? 12.682  -14.741 -10.645 1.00 32.76 ? 213 TYR B OH  1 
ATOM   1529 N N   . THR B 1 87  ? 8.245   -18.538 -4.779  1.00 30.25 ? 214 THR B N   1 
ATOM   1530 C CA  . THR B 1 87  ? 7.611   -18.890 -3.516  1.00 30.95 ? 214 THR B CA  1 
ATOM   1531 C C   . THR B 1 87  ? 8.554   -18.572 -2.360  1.00 29.18 ? 214 THR B C   1 
ATOM   1532 O O   . THR B 1 87  ? 9.654   -18.061 -2.566  1.00 28.59 ? 214 THR B O   1 
ATOM   1533 C CB  . THR B 1 87  ? 7.212   -20.387 -3.453  1.00 30.89 ? 214 THR B CB  1 
ATOM   1534 O OG1 . THR B 1 87  ? 6.290   -20.598 -2.372  1.00 30.07 ? 214 THR B OG1 1 
ATOM   1535 C CG2 . THR B 1 87  ? 8.441   -21.275 -3.257  1.00 26.32 ? 214 THR B CG2 1 
ATOM   1536 N N   . ILE B 1 88  ? 8.093   -18.848 -1.142  1.00 27.40 ? 215 ILE B N   1 
ATOM   1537 C CA  . ILE B 1 88  ? 8.945   -18.798 0.026   1.00 26.46 ? 215 ILE B CA  1 
ATOM   1538 C C   . ILE B 1 88  ? 9.233   -20.244 0.442   1.00 29.91 ? 215 ILE B C   1 
ATOM   1539 O O   . ILE B 1 88  ? 8.311   -21.031 0.692   1.00 27.58 ? 215 ILE B O   1 
ATOM   1540 C CB  . ILE B 1 88  ? 8.290   -18.028 1.187   1.00 26.72 ? 215 ILE B CB  1 
ATOM   1541 C CG1 . ILE B 1 88  ? 8.040   -16.560 0.788   1.00 26.10 ? 215 ILE B CG1 1 
ATOM   1542 C CG2 . ILE B 1 88  ? 9.169   -18.117 2.450   1.00 26.05 ? 215 ILE B CG2 1 
ATOM   1543 C CD1 . ILE B 1 88  ? 7.273   -15.736 1.846   1.00 19.79 ? 215 ILE B CD1 1 
ATOM   1544 N N   . THR B 1 89  ? 10.515  -20.590 0.474   1.00 27.48 ? 216 THR B N   1 
ATOM   1545 C CA  . THR B 1 89  ? 10.964  -21.942 0.801   1.00 24.36 ? 216 THR B CA  1 
ATOM   1546 C C   . THR B 1 89  ? 11.377  -21.996 2.266   1.00 29.86 ? 216 THR B C   1 
ATOM   1547 O O   . THR B 1 89  ? 12.106  -21.115 2.751   1.00 28.62 ? 216 THR B O   1 
ATOM   1548 C CB  . THR B 1 89  ? 12.167  -22.345 -0.068  1.00 27.94 ? 216 THR B CB  1 
ATOM   1549 O OG1 . THR B 1 89  ? 11.768  -22.397 -1.439  1.00 31.86 ? 216 THR B OG1 1 
ATOM   1550 C CG2 . THR B 1 89  ? 12.737  -23.718 0.351   1.00 31.84 ? 216 THR B CG2 1 
ATOM   1551 N N   . THR B 1 90  ? 10.890  -23.013 2.974   1.00 28.59 ? 217 THR B N   1 
ATOM   1552 C CA  . THR B 1 90  ? 11.349  -23.295 4.330   1.00 27.31 ? 217 THR B CA  1 
ATOM   1553 C C   . THR B 1 90  ? 12.689  -24.028 4.273   1.00 26.18 ? 217 THR B C   1 
ATOM   1554 O O   . THR B 1 90  ? 12.802  -25.070 3.634   1.00 28.02 ? 217 THR B O   1 
ATOM   1555 C CB  . THR B 1 90  ? 10.339  -24.176 5.079   1.00 30.24 ? 217 THR B CB  1 
ATOM   1556 O OG1 . THR B 1 90  ? 9.029   -23.612 4.950   1.00 35.87 ? 217 THR B OG1 1 
ATOM   1557 C CG2 . THR B 1 90  ? 10.707  -24.300 6.567   1.00 31.30 ? 217 THR B CG2 1 
ATOM   1558 N N   . VAL B 1 91  ? 13.710  -23.473 4.911   1.00 21.55 ? 218 VAL B N   1 
ATOM   1559 C CA  . VAL B 1 91  ? 14.965  -24.187 5.069   1.00 25.96 ? 218 VAL B CA  1 
ATOM   1560 C C   . VAL B 1 91  ? 15.013  -24.653 6.516   1.00 28.74 ? 218 VAL B C   1 
ATOM   1561 O O   . VAL B 1 91  ? 15.375  -23.903 7.425   1.00 26.81 ? 218 VAL B O   1 
ATOM   1562 C CB  . VAL B 1 91  ? 16.177  -23.314 4.728   1.00 27.10 ? 218 VAL B CB  1 
ATOM   1563 C CG1 . VAL B 1 91  ? 17.418  -24.178 4.567   1.00 32.66 ? 218 VAL B CG1 1 
ATOM   1564 C CG2 . VAL B 1 91  ? 15.915  -22.569 3.450   1.00 31.59 ? 218 VAL B CG2 1 
ATOM   1565 N N   . TRP B 1 92  ? 14.585  -25.892 6.719   1.00 26.38 ? 219 TRP B N   1 
ATOM   1566 C CA  . TRP B 1 92  ? 14.371  -26.429 8.049   1.00 28.58 ? 219 TRP B CA  1 
ATOM   1567 C C   . TRP B 1 92  ? 15.600  -26.339 8.940   1.00 28.31 ? 219 TRP B C   1 
ATOM   1568 O O   . TRP B 1 92  ? 16.674  -26.837 8.604   1.00 25.93 ? 219 TRP B O   1 
ATOM   1569 C CB  . TRP B 1 92  ? 13.877  -27.859 7.927   1.00 31.27 ? 219 TRP B CB  1 
ATOM   1570 C CG  . TRP B 1 92  ? 12.675  -27.934 7.053   1.00 29.99 ? 219 TRP B CG  1 
ATOM   1571 C CD1 . TRP B 1 92  ? 12.640  -28.144 5.701   1.00 29.21 ? 219 TRP B CD1 1 
ATOM   1572 C CD2 . TRP B 1 92  ? 11.329  -27.750 7.465   1.00 31.33 ? 219 TRP B CD2 1 
ATOM   1573 N NE1 . TRP B 1 92  ? 11.344  -28.136 5.255   1.00 27.45 ? 219 TRP B NE1 1 
ATOM   1574 C CE2 . TRP B 1 92  ? 10.518  -27.886 6.320   1.00 33.35 ? 219 TRP B CE2 1 
ATOM   1575 C CE3 . TRP B 1 92  ? 10.722  -27.486 8.702   1.00 38.41 ? 219 TRP B CE3 1 
ATOM   1576 C CZ2 . TRP B 1 92  ? 9.134   -27.765 6.370   1.00 39.38 ? 219 TRP B CZ2 1 
ATOM   1577 C CZ3 . TRP B 1 92  ? 9.350   -27.369 8.752   1.00 40.49 ? 219 TRP B CZ3 1 
ATOM   1578 C CH2 . TRP B 1 92  ? 8.569   -27.512 7.596   1.00 43.02 ? 219 TRP B CH2 1 
ATOM   1579 N N   . GLY B 1 93  ? 15.431  -25.674 10.078  1.00 32.62 ? 220 GLY B N   1 
ATOM   1580 C CA  . GLY B 1 93  ? 16.542  -25.421 10.976  1.00 32.80 ? 220 GLY B CA  1 
ATOM   1581 C C   . GLY B 1 93  ? 17.302  -24.124 10.709  1.00 37.74 ? 220 GLY B C   1 
ATOM   1582 O O   . GLY B 1 93  ? 18.145  -23.736 11.521  1.00 39.19 ? 220 GLY B O   1 
ATOM   1583 N N   . LEU B 1 94  ? 17.030  -23.451 9.591   1.00 30.58 ? 221 LEU B N   1 
ATOM   1584 C CA  . LEU B 1 94  ? 17.756  -22.215 9.272   1.00 31.12 ? 221 LEU B CA  1 
ATOM   1585 C C   . LEU B 1 94  ? 16.850  -21.002 9.043   1.00 36.16 ? 221 LEU B C   1 
ATOM   1586 O O   . LEU B 1 94  ? 17.197  -19.883 9.426   1.00 37.89 ? 221 LEU B O   1 
ATOM   1587 C CB  . LEU B 1 94  ? 18.685  -22.407 8.068   1.00 29.39 ? 221 LEU B CB  1 
ATOM   1588 C CG  . LEU B 1 94  ? 19.837  -23.397 8.248   1.00 32.53 ? 221 LEU B CG  1 
ATOM   1589 C CD1 . LEU B 1 94  ? 20.556  -23.654 6.927   1.00 33.18 ? 221 LEU B CD1 1 
ATOM   1590 C CD2 . LEU B 1 94  ? 20.800  -22.908 9.324   1.00 33.33 ? 221 LEU B CD2 1 
ATOM   1591 N N   . GLY B 1 95  ? 15.701  -21.208 8.409   1.00 32.74 ? 222 GLY B N   1 
ATOM   1592 C CA  . GLY B 1 95  ? 14.753  -20.119 8.253   1.00 30.61 ? 222 GLY B CA  1 
ATOM   1593 C C   . GLY B 1 95  ? 13.998  -20.168 6.945   1.00 31.13 ? 222 GLY B C   1 
ATOM   1594 O O   . GLY B 1 95  ? 13.535  -21.227 6.514   1.00 30.44 ? 222 GLY B O   1 
ATOM   1595 N N   . TYR B 1 96  ? 13.880  -19.016 6.301   1.00 26.06 ? 223 TYR B N   1 
ATOM   1596 C CA  . TYR B 1 96  ? 13.046  -18.907 5.111   1.00 26.85 ? 223 TYR B CA  1 
ATOM   1597 C C   . TYR B 1 96  ? 13.737  -18.165 3.968   1.00 26.43 ? 223 TYR B C   1 
ATOM   1598 O O   . TYR B 1 96  ? 14.567  -17.273 4.192   1.00 25.98 ? 223 TYR B O   1 
ATOM   1599 C CB  . TYR B 1 96  ? 11.733  -18.214 5.457   1.00 26.26 ? 223 TYR B CB  1 
ATOM   1600 C CG  . TYR B 1 96  ? 10.881  -18.960 6.457   1.00 28.13 ? 223 TYR B CG  1 
ATOM   1601 C CD1 . TYR B 1 96  ? 10.077  -20.019 6.060   1.00 26.12 ? 223 TYR B CD1 1 
ATOM   1602 C CD2 . TYR B 1 96  ? 10.860  -18.587 7.796   1.00 30.63 ? 223 TYR B CD2 1 
ATOM   1603 C CE1 . TYR B 1 96  ? 9.274   -20.694 6.978   1.00 30.66 ? 223 TYR B CE1 1 
ATOM   1604 C CE2 . TYR B 1 96  ? 10.069  -19.257 8.717   1.00 31.47 ? 223 TYR B CE2 1 
ATOM   1605 C CZ  . TYR B 1 96  ? 9.278   -20.305 8.301   1.00 32.38 ? 223 TYR B CZ  1 
ATOM   1606 O OH  . TYR B 1 96  ? 8.489   -20.963 9.219   1.00 37.97 ? 223 TYR B OH  1 
ATOM   1607 N N   . LYS B 1 97  ? 13.364  -18.522 2.747   1.00 25.50 ? 224 LYS B N   1 
ATOM   1608 C CA  . LYS B 1 97  ? 14.023  -18.000 1.558   1.00 29.12 ? 224 LYS B CA  1 
ATOM   1609 C C   . LYS B 1 97  ? 12.993  -17.741 0.463   1.00 26.44 ? 224 LYS B C   1 
ATOM   1610 O O   . LYS B 1 97  ? 12.242  -18.639 0.105   1.00 27.55 ? 224 LYS B O   1 
ATOM   1611 C CB  . LYS B 1 97  ? 15.019  -19.044 1.045   1.00 28.81 ? 224 LYS B CB  1 
ATOM   1612 C CG  . LYS B 1 97  ? 16.127  -18.496 0.216   1.00 33.87 ? 224 LYS B CG  1 
ATOM   1613 C CD  . LYS B 1 97  ? 16.700  -19.582 -0.685  1.00 37.20 ? 224 LYS B CD  1 
ATOM   1614 C CE  . LYS B 1 97  ? 16.909  -20.893 0.051   1.00 40.02 ? 224 LYS B CE  1 
ATOM   1615 N NZ  . LYS B 1 97  ? 17.291  -21.996 -0.891  1.00 42.33 ? 224 LYS B NZ  1 
ATOM   1616 N N   . PHE B 1 98  ? 12.965  -16.524 -0.076  1.00 27.51 ? 225 PHE B N   1 
ATOM   1617 C CA  . PHE B 1 98  ? 12.219  -16.244 -1.312  1.00 27.65 ? 225 PHE B CA  1 
ATOM   1618 C C   . PHE B 1 98  ? 13.096  -16.593 -2.508  1.00 25.07 ? 225 PHE B C   1 
ATOM   1619 O O   . PHE B 1 98  ? 14.225  -16.125 -2.598  1.00 28.84 ? 225 PHE B O   1 
ATOM   1620 C CB  . PHE B 1 98  ? 11.855  -14.759 -1.376  1.00 27.26 ? 225 PHE B CB  1 
ATOM   1621 C CG  . PHE B 1 98  ? 11.122  -14.351 -2.630  1.00 28.00 ? 225 PHE B CG  1 
ATOM   1622 C CD1 . PHE B 1 98  ? 9.742   -14.486 -2.717  1.00 27.24 ? 225 PHE B CD1 1 
ATOM   1623 C CD2 . PHE B 1 98  ? 11.806  -13.777 -3.696  1.00 28.90 ? 225 PHE B CD2 1 
ATOM   1624 C CE1 . PHE B 1 98  ? 9.048   -14.083 -3.865  1.00 30.31 ? 225 PHE B CE1 1 
ATOM   1625 C CE2 . PHE B 1 98  ? 11.132  -13.378 -4.849  1.00 32.68 ? 225 PHE B CE2 1 
ATOM   1626 C CZ  . PHE B 1 98  ? 9.741   -13.529 -4.932  1.00 28.67 ? 225 PHE B CZ  1 
ATOM   1627 N N   . GLU B 1 99  ? 12.580  -17.386 -3.437  1.00 26.47 ? 226 GLU B N   1 
ATOM   1628 C CA  . GLU B 1 99  ? 13.381  -17.847 -4.571  1.00 30.36 ? 226 GLU B CA  1 
ATOM   1629 C C   . GLU B 1 99  ? 12.481  -18.357 -5.688  1.00 31.63 ? 226 GLU B C   1 
ATOM   1630 O O   . GLU B 1 99  ? 11.278  -18.544 -5.484  1.00 30.78 ? 226 GLU B O   1 
ATOM   1631 C CB  . GLU B 1 99  ? 14.313  -18.985 -4.124  1.00 31.75 ? 226 GLU B CB  1 
ATOM   1632 C CG  . GLU B 1 99  ? 13.564  -20.189 -3.532  1.00 30.53 ? 226 GLU B CG  1 
ATOM   1633 C CD  . GLU B 1 99  ? 14.472  -21.387 -3.255  1.00 40.83 ? 226 GLU B CD  1 
ATOM   1634 O OE1 . GLU B 1 99  ? 15.690  -21.298 -3.539  1.00 42.83 ? 226 GLU B OE1 1 
ATOM   1635 O OE2 . GLU B 1 99  ? 13.966  -22.416 -2.757  1.00 38.70 ? 226 GLU B OE2 1 
ATOM   1636 N N   . ARG B 1 100 ? 13.061  -18.597 -6.861  1.00 32.11 ? 227 ARG B N   1 
ATOM   1637 C CA  . ARG B 1 100 ? 12.326  -19.243 -7.946  1.00 34.09 ? 227 ARG B CA  1 
ATOM   1638 C C   . ARG B 1 100 ? 11.829  -20.590 -7.488  1.00 35.87 ? 227 ARG B C   1 
ATOM   1639 O O   . ARG B 1 100 ? 12.547  -21.318 -6.804  1.00 36.78 ? 227 ARG B O   1 
ATOM   1640 C CB  . ARG B 1 100 ? 13.216  -19.436 -9.175  1.00 36.93 ? 227 ARG B CB  1 
ATOM   1641 C CG  . ARG B 1 100 ? 13.365  -18.196 -10.003 1.00 39.73 ? 227 ARG B CG  1 
ATOM   1642 C CD  . ARG B 1 100 ? 13.929  -18.471 -11.388 1.00 39.96 ? 227 ARG B CD  1 
ATOM   1643 N NE  . ARG B 1 100 ? 13.784  -17.278 -12.211 1.00 38.32 ? 227 ARG B NE  1 
ATOM   1644 C CZ  . ARG B 1 100 ? 12.661  -16.957 -12.847 1.00 39.95 ? 227 ARG B CZ  1 
ATOM   1645 N NH1 . ARG B 1 100 ? 11.609  -17.758 -12.773 1.00 41.81 ? 227 ARG B NH1 1 
ATOM   1646 N NH2 . ARG B 1 100 ? 12.588  -15.843 -13.561 1.00 43.99 ? 227 ARG B NH2 1 
ATOM   1647 N N   . SER B 1 101 ? 10.600  -20.926 -7.865  1.00 36.57 ? 228 SER B N   1 
ATOM   1648 C CA  . SER B 1 101 ? 9.976   -22.159 -7.403  1.00 38.19 ? 228 SER B CA  1 
ATOM   1649 C C   . SER B 1 101 ? 10.353  -23.376 -8.256  1.00 43.39 ? 228 SER B C   1 
ATOM   1650 O O   . SER B 1 101 ? 10.214  -23.353 -9.479  1.00 44.39 ? 228 SER B O   1 
ATOM   1651 C CB  . SER B 1 101 ? 8.459   -21.994 -7.361  1.00 40.77 ? 228 SER B CB  1 
ATOM   1652 O OG  . SER B 1 101 ? 7.843   -23.197 -6.952  1.00 50.09 ? 228 SER B OG  1 
HETATM 1653 O O   . HOH C 2 .   ? -4.667  19.480  0.641   1.00 20.26 ? 301 HOH A O   1 
HETATM 1654 O O   . HOH C 2 .   ? -14.846 10.691  -13.422 1.00 28.63 ? 302 HOH A O   1 
HETATM 1655 O O   . HOH C 2 .   ? 3.677   16.327  8.608   1.00 33.53 ? 303 HOH A O   1 
HETATM 1656 O O   . HOH C 2 .   ? -12.715 12.431  4.870   1.00 27.47 ? 304 HOH A O   1 
HETATM 1657 O O   . HOH C 2 .   ? -13.986 4.092   -5.521  1.00 26.19 ? 305 HOH A O   1 
HETATM 1658 O O   . HOH C 2 .   ? -9.784  1.356   4.940   1.00 29.95 ? 306 HOH A O   1 
HETATM 1659 O O   . HOH C 2 .   ? -21.658 11.534  -3.068  1.00 30.06 ? 307 HOH A O   1 
HETATM 1660 O O   . HOH C 2 .   ? -0.789  8.674   -18.116 1.00 32.76 ? 308 HOH A O   1 
HETATM 1661 O O   . HOH C 2 .   ? -7.243  1.012   -1.583  1.00 33.80 ? 309 HOH A O   1 
HETATM 1662 O O   . HOH C 2 .   ? 6.223   11.100  -0.210  1.00 29.59 ? 310 HOH A O   1 
HETATM 1663 O O   . HOH C 2 .   ? -6.262  6.292   16.149  1.00 41.37 ? 311 HOH A O   1 
HETATM 1664 O O   . HOH C 2 .   ? -18.510 3.885   -16.390 1.00 29.61 ? 312 HOH A O   1 
HETATM 1665 O O   . HOH C 2 .   ? -0.609  11.525  -8.442  1.00 28.96 ? 313 HOH A O   1 
HETATM 1666 O O   . HOH C 2 .   ? -2.960  -3.050  4.015   1.00 34.29 ? 314 HOH A O   1 
HETATM 1667 O O   . HOH C 2 .   ? 3.799   22.566  -4.801  1.00 33.38 ? 315 HOH A O   1 
HETATM 1668 O O   . HOH C 2 .   ? -15.137 11.112  4.123   1.00 25.74 ? 316 HOH A O   1 
HETATM 1669 O O   . HOH C 2 .   ? -13.070 17.112  5.350   1.00 29.30 ? 317 HOH A O   1 
HETATM 1670 O O   . HOH C 2 .   ? -1.648  12.429  -10.385 1.00 24.55 ? 318 HOH A O   1 
HETATM 1671 O O   . HOH C 2 .   ? -17.061 12.763  5.412   1.00 29.56 ? 319 HOH A O   1 
HETATM 1672 O O   . HOH C 2 .   ? -5.865  -1.801  -0.154  1.00 44.21 ? 320 HOH A O   1 
HETATM 1673 O O   . HOH C 2 .   ? -14.762 5.248   8.437   1.00 35.66 ? 321 HOH A O   1 
HETATM 1674 O O   . HOH C 2 .   ? -2.263  3.601   -20.084 1.00 34.41 ? 322 HOH A O   1 
HETATM 1675 O O   . HOH C 2 .   ? 9.320   19.016  -0.149  1.00 38.30 ? 323 HOH A O   1 
HETATM 1676 O O   . HOH C 2 .   ? -2.039  20.404  9.844   1.00 36.07 ? 324 HOH A O   1 
HETATM 1677 O O   . HOH C 2 .   ? 7.066   14.615  4.979   1.00 36.74 ? 325 HOH A O   1 
HETATM 1678 O O   . HOH C 2 .   ? -7.590  22.614  8.406   1.00 39.24 ? 326 HOH A O   1 
HETATM 1679 O O   . HOH C 2 .   ? 5.359   15.121  -3.838  1.00 25.40 ? 327 HOH A O   1 
HETATM 1680 O O   . HOH C 2 .   ? -22.773 8.273   -4.673  1.00 39.96 ? 328 HOH A O   1 
HETATM 1681 O O   . HOH C 2 .   ? -25.308 15.176  2.617   1.00 33.97 ? 329 HOH A O   1 
HETATM 1682 O O   . HOH C 2 .   ? -14.024 0.264   -3.665  1.00 39.04 ? 330 HOH A O   1 
HETATM 1683 O O   . HOH C 2 .   ? 0.953   7.896   -14.662 1.00 33.98 ? 331 HOH A O   1 
HETATM 1684 O O   . HOH C 2 .   ? 2.438   21.276  8.830   1.00 32.98 ? 332 HOH A O   1 
HETATM 1685 O O   . HOH C 2 .   ? 3.705   17.305  -6.621  1.00 35.44 ? 333 HOH A O   1 
HETATM 1686 O O   . HOH C 2 .   ? -4.340  -1.186  5.128   1.00 39.68 ? 334 HOH A O   1 
HETATM 1687 O O   . HOH C 2 .   ? 5.523   14.898  7.445   1.00 37.58 ? 335 HOH A O   1 
HETATM 1688 O O   . HOH C 2 .   ? -4.526  23.436  -6.939  1.00 32.65 ? 336 HOH A O   1 
HETATM 1689 O O   . HOH C 2 .   ? 0.775   25.854  0.097   1.00 47.45 ? 337 HOH A O   1 
HETATM 1690 O O   . HOH C 2 .   ? -0.292  24.225  6.329   1.00 32.16 ? 338 HOH A O   1 
HETATM 1691 O O   . HOH C 2 .   ? -18.457 9.977   -12.173 1.00 32.39 ? 339 HOH A O   1 
HETATM 1692 O O   . HOH C 2 .   ? -11.222 22.124  -2.289  1.00 33.62 ? 340 HOH A O   1 
HETATM 1693 O O   . HOH C 2 .   ? -2.695  1.245   -4.819  1.00 38.28 ? 341 HOH A O   1 
HETATM 1694 O O   . HOH C 2 .   ? 3.137   6.377   -13.553 1.00 32.66 ? 342 HOH A O   1 
HETATM 1695 O O   . HOH C 2 .   ? 3.266   8.800   7.213   1.00 40.16 ? 343 HOH A O   1 
HETATM 1696 O O   . HOH C 2 .   ? -0.968  27.880  0.782   1.00 38.39 ? 344 HOH A O   1 
HETATM 1697 O O   . HOH C 2 .   ? 1.179   3.385   -10.542 1.00 34.54 ? 345 HOH A O   1 
HETATM 1698 O O   . HOH C 2 .   ? -11.282 23.610  -4.748  1.00 37.80 ? 346 HOH A O   1 
HETATM 1699 O O   . HOH C 2 .   ? 2.352   21.253  11.902  1.00 33.52 ? 347 HOH A O   1 
HETATM 1700 O O   . HOH C 2 .   ? -7.514  -0.076  -7.486  1.00 33.08 ? 348 HOH A O   1 
HETATM 1701 O O   . HOH C 2 .   ? -4.054  25.338  -5.137  1.00 39.63 ? 349 HOH A O   1 
HETATM 1702 O O   . HOH C 2 .   ? -22.745 7.220   -15.826 1.00 39.36 ? 350 HOH A O   1 
HETATM 1703 O O   . HOH C 2 .   ? 1.570   8.321   -17.227 1.00 31.13 ? 351 HOH A O   1 
HETATM 1704 O O   . HOH C 2 .   ? 4.054   14.890  -5.930  1.00 33.10 ? 352 HOH A O   1 
HETATM 1705 O O   . HOH C 2 .   ? -6.460  0.289   -9.241  1.00 40.31 ? 353 HOH A O   1 
HETATM 1706 O O   . HOH C 2 .   ? -4.477  2.791   8.912   1.00 38.52 ? 354 HOH A O   1 
HETATM 1707 O O   . HOH C 2 .   ? -0.741  23.671  -7.927  1.00 37.90 ? 355 HOH A O   1 
HETATM 1708 O O   . HOH C 2 .   ? -1.306  24.985  -4.442  1.00 36.86 ? 356 HOH A O   1 
HETATM 1709 O O   . HOH C 2 .   ? 5.658   3.421   6.040   1.00 47.04 ? 357 HOH A O   1 
HETATM 1710 O O   . HOH C 2 .   ? 2.886   13.360  -6.907  1.00 40.30 ? 358 HOH A O   1 
HETATM 1711 O O   . HOH C 2 .   ? -22.771 18.512  -3.152  1.00 32.70 ? 359 HOH A O   1 
HETATM 1712 O O   . HOH C 2 .   ? 7.195   23.000  -9.865  1.00 51.39 ? 360 HOH A O   1 
HETATM 1713 O O   . HOH C 2 .   ? -23.179 12.663  -5.578  1.00 46.15 ? 361 HOH A O   1 
HETATM 1714 O O   . HOH C 2 .   ? -12.553 -1.460  -1.940  1.00 45.56 ? 362 HOH A O   1 
HETATM 1715 O O   . HOH C 2 .   ? 8.361   20.969  -9.637  1.00 48.92 ? 363 HOH A O   1 
HETATM 1716 O O   . HOH C 2 .   ? 2.869   16.486  11.852  1.00 30.43 ? 364 HOH A O   1 
HETATM 1717 O O   . HOH C 2 .   ? -21.240 14.638  1.661   1.00 35.60 ? 365 HOH A O   1 
HETATM 1718 O O   . HOH C 2 .   ? -5.559  23.605  7.620   1.00 42.82 ? 366 HOH A O   1 
HETATM 1719 O O   . HOH C 2 .   ? -12.154 7.973   12.030  1.00 42.85 ? 367 HOH A O   1 
HETATM 1720 O O   . HOH C 2 .   ? -24.578 14.112  -5.756  1.00 51.57 ? 368 HOH A O   1 
HETATM 1721 O O   . HOH C 2 .   ? -18.962 10.708  5.927   1.00 34.50 ? 369 HOH A O   1 
HETATM 1722 O O   . HOH C 2 .   ? -3.218  24.121  7.631   1.00 49.03 ? 370 HOH A O   1 
HETATM 1723 O O   . HOH C 2 .   ? 10.850  21.768  -8.577  1.00 55.00 ? 371 HOH A O   1 
HETATM 1724 O O   . HOH C 2 .   ? -0.048  4.845   -17.238 1.00 37.39 ? 372 HOH A O   1 
HETATM 1725 O O   . HOH C 2 .   ? -14.104 6.393   -19.684 1.00 38.23 ? 373 HOH A O   1 
HETATM 1726 O O   . HOH D 2 .   ? 14.777  -14.625 1.080   1.00 24.62 ? 301 HOH B O   1 
HETATM 1727 O O   . HOH D 2 .   ? 15.600  -17.279 -7.089  1.00 31.18 ? 302 HOH B O   1 
HETATM 1728 O O   . HOH D 2 .   ? 10.925  -19.766 -12.002 1.00 40.16 ? 303 HOH B O   1 
HETATM 1729 O O   . HOH D 2 .   ? 17.495  -28.167 6.379   1.00 29.63 ? 304 HOH B O   1 
HETATM 1730 O O   . HOH D 2 .   ? -1.751  -5.132  -2.101  1.00 29.28 ? 305 HOH B O   1 
HETATM 1731 O O   . HOH D 2 .   ? 9.231   -25.104 1.609   1.00 27.26 ? 306 HOH B O   1 
HETATM 1732 O O   . HOH D 2 .   ? 5.856   1.700   -4.050  1.00 34.95 ? 307 HOH B O   1 
HETATM 1733 O O   . HOH D 2 .   ? 2.631   -22.994 5.142   1.00 34.24 ? 308 HOH B O   1 
HETATM 1734 O O   . HOH D 2 .   ? 19.115  -14.607 9.485   1.00 33.08 ? 309 HOH B O   1 
HETATM 1735 O O   . HOH D 2 .   ? 20.182  -6.211  5.650   1.00 41.24 ? 310 HOH B O   1 
HETATM 1736 O O   . HOH D 2 .   ? 3.952   -19.897 -3.103  1.00 36.73 ? 311 HOH B O   1 
HETATM 1737 O O   . HOH D 2 .   ? 3.982   -19.696 -5.501  1.00 37.80 ? 312 HOH B O   1 
HETATM 1738 O O   . HOH D 2 .   ? 9.087   -3.054  3.946   1.00 33.66 ? 313 HOH B O   1 
HETATM 1739 O O   . HOH D 2 .   ? 10.552  -5.446  4.725   1.00 26.21 ? 314 HOH B O   1 
HETATM 1740 O O   . HOH D 2 .   ? -4.188  -0.385  -2.114  1.00 43.99 ? 315 HOH B O   1 
HETATM 1741 O O   . HOH D 2 .   ? 15.608  -27.841 4.040   1.00 33.93 ? 316 HOH B O   1 
HETATM 1742 O O   . HOH D 2 .   ? 4.092   -21.590 7.425   1.00 42.01 ? 317 HOH B O   1 
HETATM 1743 O O   . HOH D 2 .   ? 13.115  -6.378  -9.926  1.00 35.95 ? 318 HOH B O   1 
HETATM 1744 O O   . HOH D 2 .   ? 3.146   -15.213 19.271  1.00 55.16 ? 319 HOH B O   1 
HETATM 1745 O O   . HOH D 2 .   ? 1.406   -14.291 18.706  1.00 50.13 ? 320 HOH B O   1 
HETATM 1746 O O   . HOH D 2 .   ? 8.604   -24.397 12.277  1.00 39.45 ? 321 HOH B O   1 
HETATM 1747 O O   . HOH D 2 .   ? 16.191  -9.455  -5.177  1.00 37.83 ? 322 HOH B O   1 
HETATM 1748 O O   . HOH D 2 .   ? -6.578  -1.711  -6.324  1.00 45.12 ? 323 HOH B O   1 
HETATM 1749 O O   . HOH D 2 .   ? 3.549   -15.369 -13.151 1.00 49.33 ? 324 HOH B O   1 
# 
